data_5TF0
#
_entry.id   5TF0
#
_cell.length_a   80.570
_cell.length_b   88.447
_cell.length_c   107.282
_cell.angle_alpha   90.00
_cell.angle_beta   97.89
_cell.angle_gamma   90.00
#
_symmetry.space_group_name_H-M   'P 1 21 1'
#
loop_
_entity.id
_entity.type
_entity.pdbx_description
1 polymer 'Glycosyl hydrolase family 3 N-terminal domain protein'
2 non-polymer 'MAGNESIUM ION'
3 non-polymer 1,2-ETHANEDIOL
4 water water
#
_entity_poly.entity_id   1
_entity_poly.type   'polypeptide(L)'
_entity_poly.pdbx_seq_one_letter_code
;SNAKSPQD(MSE)DRFIDAL(MSE)KK(MSE)TVEEKIGQLNLPVSGEIVTGQAQNSDVAKKIEQGLVGGLLNLKGVEKI
RDVQKLAIEKSRLGIPLIFG(MSE)DVVHGYETIFPIPLGLSCSWD(MSE)EAIRKSARVAAIEASADGISWTFSP
(MSE)VDISRDPRWGRVSEGNGEDPFLGGAIAKA(MSE)VSGYQGIDLNNQLKRNDEI(MSE)ACVKHFALYGAGEAGRD
YNTVD(MSE)SRNR(MSE)FNEY(MSE)YPYQAAVDAGVGSV(MSE)ASFNEIDGIPATANKWL(MSE)TDVLRKQWGFD
GFVVTDFTGISE(MSE)IAHGIGDLQTVSARALNAGVD(MSE)D(MSE)VSEGFTGTIKKSIDEGKIS(MSE)ETLDKAC
RRILEAKYKLGLFDNPYKYCDLKRPKRDIFTKEHRDAARKIAGESFVLLKNDKSGSSANPTLPLKKEGTVAVIGPLANTR
SN(MSE)PGTWSVAARLNDYPSVYEGLKE(MSE)(MSE)KGKVNITYAKGSNLISDAAYEERAT(MSE)FGRSLNRDNRT
DKE(MSE)LDEALKVAANADVIIAALGESSE(MSE)SGESSSRTNLALPDVQRTLLEALLKTGKPVVLTLFTGRPLTLTW
EQEHVPAILNVWFGGSEAAYAIGDVLFGDVNPSGKLT(MSE)TFPKNVGQIPLFYNHKNTGRPLLEGKWFEKFRSNYLDV
DNDPLYPFGYGLSYTNFQYSDITLSAPT(MSE)GQDGSVTA(MSE)VTVTNTGKYDGAEVVQLYIRDLVGSITRPVKELK
GFDKIFLKAGESKTVSFKITPELLRFYDYELNYVAEPGDFDI(MSE)IGGNSQSVKTTHLSLK
;
_entity_poly.pdbx_strand_id   A,B
#
loop_
_chem_comp.id
_chem_comp.type
_chem_comp.name
_chem_comp.formula
EDO non-polymer 1,2-ETHANEDIOL 'C2 H6 O2'
MG non-polymer 'MAGNESIUM ION' 'Mg 2'
#
# COMPACT_ATOMS: atom_id res chain seq x y z
N GLN A 7 21.85 -18.43 -39.73
CA GLN A 7 22.23 -19.30 -40.83
C GLN A 7 21.11 -19.32 -41.89
N ASP A 8 20.16 -20.25 -41.76
CA ASP A 8 19.05 -20.32 -42.71
C ASP A 8 18.11 -19.13 -42.53
N MSE A 9 17.59 -18.98 -41.31
CA MSE A 9 16.70 -17.89 -40.97
C MSE A 9 17.32 -16.54 -41.26
O MSE A 9 16.69 -15.70 -41.89
CB MSE A 9 16.33 -17.97 -39.49
CG MSE A 9 15.39 -16.87 -39.04
SE MSE A 9 14.92 -17.06 -37.17
CE MSE A 9 16.46 -16.20 -36.36
N ASP A 10 18.56 -16.36 -40.81
CA ASP A 10 19.24 -15.08 -40.98
C ASP A 10 19.34 -14.71 -42.46
N ARG A 11 19.81 -15.65 -43.29
CA ARG A 11 19.94 -15.38 -44.71
C ARG A 11 18.59 -15.12 -45.37
N PHE A 12 17.54 -15.80 -44.89
CA PHE A 12 16.22 -15.63 -45.50
C PHE A 12 15.62 -14.28 -45.12
N ILE A 13 15.80 -13.86 -43.88
CA ILE A 13 15.29 -12.56 -43.47
C ILE A 13 16.14 -11.44 -44.05
N ASP A 14 17.46 -11.67 -44.15
CA ASP A 14 18.34 -10.72 -44.84
C ASP A 14 17.80 -10.35 -46.21
N ALA A 15 17.49 -11.35 -47.04
CA ALA A 15 17.05 -11.07 -48.40
C ALA A 15 15.69 -10.40 -48.41
N LEU A 16 14.76 -10.88 -47.57
CA LEU A 16 13.45 -10.26 -47.48
C LEU A 16 13.58 -8.78 -47.14
N MSE A 17 14.33 -8.48 -46.09
CA MSE A 17 14.49 -7.10 -45.62
C MSE A 17 15.21 -6.25 -46.66
O MSE A 17 15.06 -5.02 -46.68
CB MSE A 17 15.25 -7.07 -44.29
CG MSE A 17 14.52 -7.80 -43.18
SE MSE A 17 15.03 -7.33 -41.36
CE MSE A 17 16.92 -7.71 -41.51
N LYS A 18 15.98 -6.89 -47.54
CA LYS A 18 16.63 -6.14 -48.61
C LYS A 18 15.61 -5.64 -49.63
N LYS A 19 14.47 -6.31 -49.73
CA LYS A 19 13.41 -5.96 -50.66
C LYS A 19 12.40 -4.98 -50.08
N MSE A 20 12.56 -4.58 -48.82
CA MSE A 20 11.56 -3.82 -48.09
C MSE A 20 11.87 -2.34 -48.03
O MSE A 20 12.99 -1.93 -47.73
CB MSE A 20 11.43 -4.39 -46.66
CG MSE A 20 11.02 -5.84 -46.60
SE MSE A 20 10.87 -6.50 -44.79
CE MSE A 20 9.38 -5.43 -44.12
N THR A 21 10.85 -1.52 -48.32
CA THR A 21 10.95 -0.09 -48.08
C THR A 21 10.88 0.20 -46.58
N VAL A 22 11.27 1.43 -46.21
CA VAL A 22 11.19 1.85 -44.81
C VAL A 22 9.75 1.80 -44.32
N GLU A 23 8.80 2.14 -45.22
CA GLU A 23 7.39 2.09 -44.86
C GLU A 23 6.93 0.66 -44.61
N GLU A 24 7.38 -0.29 -45.43
CA GLU A 24 7.01 -1.68 -45.21
C GLU A 24 7.61 -2.21 -43.89
N LYS A 25 8.84 -1.82 -43.55
CA LYS A 25 9.42 -2.23 -42.27
C LYS A 25 8.62 -1.69 -41.10
N ILE A 26 8.24 -0.41 -41.16
CA ILE A 26 7.38 0.18 -40.14
C ILE A 26 6.04 -0.56 -40.07
N GLY A 27 5.52 -0.96 -41.22
CA GLY A 27 4.24 -1.66 -41.23
C GLY A 27 4.28 -2.99 -40.51
N GLN A 28 5.41 -3.68 -40.54
CA GLN A 28 5.55 -4.91 -39.78
C GLN A 28 5.39 -4.68 -38.30
N LEU A 29 5.61 -3.45 -37.83
CA LEU A 29 5.48 -3.16 -36.42
C LEU A 29 4.05 -2.84 -36.02
N ASN A 30 3.10 -2.89 -36.94
CA ASN A 30 1.76 -2.38 -36.70
C ASN A 30 0.78 -3.53 -36.46
N LEU A 31 0.07 -3.43 -35.33
CA LEU A 31 -0.83 -4.51 -34.88
C LEU A 31 -2.17 -3.88 -34.53
N PRO A 32 -3.09 -3.80 -35.50
CA PRO A 32 -4.43 -3.31 -35.19
C PRO A 32 -5.44 -4.42 -34.93
N VAL A 33 -6.68 -4.04 -34.57
CA VAL A 33 -7.79 -4.98 -34.56
C VAL A 33 -8.30 -5.16 -35.99
N SER A 34 -9.00 -6.27 -36.23
CA SER A 34 -9.45 -6.58 -37.59
C SER A 34 -10.67 -5.75 -37.97
N GLY A 35 -11.54 -5.44 -37.01
CA GLY A 35 -12.59 -4.44 -37.18
C GLY A 35 -13.44 -4.51 -38.43
N SER A 45 -13.66 -5.14 -44.66
CA SER A 45 -13.28 -4.39 -45.84
C SER A 45 -12.24 -3.34 -45.48
N ASP A 46 -12.36 -2.81 -44.26
CA ASP A 46 -11.49 -1.76 -43.73
C ASP A 46 -10.02 -2.18 -43.73
N VAL A 47 -9.70 -3.22 -42.95
CA VAL A 47 -8.31 -3.55 -42.66
C VAL A 47 -7.61 -4.02 -43.92
N ALA A 48 -8.33 -4.65 -44.85
CA ALA A 48 -7.70 -5.13 -46.08
C ALA A 48 -6.96 -4.02 -46.82
N LYS A 49 -7.46 -2.79 -46.76
CA LYS A 49 -6.77 -1.69 -47.42
C LYS A 49 -5.39 -1.44 -46.80
N LYS A 50 -5.29 -1.51 -45.47
CA LYS A 50 -3.99 -1.40 -44.85
C LYS A 50 -3.06 -2.53 -45.30
N ILE A 51 -3.57 -3.76 -45.31
CA ILE A 51 -2.77 -4.91 -45.69
C ILE A 51 -2.28 -4.77 -47.13
N GLU A 52 -3.17 -4.38 -48.05
CA GLU A 52 -2.76 -4.17 -49.44
C GLU A 52 -1.61 -3.15 -49.53
N GLN A 53 -1.71 -2.06 -48.77
CA GLN A 53 -0.64 -1.07 -48.71
C GLN A 53 0.59 -1.54 -47.93
N GLY A 54 0.51 -2.69 -47.25
CA GLY A 54 1.66 -3.23 -46.56
C GLY A 54 1.86 -2.73 -45.16
N LEU A 55 0.79 -2.38 -44.46
CA LEU A 55 0.86 -1.63 -43.21
C LEU A 55 0.43 -2.43 -41.98
N VAL A 56 0.25 -3.74 -42.09
CA VAL A 56 -0.23 -4.54 -40.97
C VAL A 56 0.77 -5.67 -40.71
N GLY A 57 1.38 -5.65 -39.54
CA GLY A 57 2.29 -6.72 -39.16
C GLY A 57 1.58 -7.93 -38.60
N GLY A 58 0.38 -7.74 -38.04
CA GLY A 58 -0.36 -8.82 -37.44
C GLY A 58 -1.74 -8.31 -37.06
N LEU A 59 -2.58 -9.24 -36.63
CA LEU A 59 -3.96 -8.93 -36.29
C LEU A 59 -4.33 -9.62 -35.00
N LEU A 60 -5.10 -8.92 -34.17
CA LEU A 60 -5.64 -9.49 -32.93
C LEU A 60 -7.16 -9.44 -32.98
N ASN A 61 -7.78 -10.38 -32.27
CA ASN A 61 -9.22 -10.44 -32.00
C ASN A 61 -10.09 -10.74 -33.22
N LEU A 62 -9.52 -11.24 -34.32
CA LEU A 62 -10.34 -11.85 -35.35
C LEU A 62 -10.57 -13.32 -35.00
N LYS A 63 -11.80 -13.78 -35.17
CA LYS A 63 -12.19 -15.12 -34.72
C LYS A 63 -12.83 -15.90 -35.87
N GLY A 64 -12.53 -17.21 -35.90
CA GLY A 64 -13.00 -18.12 -36.93
C GLY A 64 -11.91 -18.50 -37.93
N VAL A 65 -11.64 -19.80 -38.10
CA VAL A 65 -10.53 -20.21 -38.95
C VAL A 65 -10.76 -19.77 -40.39
N GLU A 66 -12.03 -19.76 -40.83
CA GLU A 66 -12.35 -19.41 -42.22
C GLU A 66 -12.11 -17.93 -42.52
N LYS A 67 -12.40 -17.04 -41.56
CA LYS A 67 -12.15 -15.62 -41.76
C LYS A 67 -10.66 -15.30 -41.70
N ILE A 68 -9.94 -15.97 -40.79
CA ILE A 68 -8.51 -15.77 -40.64
C ILE A 68 -7.76 -16.13 -41.92
N ARG A 69 -8.12 -17.27 -42.52
CA ARG A 69 -7.54 -17.65 -43.80
C ARG A 69 -7.80 -16.60 -44.88
N ASP A 70 -9.04 -16.09 -44.94
CA ASP A 70 -9.39 -15.11 -45.97
C ASP A 70 -8.60 -13.83 -45.80
N VAL A 71 -8.46 -13.37 -44.55
CA VAL A 71 -7.60 -12.23 -44.30
C VAL A 71 -6.16 -12.58 -44.67
N GLN A 72 -5.72 -13.80 -44.37
CA GLN A 72 -4.34 -14.17 -44.64
C GLN A 72 -4.08 -14.23 -46.14
N LYS A 73 -5.04 -14.74 -46.92
CA LYS A 73 -4.89 -14.76 -48.37
C LYS A 73 -4.66 -13.35 -48.92
N LEU A 74 -5.30 -12.35 -48.31
CA LEU A 74 -5.10 -10.96 -48.71
C LEU A 74 -3.65 -10.53 -48.53
N ALA A 75 -3.06 -10.84 -47.36
CA ALA A 75 -1.67 -10.49 -47.13
C ALA A 75 -0.74 -11.23 -48.09
N ILE A 76 -1.04 -12.50 -48.37
CA ILE A 76 -0.19 -13.30 -49.25
C ILE A 76 -0.29 -12.83 -50.71
N GLU A 77 -1.51 -12.56 -51.18
CA GLU A 77 -1.73 -12.32 -52.61
C GLU A 77 -1.85 -10.85 -53.00
N LYS A 78 -2.18 -9.94 -52.07
CA LYS A 78 -2.48 -8.57 -52.44
C LYS A 78 -1.55 -7.52 -51.84
N SER A 79 -0.74 -7.85 -50.83
CA SER A 79 0.36 -6.96 -50.50
C SER A 79 1.51 -7.22 -51.46
N ARG A 80 2.27 -6.16 -51.74
CA ARG A 80 3.40 -6.27 -52.67
C ARG A 80 4.31 -7.45 -52.32
N LEU A 81 4.66 -7.59 -51.03
CA LEU A 81 5.70 -8.52 -50.61
C LEU A 81 5.18 -9.84 -50.06
N GLY A 82 3.88 -9.98 -49.81
CA GLY A 82 3.35 -11.28 -49.41
C GLY A 82 3.85 -11.80 -48.06
N ILE A 83 4.16 -10.92 -47.13
CA ILE A 83 4.53 -11.34 -45.78
C ILE A 83 3.30 -11.82 -45.05
N PRO A 84 3.31 -13.00 -44.45
CA PRO A 84 2.15 -13.49 -43.70
C PRO A 84 1.92 -12.74 -42.41
N LEU A 85 0.69 -12.84 -41.89
CA LEU A 85 0.28 -12.18 -40.66
C LEU A 85 0.33 -13.12 -39.45
N ILE A 86 0.55 -12.51 -38.26
CA ILE A 86 0.31 -13.16 -36.97
C ILE A 86 -1.14 -12.91 -36.57
N PHE A 87 -1.76 -13.88 -35.89
CA PHE A 87 -3.16 -13.73 -35.47
C PHE A 87 -3.27 -13.98 -33.98
N GLY A 88 -3.52 -12.91 -33.22
CA GLY A 88 -3.47 -12.96 -31.79
C GLY A 88 -4.83 -13.05 -31.13
N MSE A 89 -4.84 -13.53 -29.89
CA MSE A 89 -6.03 -13.46 -29.04
C MSE A 89 -5.66 -13.73 -27.58
O MSE A 89 -4.61 -14.33 -27.30
CB MSE A 89 -7.10 -14.44 -29.54
CG MSE A 89 -8.45 -14.27 -28.87
SE MSE A 89 -9.80 -15.52 -29.48
CE MSE A 89 -9.96 -15.02 -31.36
N ASP A 90 -6.50 -13.28 -26.64
CA ASP A 90 -6.36 -13.60 -25.22
C ASP A 90 -6.90 -14.99 -24.95
N VAL A 91 -6.10 -16.00 -25.23
CA VAL A 91 -6.42 -17.37 -24.81
C VAL A 91 -5.78 -17.53 -23.44
N VAL A 92 -6.56 -17.24 -22.40
CA VAL A 92 -6.05 -17.06 -21.05
C VAL A 92 -6.17 -18.33 -20.23
N HIS A 93 -7.36 -18.97 -20.23
CA HIS A 93 -7.54 -20.25 -19.56
C HIS A 93 -8.45 -21.18 -20.36
N GLY A 94 -8.39 -21.07 -21.69
CA GLY A 94 -9.14 -21.93 -22.59
C GLY A 94 -9.68 -21.14 -23.77
N TYR A 95 -9.91 -21.85 -24.88
CA TYR A 95 -10.60 -21.26 -26.03
C TYR A 95 -12.10 -21.55 -25.89
N GLU A 96 -12.54 -22.75 -26.28
CA GLU A 96 -13.90 -23.18 -26.00
C GLU A 96 -13.98 -24.10 -24.79
N THR A 97 -13.12 -25.12 -24.69
CA THR A 97 -12.95 -25.80 -23.41
C THR A 97 -12.32 -24.81 -22.45
N ILE A 98 -13.02 -24.48 -21.36
CA ILE A 98 -12.60 -23.42 -20.44
C ILE A 98 -12.12 -24.06 -19.16
N PHE A 99 -10.86 -23.83 -18.82
CA PHE A 99 -10.28 -24.27 -17.57
C PHE A 99 -10.59 -23.26 -16.48
N PRO A 100 -10.28 -23.55 -15.22
CA PRO A 100 -10.39 -22.50 -14.18
C PRO A 100 -9.56 -21.28 -14.56
N ILE A 101 -10.01 -20.13 -14.06
CA ILE A 101 -9.27 -18.88 -14.15
C ILE A 101 -7.86 -19.16 -13.63
N PRO A 102 -6.82 -18.56 -14.20
CA PRO A 102 -5.45 -18.89 -13.80
C PRO A 102 -5.22 -18.91 -12.30
N LEU A 103 -5.87 -18.03 -11.55
CA LEU A 103 -5.59 -17.97 -10.12
C LEU A 103 -6.05 -19.23 -9.42
N GLY A 104 -7.22 -19.75 -9.82
CA GLY A 104 -7.66 -21.04 -9.34
C GLY A 104 -6.78 -22.17 -9.80
N LEU A 105 -6.38 -22.13 -11.08
CA LEU A 105 -5.51 -23.16 -11.63
C LEU A 105 -4.22 -23.27 -10.83
N SER A 106 -3.65 -22.14 -10.41
CA SER A 106 -2.41 -22.16 -9.65
C SER A 106 -2.57 -22.94 -8.34
N CYS A 107 -3.77 -22.97 -7.76
CA CYS A 107 -4.00 -23.68 -6.51
C CYS A 107 -3.95 -25.19 -6.68
N SER A 108 -3.91 -25.70 -7.91
CA SER A 108 -3.66 -27.13 -8.07
C SER A 108 -2.23 -27.51 -7.70
N TRP A 109 -1.29 -26.57 -7.77
CA TRP A 109 0.15 -26.83 -7.59
C TRP A 109 0.64 -27.98 -8.47
N ASP A 110 -0.05 -28.24 -9.59
CA ASP A 110 0.16 -29.42 -10.44
C ASP A 110 0.74 -28.95 -11.77
N MSE A 111 2.06 -28.90 -11.85
CA MSE A 111 2.71 -28.30 -13.03
C MSE A 111 2.42 -29.08 -14.32
O MSE A 111 2.34 -28.49 -15.39
CB MSE A 111 4.22 -28.17 -12.82
CG MSE A 111 4.61 -27.23 -11.68
SE MSE A 111 3.87 -25.44 -11.85
CE MSE A 111 2.51 -25.55 -10.45
N GLU A 112 2.26 -30.41 -14.23
CA GLU A 112 1.96 -31.16 -15.45
C GLU A 112 0.52 -30.92 -15.89
N ALA A 113 -0.42 -30.86 -14.94
CA ALA A 113 -1.80 -30.53 -15.33
C ALA A 113 -1.91 -29.12 -15.91
N ILE A 114 -1.10 -28.19 -15.39
CA ILE A 114 -1.16 -26.82 -15.89
C ILE A 114 -0.59 -26.75 -17.29
N ARG A 115 0.54 -27.43 -17.53
CA ARG A 115 1.06 -27.51 -18.89
C ARG A 115 0.04 -28.15 -19.83
N LYS A 116 -0.66 -29.17 -19.37
CA LYS A 116 -1.62 -29.81 -20.27
C LYS A 116 -2.83 -28.91 -20.54
N SER A 117 -3.17 -28.01 -19.62
CA SER A 117 -4.27 -27.09 -19.91
C SER A 117 -3.87 -26.08 -20.98
N ALA A 118 -2.60 -25.70 -21.01
CA ALA A 118 -2.13 -24.79 -22.05
C ALA A 118 -2.03 -25.51 -23.39
N ARG A 119 -1.54 -26.75 -23.39
N ARG A 119 -1.51 -26.74 -23.37
CA ARG A 119 -1.46 -27.50 -24.65
CA ARG A 119 -1.44 -27.60 -24.55
C ARG A 119 -2.84 -27.74 -25.25
C ARG A 119 -2.82 -27.74 -25.23
N VAL A 120 -3.87 -27.89 -24.42
CA VAL A 120 -5.23 -28.04 -24.94
C VAL A 120 -5.74 -26.72 -25.52
N ALA A 121 -5.48 -25.61 -24.83
CA ALA A 121 -5.90 -24.31 -25.33
C ALA A 121 -5.19 -23.98 -26.64
N ALA A 122 -3.90 -24.30 -26.72
CA ALA A 122 -3.17 -24.14 -27.97
C ALA A 122 -3.79 -24.97 -29.08
N ILE A 123 -4.24 -26.19 -28.76
CA ILE A 123 -4.77 -27.08 -29.79
C ILE A 123 -6.12 -26.57 -30.28
N GLU A 124 -6.92 -26.01 -29.38
CA GLU A 124 -8.23 -25.51 -29.76
C GLU A 124 -8.13 -24.20 -30.55
N ALA A 125 -7.32 -23.26 -30.06
CA ALA A 125 -7.17 -21.98 -30.74
C ALA A 125 -6.41 -22.13 -32.06
N SER A 126 -5.48 -23.07 -32.15
CA SER A 126 -4.79 -23.28 -33.42
C SER A 126 -5.74 -23.88 -34.46
N ALA A 127 -6.62 -24.78 -34.03
CA ALA A 127 -7.68 -25.29 -34.89
C ALA A 127 -8.52 -24.16 -35.49
N ASP A 128 -8.61 -23.03 -34.79
CA ASP A 128 -9.43 -21.91 -35.28
C ASP A 128 -8.58 -20.75 -35.81
N GLY A 129 -7.34 -21.03 -36.21
CA GLY A 129 -6.53 -20.09 -36.96
C GLY A 129 -5.68 -19.14 -36.15
N ILE A 130 -5.69 -19.26 -34.82
CA ILE A 130 -4.91 -18.39 -33.95
C ILE A 130 -3.52 -19.00 -33.78
N SER A 131 -2.49 -18.18 -33.97
CA SER A 131 -1.11 -18.62 -33.85
C SER A 131 -0.35 -17.95 -32.70
N TRP A 132 -1.01 -17.10 -31.93
CA TRP A 132 -0.33 -16.22 -30.98
C TRP A 132 -1.31 -15.86 -29.87
N THR A 133 -0.97 -16.19 -28.61
CA THR A 133 -1.86 -15.89 -27.50
C THR A 133 -1.21 -14.93 -26.52
N PHE A 134 -2.01 -14.00 -26.01
CA PHE A 134 -1.58 -13.04 -25.01
C PHE A 134 -1.74 -13.68 -23.65
N SER A 135 -0.73 -14.43 -23.26
CA SER A 135 -0.76 -15.38 -22.16
C SER A 135 0.57 -16.11 -22.18
N PRO A 136 1.13 -16.51 -21.01
CA PRO A 136 0.53 -16.46 -19.67
C PRO A 136 0.71 -15.12 -18.97
N MSE A 137 -0.22 -14.77 -18.07
CA MSE A 137 -0.06 -13.59 -17.22
C MSE A 137 0.65 -13.99 -15.91
O MSE A 137 0.24 -14.91 -15.22
CB MSE A 137 -1.44 -12.96 -16.94
CG MSE A 137 -1.42 -11.61 -16.25
SE MSE A 137 -1.43 -11.76 -14.32
CE MSE A 137 -2.14 -9.98 -13.90
N VAL A 138 1.74 -13.29 -15.57
CA VAL A 138 2.59 -13.77 -14.49
C VAL A 138 2.87 -12.67 -13.49
N ASP A 139 2.04 -11.63 -13.47
CA ASP A 139 2.29 -10.55 -12.51
C ASP A 139 2.12 -11.08 -11.09
N ILE A 140 3.14 -10.86 -10.26
CA ILE A 140 3.00 -11.09 -8.84
C ILE A 140 2.09 -10.02 -8.25
N SER A 141 1.16 -10.42 -7.38
N SER A 141 1.22 -10.44 -7.32
CA SER A 141 0.35 -9.42 -6.72
CA SER A 141 0.23 -9.55 -6.73
C SER A 141 0.14 -9.83 -5.27
C SER A 141 0.12 -9.86 -5.24
N ARG A 142 0.22 -8.82 -4.40
CA ARG A 142 0.01 -8.93 -2.97
C ARG A 142 -1.24 -8.16 -2.52
N ASP A 143 -2.02 -7.63 -3.47
CA ASP A 143 -3.14 -6.74 -3.20
C ASP A 143 -4.39 -7.36 -3.80
N PRO A 144 -5.23 -8.06 -3.02
CA PRO A 144 -6.44 -8.65 -3.59
C PRO A 144 -7.48 -7.64 -4.11
N ARG A 145 -7.28 -6.33 -3.91
CA ARG A 145 -8.17 -5.32 -4.48
C ARG A 145 -8.13 -5.31 -6.00
N TRP A 146 -6.97 -5.62 -6.58
CA TRP A 146 -6.79 -5.69 -8.03
C TRP A 146 -7.52 -6.89 -8.62
N GLY A 147 -8.49 -6.61 -9.50
CA GLY A 147 -9.23 -7.70 -10.11
C GLY A 147 -8.41 -8.63 -10.99
N ARG A 148 -7.27 -8.17 -11.51
CA ARG A 148 -6.52 -9.01 -12.43
C ARG A 148 -5.69 -10.07 -11.72
N VAL A 149 -5.75 -10.15 -10.39
CA VAL A 149 -5.11 -11.25 -9.68
C VAL A 149 -5.67 -12.59 -10.16
N SER A 150 -6.89 -12.58 -10.70
CA SER A 150 -7.47 -13.79 -11.23
C SER A 150 -6.69 -14.33 -12.43
N GLU A 151 -6.03 -13.45 -13.18
CA GLU A 151 -5.27 -13.84 -14.35
C GLU A 151 -3.89 -14.39 -14.02
N GLY A 152 -3.51 -14.41 -12.75
CA GLY A 152 -2.14 -14.68 -12.41
C GLY A 152 -1.98 -15.93 -11.56
N ASN A 153 -0.89 -15.99 -10.80
CA ASN A 153 -0.48 -17.21 -10.13
C ASN A 153 -0.29 -17.02 -8.63
N GLY A 154 -0.71 -15.91 -8.07
CA GLY A 154 -0.54 -15.67 -6.66
C GLY A 154 0.62 -14.74 -6.36
N GLU A 155 0.99 -14.72 -5.07
CA GLU A 155 1.94 -13.75 -4.55
C GLU A 155 3.38 -14.21 -4.61
N ASP A 156 3.64 -15.45 -5.05
CA ASP A 156 5.00 -15.96 -4.83
C ASP A 156 5.77 -16.11 -6.13
N PRO A 157 7.01 -15.62 -6.18
CA PRO A 157 7.76 -15.68 -7.44
C PRO A 157 8.34 -17.06 -7.76
N PHE A 158 8.44 -17.98 -6.81
CA PHE A 158 8.96 -19.29 -7.19
C PHE A 158 7.87 -20.10 -7.90
N LEU A 159 6.73 -20.28 -7.23
CA LEU A 159 5.58 -20.91 -7.87
C LEU A 159 5.18 -20.16 -9.14
N GLY A 160 5.16 -18.83 -9.09
CA GLY A 160 4.91 -18.07 -10.31
C GLY A 160 5.83 -18.46 -11.46
N GLY A 161 7.12 -18.65 -11.16
CA GLY A 161 8.07 -19.00 -12.20
C GLY A 161 7.82 -20.38 -12.79
N ALA A 162 7.56 -21.37 -11.94
CA ALA A 162 7.26 -22.71 -12.46
C ALA A 162 6.02 -22.71 -13.35
N ILE A 163 4.99 -21.95 -12.97
CA ILE A 163 3.75 -21.94 -13.75
C ILE A 163 3.96 -21.22 -15.07
N ALA A 164 4.63 -20.07 -15.04
CA ALA A 164 5.04 -19.42 -16.29
C ALA A 164 5.73 -20.42 -17.20
N LYS A 165 6.59 -21.27 -16.63
CA LYS A 165 7.29 -22.31 -17.39
C LYS A 165 6.32 -23.34 -17.96
N ALA A 166 5.34 -23.77 -17.16
CA ALA A 166 4.39 -24.78 -17.62
C ALA A 166 3.52 -24.22 -18.75
N MSE A 167 3.14 -22.96 -18.67
CA MSE A 167 2.22 -22.40 -19.65
C MSE A 167 2.93 -22.18 -20.99
O MSE A 167 2.41 -22.58 -22.03
CB MSE A 167 1.62 -21.10 -19.14
CG MSE A 167 0.83 -21.26 -17.84
SE MSE A 167 -0.89 -22.09 -18.16
CE MSE A 167 -1.73 -20.54 -19.06
N VAL A 168 4.10 -21.55 -20.96
CA VAL A 168 4.85 -21.33 -22.20
C VAL A 168 5.27 -22.66 -22.84
N SER A 169 5.69 -23.64 -22.02
CA SER A 169 6.04 -24.94 -22.60
C SER A 169 4.81 -25.67 -23.11
N GLY A 170 3.66 -25.51 -22.44
CA GLY A 170 2.43 -26.10 -22.95
C GLY A 170 1.99 -25.48 -24.26
N TYR A 171 2.09 -24.15 -24.36
CA TYR A 171 1.68 -23.46 -25.59
C TYR A 171 2.63 -23.76 -26.74
N GLN A 172 3.94 -23.68 -26.49
CA GLN A 172 4.94 -23.62 -27.55
C GLN A 172 5.64 -24.94 -27.82
N GLY A 173 5.62 -25.86 -26.86
CA GLY A 173 6.40 -27.08 -26.95
C GLY A 173 7.40 -27.12 -25.82
N ILE A 174 7.83 -28.33 -25.47
CA ILE A 174 8.63 -28.54 -24.27
C ILE A 174 10.12 -28.33 -24.56
N ASP A 175 10.57 -28.67 -25.76
CA ASP A 175 11.99 -28.62 -26.11
C ASP A 175 12.32 -27.23 -26.65
N LEU A 176 13.21 -26.53 -25.94
CA LEU A 176 13.58 -25.17 -26.31
C LEU A 176 14.03 -25.07 -27.75
N ASN A 177 14.76 -26.07 -28.23
CA ASN A 177 15.28 -26.04 -29.58
C ASN A 177 14.33 -26.68 -30.60
N ASN A 178 13.09 -26.99 -30.20
CA ASN A 178 12.12 -27.57 -31.13
C ASN A 178 10.71 -27.18 -30.71
N GLN A 179 10.48 -25.88 -30.59
CA GLN A 179 9.17 -25.29 -30.35
C GLN A 179 8.56 -24.74 -31.63
N LEU A 180 7.25 -24.54 -31.60
CA LEU A 180 6.47 -23.85 -32.62
C LEU A 180 6.44 -24.58 -33.97
N LYS A 181 6.91 -25.82 -34.02
CA LYS A 181 7.04 -26.53 -35.28
C LYS A 181 5.85 -27.44 -35.60
N ARG A 182 4.89 -27.57 -34.69
CA ARG A 182 3.64 -28.27 -34.95
C ARG A 182 2.53 -27.26 -35.22
N ASN A 183 1.51 -27.68 -35.95
CA ASN A 183 0.37 -26.81 -36.22
C ASN A 183 -0.59 -26.72 -35.04
N ASP A 184 -0.26 -27.31 -33.89
CA ASP A 184 -1.02 -27.14 -32.66
C ASP A 184 -0.18 -26.51 -31.55
N GLU A 185 0.96 -25.94 -31.92
CA GLU A 185 1.81 -25.16 -31.02
C GLU A 185 1.77 -23.71 -31.50
N ILE A 186 1.51 -22.80 -30.57
CA ILE A 186 1.31 -21.40 -30.90
C ILE A 186 2.28 -20.56 -30.08
N MSE A 187 2.51 -19.34 -30.55
CA MSE A 187 3.39 -18.45 -29.80
C MSE A 187 2.69 -17.91 -28.57
O MSE A 187 1.56 -17.42 -28.64
CB MSE A 187 3.88 -17.29 -30.67
CG MSE A 187 4.83 -16.37 -29.94
SE MSE A 187 5.89 -15.27 -31.14
CE MSE A 187 6.88 -16.62 -32.11
N ALA A 188 3.36 -18.02 -27.43
CA ALA A 188 2.91 -17.45 -26.17
C ALA A 188 3.44 -16.03 -26.00
N CYS A 189 2.74 -15.24 -25.20
CA CYS A 189 3.13 -13.85 -24.91
C CYS A 189 3.04 -13.62 -23.42
N VAL A 190 4.18 -13.46 -22.77
CA VAL A 190 4.20 -13.27 -21.32
C VAL A 190 3.86 -11.81 -21.04
N LYS A 191 3.06 -11.59 -20.00
CA LYS A 191 2.60 -10.25 -19.64
C LYS A 191 2.43 -10.21 -18.12
N HIS A 192 2.49 -9.03 -17.52
CA HIS A 192 2.61 -7.72 -18.14
C HIS A 192 3.89 -7.06 -17.68
N PHE A 193 4.97 -7.24 -18.43
CA PHE A 193 6.27 -6.67 -18.09
C PHE A 193 6.18 -5.15 -17.95
N ALA A 194 6.25 -4.60 -16.73
CA ALA A 194 6.47 -5.32 -15.46
C ALA A 194 5.79 -4.62 -14.23
N LEU A 195 5.69 -5.38 -13.13
CA LEU A 195 5.21 -4.92 -11.82
C LEU A 195 3.76 -4.43 -11.86
N TYR A 196 3.02 -4.80 -12.90
CA TYR A 196 1.63 -4.35 -13.05
C TYR A 196 0.76 -4.73 -11.85
N GLY A 197 1.14 -5.76 -11.09
CA GLY A 197 0.40 -6.18 -9.91
C GLY A 197 0.54 -5.30 -8.69
N ALA A 198 1.42 -4.30 -8.72
CA ALA A 198 1.60 -3.41 -7.58
C ALA A 198 0.99 -2.03 -7.82
N GLY A 199 0.03 -1.94 -8.76
CA GLY A 199 -0.75 -0.74 -8.92
C GLY A 199 -1.20 -0.21 -7.58
N GLU A 200 -0.76 1.01 -7.26
CA GLU A 200 -0.99 1.57 -5.93
C GLU A 200 -2.48 1.60 -5.60
N ALA A 201 -2.82 1.09 -4.41
CA ALA A 201 -4.16 1.11 -3.82
C ALA A 201 -5.13 0.18 -4.55
N GLY A 202 -4.59 -0.80 -5.29
CA GLY A 202 -5.36 -1.85 -5.94
C GLY A 202 -6.12 -1.43 -7.17
N ARG A 203 -5.98 -0.18 -7.61
CA ARG A 203 -6.74 0.37 -8.73
C ARG A 203 -6.00 0.07 -10.02
N ASP A 204 -6.67 -0.63 -10.94
CA ASP A 204 -6.07 -0.99 -12.21
C ASP A 204 -5.49 0.25 -12.88
N TYR A 205 -4.30 0.10 -13.45
CA TYR A 205 -3.53 1.07 -14.23
C TYR A 205 -2.82 2.09 -13.34
N ASN A 206 -2.93 2.01 -12.02
CA ASN A 206 -2.43 3.07 -11.15
C ASN A 206 -0.90 3.00 -11.06
N THR A 207 -0.32 4.05 -10.45
CA THR A 207 1.12 4.16 -10.30
C THR A 207 1.70 2.93 -9.60
N VAL A 208 2.89 2.52 -10.06
CA VAL A 208 3.67 1.50 -9.39
C VAL A 208 4.98 2.14 -8.99
N ASP A 209 5.44 1.84 -7.77
CA ASP A 209 6.75 2.30 -7.36
C ASP A 209 7.36 1.35 -6.33
N MSE A 210 8.62 1.02 -6.55
CA MSE A 210 9.35 0.15 -5.65
C MSE A 210 10.84 0.23 -5.95
O MSE A 210 11.25 0.73 -7.01
CB MSE A 210 8.84 -1.30 -5.77
CG MSE A 210 9.01 -1.94 -7.14
SE MSE A 210 8.49 -3.82 -7.12
CE MSE A 210 6.59 -3.62 -6.73
N SER A 211 11.65 -0.26 -5.02
CA SER A 211 13.09 -0.24 -5.19
C SER A 211 13.52 -1.28 -6.20
N ARG A 212 14.75 -1.15 -6.68
CA ARG A 212 15.29 -2.15 -7.61
C ARG A 212 15.44 -3.50 -6.91
N ASN A 213 15.87 -3.49 -5.65
CA ASN A 213 16.06 -4.75 -4.93
C ASN A 213 14.74 -5.49 -4.79
N ARG A 214 13.68 -4.80 -4.36
CA ARG A 214 12.38 -5.46 -4.22
C ARG A 214 11.93 -6.06 -5.54
N MSE A 215 12.10 -5.32 -6.63
CA MSE A 215 11.76 -5.83 -7.97
C MSE A 215 12.34 -7.20 -8.21
O MSE A 215 11.62 -8.17 -8.44
CB MSE A 215 12.26 -4.90 -9.07
CG MSE A 215 11.57 -3.57 -9.19
SE MSE A 215 12.29 -2.55 -10.69
CE MSE A 215 11.55 -0.77 -10.23
N PHE A 216 13.68 -7.26 -8.16
CA PHE A 216 14.36 -8.51 -8.52
C PHE A 216 14.14 -9.60 -7.48
N ASN A 217 14.25 -9.27 -6.18
CA ASN A 217 14.10 -10.29 -5.15
C ASN A 217 12.66 -10.79 -4.99
N GLU A 218 11.68 -10.04 -5.50
CA GLU A 218 10.28 -10.33 -5.17
C GLU A 218 9.30 -10.24 -6.34
N TYR A 219 9.63 -9.59 -7.46
CA TYR A 219 8.59 -9.31 -8.46
C TYR A 219 8.95 -9.78 -9.86
N MSE A 220 10.24 -9.89 -10.17
CA MSE A 220 10.65 -10.01 -11.56
C MSE A 220 10.77 -11.46 -12.07
O MSE A 220 10.50 -11.73 -13.24
CB MSE A 220 11.97 -9.26 -11.79
CG MSE A 220 11.85 -7.73 -11.70
SE MSE A 220 10.98 -6.90 -13.27
CE MSE A 220 12.52 -6.86 -14.45
N TYR A 221 11.17 -12.38 -11.19
CA TYR A 221 11.50 -13.74 -11.64
C TYR A 221 10.49 -14.40 -12.58
N PRO A 222 9.16 -14.33 -12.36
CA PRO A 222 8.25 -15.06 -13.26
C PRO A 222 8.29 -14.61 -14.72
N TYR A 223 8.55 -13.32 -14.98
CA TYR A 223 8.88 -12.89 -16.34
C TYR A 223 10.14 -13.58 -16.83
N GLN A 224 11.18 -13.62 -16.00
CA GLN A 224 12.44 -14.23 -16.42
C GLN A 224 12.26 -15.72 -16.69
N ALA A 225 11.43 -16.39 -15.89
CA ALA A 225 11.14 -17.80 -16.14
C ALA A 225 10.51 -17.99 -17.50
N ALA A 226 9.57 -17.11 -17.88
CA ALA A 226 8.93 -17.25 -19.19
C ALA A 226 9.93 -17.09 -20.32
N VAL A 227 10.79 -16.07 -20.24
CA VAL A 227 11.85 -15.89 -21.23
C VAL A 227 12.76 -17.11 -21.26
N ASP A 228 13.21 -17.57 -20.09
CA ASP A 228 14.03 -18.79 -20.00
C ASP A 228 13.31 -20.00 -20.59
N ALA A 229 11.98 -20.08 -20.47
CA ALA A 229 11.20 -21.20 -21.02
C ALA A 229 11.05 -21.13 -22.53
N GLY A 230 11.52 -20.06 -23.18
CA GLY A 230 11.42 -19.88 -24.61
C GLY A 230 10.31 -18.98 -25.12
N VAL A 231 9.64 -18.19 -24.26
CA VAL A 231 8.45 -17.47 -24.68
C VAL A 231 8.78 -16.56 -25.87
N GLY A 232 7.88 -16.53 -26.85
CA GLY A 232 8.21 -15.86 -28.11
C GLY A 232 8.07 -14.36 -28.07
N SER A 233 7.21 -13.84 -27.19
CA SER A 233 6.91 -12.41 -27.13
C SER A 233 6.72 -11.98 -25.69
N VAL A 234 6.88 -10.67 -25.48
CA VAL A 234 6.64 -10.01 -24.20
C VAL A 234 5.67 -8.86 -24.44
N MSE A 235 4.73 -8.66 -23.51
CA MSE A 235 3.89 -7.47 -23.52
C MSE A 235 4.34 -6.46 -22.46
O MSE A 235 4.59 -6.83 -21.31
CB MSE A 235 2.42 -7.86 -23.33
CG MSE A 235 1.44 -6.70 -23.50
SE MSE A 235 -0.40 -7.33 -23.31
CE MSE A 235 -0.44 -8.46 -24.91
N ALA A 236 4.45 -5.20 -22.86
CA ALA A 236 4.76 -4.12 -21.94
C ALA A 236 3.48 -3.67 -21.23
N SER A 237 3.62 -3.30 -19.96
CA SER A 237 2.47 -3.07 -19.10
C SER A 237 1.97 -1.62 -19.21
N PHE A 238 0.77 -1.40 -18.69
CA PHE A 238 0.17 -0.07 -18.70
C PHE A 238 0.81 0.87 -17.69
N ASN A 239 1.39 0.31 -16.62
CA ASN A 239 1.82 1.11 -15.48
C ASN A 239 3.19 1.74 -15.71
N GLU A 240 3.41 2.87 -15.05
CA GLU A 240 4.72 3.48 -15.00
C GLU A 240 5.62 2.74 -14.00
N ILE A 241 6.93 2.82 -14.26
CA ILE A 241 7.97 2.30 -13.40
C ILE A 241 9.04 3.36 -13.28
N ASP A 242 9.38 3.75 -12.05
CA ASP A 242 10.37 4.79 -11.79
C ASP A 242 9.97 6.10 -12.49
N GLY A 243 8.67 6.30 -12.69
CA GLY A 243 8.17 7.49 -13.36
C GLY A 243 8.15 7.41 -14.87
N ILE A 244 8.48 6.26 -15.45
CA ILE A 244 8.52 6.06 -16.89
C ILE A 244 7.54 4.97 -17.23
N PRO A 245 6.52 5.23 -18.06
CA PRO A 245 5.64 4.14 -18.49
C PRO A 245 6.46 2.98 -19.05
N ALA A 246 6.09 1.77 -18.66
CA ALA A 246 6.86 0.59 -19.05
C ALA A 246 7.15 0.57 -20.54
N THR A 247 6.21 1.09 -21.34
CA THR A 247 6.35 1.05 -22.79
C THR A 247 7.40 2.04 -23.29
N ALA A 248 7.96 2.89 -22.42
CA ALA A 248 9.01 3.82 -22.79
C ALA A 248 10.26 3.64 -21.95
N ASN A 249 10.40 2.51 -21.26
CA ASN A 249 11.47 2.28 -20.28
C ASN A 249 12.60 1.47 -20.91
N LYS A 250 13.64 2.16 -21.39
CA LYS A 250 14.78 1.45 -21.96
C LYS A 250 15.40 0.49 -20.97
N TRP A 251 15.54 0.91 -19.70
CA TRP A 251 16.20 0.04 -18.71
C TRP A 251 15.54 -1.33 -18.65
N LEU A 252 14.22 -1.35 -18.50
CA LEU A 252 13.49 -2.61 -18.41
C LEU A 252 13.46 -3.35 -19.75
N MSE A 253 13.18 -2.64 -20.84
CA MSE A 253 12.98 -3.30 -22.13
C MSE A 253 14.28 -3.69 -22.83
O MSE A 253 14.27 -4.54 -23.71
CB MSE A 253 12.14 -2.44 -23.07
CG MSE A 253 10.72 -2.17 -22.58
SE MSE A 253 9.72 -3.82 -22.33
CE MSE A 253 8.61 -3.33 -20.80
N THR A 254 15.41 -3.07 -22.46
CA THR A 254 16.70 -3.40 -23.07
C THR A 254 17.68 -3.96 -22.05
N ASP A 255 18.03 -3.20 -21.02
CA ASP A 255 19.05 -3.63 -20.06
C ASP A 255 18.65 -4.92 -19.36
N VAL A 256 17.41 -4.99 -18.89
CA VAL A 256 16.97 -6.18 -18.17
C VAL A 256 16.52 -7.27 -19.13
N LEU A 257 15.64 -6.92 -20.07
CA LEU A 257 15.00 -7.93 -20.90
C LEU A 257 15.99 -8.57 -21.87
N ARG A 258 16.85 -7.76 -22.48
CA ARG A 258 17.84 -8.26 -23.44
C ARG A 258 19.22 -8.41 -22.82
N LYS A 259 19.78 -7.31 -22.29
CA LYS A 259 21.17 -7.32 -21.83
C LYS A 259 21.38 -8.37 -20.74
N GLN A 260 20.51 -8.38 -19.73
CA GLN A 260 20.71 -9.24 -18.58
C GLN A 260 20.02 -10.60 -18.73
N TRP A 261 18.80 -10.64 -19.28
CA TRP A 261 18.05 -11.89 -19.36
C TRP A 261 18.24 -12.66 -20.67
N GLY A 262 18.67 -11.98 -21.73
CA GLY A 262 18.91 -12.68 -22.98
C GLY A 262 17.69 -13.01 -23.81
N PHE A 263 16.61 -12.23 -23.70
CA PHE A 263 15.43 -12.41 -24.52
C PHE A 263 15.74 -12.17 -26.00
N ASP A 264 15.15 -13.00 -26.86
CA ASP A 264 15.43 -12.98 -28.28
C ASP A 264 14.21 -12.73 -29.15
N GLY A 265 13.00 -12.79 -28.58
CA GLY A 265 11.78 -12.50 -29.32
C GLY A 265 11.54 -11.00 -29.37
N PHE A 266 10.27 -10.63 -29.47
CA PHE A 266 9.89 -9.24 -29.69
C PHE A 266 8.96 -8.76 -28.59
N VAL A 267 8.94 -7.45 -28.40
CA VAL A 267 8.12 -6.78 -27.40
C VAL A 267 6.93 -6.14 -28.09
N VAL A 268 5.73 -6.44 -27.61
CA VAL A 268 4.50 -5.80 -28.05
C VAL A 268 3.97 -4.94 -26.91
N THR A 269 3.35 -3.82 -27.25
CA THR A 269 2.65 -3.06 -26.24
C THR A 269 1.31 -3.70 -25.90
N ASP A 270 0.75 -3.27 -24.78
CA ASP A 270 -0.64 -3.59 -24.47
C ASP A 270 -1.54 -2.72 -25.34
N PHE A 271 -2.84 -2.90 -25.20
CA PHE A 271 -3.81 -2.27 -26.08
C PHE A 271 -3.71 -0.76 -25.97
N THR A 272 -3.33 -0.10 -27.07
CA THR A 272 -3.20 1.35 -27.11
C THR A 272 -2.11 1.85 -26.13
N GLY A 273 -1.16 0.97 -25.79
CA GLY A 273 -0.19 1.29 -24.76
C GLY A 273 0.60 2.55 -25.08
N ILE A 274 0.89 2.75 -26.37
CA ILE A 274 1.74 3.86 -26.80
C ILE A 274 1.05 5.20 -26.58
N SER A 275 -0.16 5.36 -27.15
CA SER A 275 -0.81 6.65 -27.08
C SER A 275 -1.24 7.02 -25.66
N GLU A 276 -1.38 6.03 -24.75
CA GLU A 276 -1.75 6.32 -23.38
C GLU A 276 -0.61 6.96 -22.59
N MSE A 277 0.62 6.87 -23.10
CA MSE A 277 1.73 7.60 -22.53
C MSE A 277 1.55 9.12 -22.64
O MSE A 277 2.12 9.86 -21.81
CB MSE A 277 3.04 7.18 -23.21
CG MSE A 277 3.31 5.67 -23.11
SE MSE A 277 5.18 5.23 -23.40
CE MSE A 277 5.20 5.23 -25.35
N ILE A 278 0.79 9.60 -23.63
CA ILE A 278 0.43 11.01 -23.66
C ILE A 278 -0.31 11.38 -22.37
N ALA A 279 -1.35 10.60 -22.04
CA ALA A 279 -2.06 10.79 -20.77
C ALA A 279 -1.10 10.76 -19.59
N HIS A 280 -0.14 9.84 -19.64
CA HIS A 280 0.82 9.67 -18.55
C HIS A 280 1.51 10.98 -18.23
N GLY A 281 1.80 11.78 -19.26
CA GLY A 281 2.43 13.06 -19.05
C GLY A 281 3.85 13.16 -19.55
N ILE A 282 4.22 12.43 -20.60
CA ILE A 282 5.63 12.47 -21.01
C ILE A 282 5.81 12.95 -22.46
N GLY A 283 4.75 13.45 -23.10
CA GLY A 283 4.96 14.13 -24.36
C GLY A 283 3.89 13.76 -25.36
N ASP A 284 4.14 14.16 -26.62
CA ASP A 284 3.19 14.00 -27.71
C ASP A 284 3.37 12.65 -28.39
N LEU A 285 2.62 12.40 -29.46
CA LEU A 285 2.64 11.07 -30.08
C LEU A 285 3.99 10.76 -30.74
N GLN A 286 4.56 11.72 -31.48
CA GLN A 286 5.88 11.51 -32.05
C GLN A 286 6.92 11.23 -30.96
N THR A 287 6.97 12.07 -29.93
CA THR A 287 7.97 11.94 -28.88
C THR A 287 7.88 10.57 -28.20
N VAL A 288 6.67 10.15 -27.84
CA VAL A 288 6.54 8.93 -27.05
C VAL A 288 6.63 7.69 -27.94
N SER A 289 6.29 7.79 -29.23
CA SER A 289 6.48 6.62 -30.09
C SER A 289 7.96 6.33 -30.30
N ALA A 290 8.77 7.38 -30.47
CA ALA A 290 10.19 7.15 -30.67
C ALA A 290 10.84 6.60 -29.42
N ARG A 291 10.45 7.12 -28.24
CA ARG A 291 11.00 6.60 -27.00
C ARG A 291 10.72 5.11 -26.83
N ALA A 292 9.51 4.68 -27.20
CA ALA A 292 9.16 3.25 -27.08
C ALA A 292 9.97 2.41 -28.05
N LEU A 293 10.08 2.84 -29.31
CA LEU A 293 10.89 2.11 -30.27
C LEU A 293 12.34 2.05 -29.81
N ASN A 294 12.90 3.18 -29.39
CA ASN A 294 14.27 3.20 -28.87
C ASN A 294 14.39 2.41 -27.59
N ALA A 295 13.30 2.27 -26.82
CA ALA A 295 13.33 1.56 -25.55
C ALA A 295 13.52 0.06 -25.73
N GLY A 296 13.19 -0.49 -26.90
CA GLY A 296 13.08 -1.92 -27.10
C GLY A 296 11.68 -2.39 -27.49
N VAL A 297 10.71 -1.51 -27.69
CA VAL A 297 9.37 -1.93 -28.09
C VAL A 297 9.33 -2.15 -29.59
N ASP A 298 8.81 -3.30 -29.99
CA ASP A 298 8.85 -3.78 -31.36
C ASP A 298 7.52 -3.67 -32.07
N MSE A 299 6.44 -4.04 -31.39
CA MSE A 299 5.13 -4.08 -32.02
C MSE A 299 4.08 -3.22 -31.30
O MSE A 299 3.98 -3.25 -30.07
CB MSE A 299 4.65 -5.51 -32.09
CG MSE A 299 3.31 -5.65 -32.77
SE MSE A 299 3.14 -7.42 -33.57
CE MSE A 299 2.63 -6.87 -35.36
N ASP A 300 3.29 -2.46 -32.10
CA ASP A 300 2.44 -1.38 -31.61
C ASP A 300 0.98 -1.78 -31.78
N MSE A 301 0.33 -2.12 -30.67
CA MSE A 301 -1.04 -2.62 -30.68
C MSE A 301 -2.05 -1.48 -30.68
O MSE A 301 -2.28 -0.86 -29.64
CB MSE A 301 -1.29 -3.55 -29.47
CG MSE A 301 -2.69 -4.16 -29.38
SE MSE A 301 -3.00 -5.19 -27.72
CE MSE A 301 -1.48 -6.40 -27.87
N VAL A 302 -2.60 -1.20 -31.88
CA VAL A 302 -3.74 -0.32 -32.15
C VAL A 302 -3.40 1.18 -32.13
N SER A 303 -2.35 1.59 -31.43
CA SER A 303 -2.12 3.03 -31.25
C SER A 303 -1.83 3.75 -32.56
N GLU A 304 -1.23 3.05 -33.54
CA GLU A 304 -0.72 3.65 -34.79
C GLU A 304 0.36 4.70 -34.51
N GLY A 305 1.03 4.60 -33.36
CA GLY A 305 2.13 5.51 -33.07
C GLY A 305 3.34 5.27 -33.97
N PHE A 306 3.63 3.99 -34.26
CA PHE A 306 4.76 3.66 -35.12
C PHE A 306 4.46 4.00 -36.57
N THR A 307 3.35 3.49 -37.09
CA THR A 307 2.94 3.82 -38.43
C THR A 307 2.83 5.33 -38.61
N GLY A 308 2.32 6.03 -37.59
CA GLY A 308 2.07 7.45 -37.72
C GLY A 308 3.31 8.33 -37.64
N THR A 309 4.35 7.91 -36.90
CA THR A 309 5.42 8.87 -36.59
C THR A 309 6.86 8.38 -36.74
N ILE A 310 7.12 7.07 -36.91
CA ILE A 310 8.51 6.60 -36.96
C ILE A 310 9.25 7.23 -38.14
N LYS A 311 8.60 7.26 -39.32
CA LYS A 311 9.28 7.74 -40.52
C LYS A 311 9.70 9.20 -40.38
N LYS A 312 8.87 10.02 -39.72
CA LYS A 312 9.25 11.41 -39.47
C LYS A 312 10.38 11.48 -38.43
N SER A 313 10.33 10.61 -37.42
CA SER A 313 11.38 10.60 -36.40
C SER A 313 12.72 10.18 -36.97
N ILE A 314 12.69 9.23 -37.92
CA ILE A 314 13.91 8.85 -38.64
C ILE A 314 14.38 10.00 -39.51
N ASP A 315 13.45 10.67 -40.21
CA ASP A 315 13.77 11.89 -40.96
C ASP A 315 14.55 12.86 -40.10
N GLU A 316 14.14 13.04 -38.87
CA GLU A 316 14.71 14.06 -38.00
C GLU A 316 15.85 13.54 -37.16
N GLY A 317 16.33 12.32 -37.40
CA GLY A 317 17.43 11.78 -36.63
C GLY A 317 17.11 11.36 -35.21
N LYS A 318 15.84 11.23 -34.85
CA LYS A 318 15.48 10.77 -33.51
C LYS A 318 15.42 9.24 -33.41
N ILE A 319 15.40 8.55 -34.55
CA ILE A 319 15.48 7.09 -34.59
C ILE A 319 16.40 6.71 -35.74
N SER A 320 17.30 5.78 -35.48
CA SER A 320 18.19 5.26 -36.51
C SER A 320 17.54 4.15 -37.30
N MSE A 321 17.97 4.00 -38.55
CA MSE A 321 17.57 2.87 -39.37
C MSE A 321 17.92 1.54 -38.70
O MSE A 321 17.19 0.57 -38.84
CB MSE A 321 18.25 2.95 -40.74
CG MSE A 321 17.57 2.09 -41.77
SE MSE A 321 15.70 2.60 -42.04
CE MSE A 321 15.20 1.14 -43.21
N GLU A 322 19.05 1.52 -37.96
CA GLU A 322 19.42 0.34 -37.18
C GLU A 322 18.32 -0.05 -36.21
N THR A 323 17.88 0.90 -35.39
CA THR A 323 16.83 0.65 -34.41
C THR A 323 15.59 0.05 -35.06
N LEU A 324 15.13 0.65 -36.17
CA LEU A 324 13.96 0.14 -36.86
C LEU A 324 14.20 -1.25 -37.43
N ASP A 325 15.39 -1.50 -37.95
CA ASP A 325 15.69 -2.78 -38.58
C ASP A 325 15.69 -3.93 -37.57
N LYS A 326 16.20 -3.67 -36.35
CA LYS A 326 16.12 -4.65 -35.27
C LYS A 326 14.67 -5.04 -35.00
N ALA A 327 13.81 -4.05 -34.75
CA ALA A 327 12.41 -4.33 -34.43
C ALA A 327 11.73 -5.08 -35.58
N CYS A 328 11.96 -4.63 -36.81
CA CYS A 328 11.40 -5.34 -37.95
C CYS A 328 11.85 -6.79 -37.98
N ARG A 329 13.16 -7.02 -37.87
CA ARG A 329 13.68 -8.39 -37.95
C ARG A 329 13.04 -9.31 -36.92
N ARG A 330 12.87 -8.81 -35.69
CA ARG A 330 12.22 -9.61 -34.65
C ARG A 330 10.80 -10.03 -35.04
N ILE A 331 10.03 -9.11 -35.63
CA ILE A 331 8.71 -9.50 -36.15
C ILE A 331 8.87 -10.61 -37.18
N LEU A 332 9.78 -10.41 -38.13
CA LEU A 332 10.01 -11.40 -39.16
C LEU A 332 10.49 -12.72 -38.57
N GLU A 333 11.41 -12.65 -37.60
CA GLU A 333 11.96 -13.87 -37.00
C GLU A 333 10.85 -14.69 -36.35
N ALA A 334 9.97 -14.04 -35.58
CA ALA A 334 8.81 -14.73 -35.02
C ALA A 334 7.99 -15.43 -36.09
N LYS A 335 7.73 -14.76 -37.21
CA LYS A 335 6.93 -15.36 -38.27
C LYS A 335 7.65 -16.54 -38.92
N TYR A 336 8.96 -16.44 -39.02
CA TYR A 336 9.76 -17.57 -39.50
C TYR A 336 9.66 -18.75 -38.53
N LYS A 337 9.92 -18.51 -37.25
CA LYS A 337 9.90 -19.58 -36.24
C LYS A 337 8.54 -20.24 -36.12
N LEU A 338 7.47 -19.49 -36.38
CA LEU A 338 6.15 -20.08 -36.40
C LEU A 338 5.91 -20.97 -37.62
N GLY A 339 6.77 -20.92 -38.62
CA GLY A 339 6.56 -21.67 -39.85
C GLY A 339 5.77 -20.95 -40.92
N LEU A 340 5.51 -19.66 -40.76
CA LEU A 340 4.55 -18.93 -41.59
C LEU A 340 5.09 -18.51 -42.95
N PHE A 341 6.41 -18.42 -43.13
CA PHE A 341 6.93 -18.24 -44.48
C PHE A 341 6.88 -19.55 -45.25
N ASP A 342 7.15 -20.65 -44.56
CA ASP A 342 6.99 -21.97 -45.17
C ASP A 342 5.55 -22.21 -45.60
N ASN A 343 4.61 -21.74 -44.82
CA ASN A 343 3.21 -22.02 -45.12
C ASN A 343 2.33 -20.99 -44.42
N PRO A 344 1.88 -19.94 -45.12
CA PRO A 344 1.00 -18.94 -44.47
C PRO A 344 -0.26 -19.52 -43.86
N TYR A 345 -0.71 -20.71 -44.26
CA TYR A 345 -1.96 -21.27 -43.77
C TYR A 345 -1.74 -22.46 -42.84
N LYS A 346 -0.55 -22.56 -42.25
CA LYS A 346 -0.23 -23.61 -41.28
C LYS A 346 -1.37 -23.84 -40.28
N TYR A 347 -2.03 -22.75 -39.86
CA TYR A 347 -3.08 -22.79 -38.84
C TYR A 347 -4.47 -22.62 -39.43
N CYS A 348 -4.61 -22.69 -40.75
CA CYS A 348 -5.88 -22.44 -41.40
C CYS A 348 -6.44 -23.71 -42.01
N ASP A 349 -6.72 -24.70 -41.17
CA ASP A 349 -7.33 -25.94 -41.59
C ASP A 349 -8.81 -25.86 -41.21
N LEU A 350 -9.66 -25.55 -42.19
CA LEU A 350 -11.10 -25.47 -41.98
C LEU A 350 -11.70 -26.78 -41.45
N LYS A 351 -10.99 -27.90 -41.59
CA LYS A 351 -11.46 -29.16 -41.06
C LYS A 351 -11.22 -29.30 -39.56
N ARG A 352 -10.18 -28.67 -39.02
CA ARG A 352 -9.77 -28.92 -37.64
C ARG A 352 -10.78 -28.54 -36.56
N PRO A 353 -11.49 -27.40 -36.61
CA PRO A 353 -12.38 -27.04 -35.49
C PRO A 353 -13.39 -28.13 -35.09
N LYS A 354 -13.91 -28.92 -36.04
CA LYS A 354 -14.81 -30.01 -35.68
C LYS A 354 -14.07 -31.14 -34.99
N ARG A 355 -12.80 -31.34 -35.35
CA ARG A 355 -11.99 -32.43 -34.80
C ARG A 355 -11.34 -32.07 -33.46
N ASP A 356 -11.13 -30.78 -33.20
CA ASP A 356 -10.22 -30.33 -32.15
C ASP A 356 -10.84 -29.46 -31.06
N ILE A 357 -12.03 -28.88 -31.26
CA ILE A 357 -12.54 -27.87 -30.35
C ILE A 357 -13.72 -28.43 -29.54
N PHE A 358 -13.62 -28.31 -28.21
CA PHE A 358 -14.66 -28.77 -27.26
C PHE A 358 -14.94 -30.27 -27.37
N THR A 359 -13.89 -31.06 -27.59
CA THR A 359 -14.02 -32.52 -27.56
C THR A 359 -14.24 -33.02 -26.13
N LYS A 360 -14.58 -34.32 -26.00
CA LYS A 360 -14.78 -34.88 -24.67
C LYS A 360 -13.46 -35.08 -23.94
N GLU A 361 -12.40 -35.42 -24.67
CA GLU A 361 -11.09 -35.58 -24.05
C GLU A 361 -10.58 -34.26 -23.49
N HIS A 362 -10.79 -33.15 -24.22
CA HIS A 362 -10.45 -31.84 -23.67
C HIS A 362 -11.30 -31.53 -22.45
N ARG A 363 -12.61 -31.84 -22.52
CA ARG A 363 -13.52 -31.49 -21.43
C ARG A 363 -13.30 -32.37 -20.21
N ASP A 364 -12.92 -33.64 -20.43
CA ASP A 364 -12.57 -34.51 -19.30
C ASP A 364 -11.38 -33.96 -18.53
N ALA A 365 -10.35 -33.47 -19.24
CA ALA A 365 -9.16 -32.98 -18.55
C ALA A 365 -9.42 -31.65 -17.86
N ALA A 366 -10.25 -30.79 -18.43
CA ALA A 366 -10.59 -29.54 -17.77
C ALA A 366 -11.38 -29.79 -16.49
N ARG A 367 -12.37 -30.69 -16.55
CA ARG A 367 -13.14 -31.08 -15.37
C ARG A 367 -12.25 -31.72 -14.32
N LYS A 368 -11.30 -32.57 -14.75
CA LYS A 368 -10.37 -33.18 -13.82
C LYS A 368 -9.55 -32.13 -13.07
N ILE A 369 -8.96 -31.19 -13.80
CA ILE A 369 -8.07 -30.24 -13.17
C ILE A 369 -8.86 -29.24 -12.35
N ALA A 370 -10.10 -28.94 -12.76
CA ALA A 370 -10.96 -28.06 -11.99
C ALA A 370 -11.15 -28.58 -10.57
N GLY A 371 -11.44 -29.88 -10.43
CA GLY A 371 -11.64 -30.48 -9.13
C GLY A 371 -10.37 -30.74 -8.34
N GLU A 372 -9.22 -30.66 -8.99
CA GLU A 372 -7.94 -30.64 -8.30
C GLU A 372 -7.43 -29.22 -8.08
N SER A 373 -8.20 -28.20 -8.48
CA SER A 373 -7.83 -26.81 -8.24
C SER A 373 -8.62 -26.17 -7.10
N PHE A 374 -9.85 -26.62 -6.87
CA PHE A 374 -10.64 -26.11 -5.76
C PHE A 374 -9.89 -26.26 -4.43
N VAL A 375 -10.21 -25.40 -3.47
CA VAL A 375 -9.52 -25.32 -2.18
C VAL A 375 -10.54 -25.44 -1.06
N LEU A 376 -10.42 -26.48 -0.26
CA LEU A 376 -11.31 -26.64 0.89
C LEU A 376 -10.76 -25.82 2.06
N LEU A 377 -11.50 -24.81 2.50
CA LEU A 377 -11.05 -23.93 3.57
C LEU A 377 -11.59 -24.29 4.96
N LYS A 378 -12.62 -25.14 5.03
CA LYS A 378 -13.24 -25.52 6.30
C LYS A 378 -14.14 -26.72 6.06
N ASN A 379 -14.21 -27.59 7.05
CA ASN A 379 -14.99 -28.81 6.93
C ASN A 379 -15.36 -29.31 8.33
N ASP A 380 -16.02 -28.46 9.11
CA ASP A 380 -16.49 -28.83 10.44
C ASP A 380 -17.80 -29.61 10.34
N LYS A 381 -18.37 -29.95 11.50
CA LYS A 381 -19.57 -30.77 11.61
C LYS A 381 -20.82 -29.92 11.52
N SER A 382 -21.89 -30.51 11.00
CA SER A 382 -23.20 -29.88 10.97
C SER A 382 -24.31 -30.90 10.99
N SER A 385 -25.04 -35.43 14.50
CA SER A 385 -24.01 -36.18 13.77
C SER A 385 -22.71 -35.41 13.77
N ALA A 386 -21.60 -36.11 14.04
CA ALA A 386 -20.28 -35.48 14.14
C ALA A 386 -19.38 -35.84 12.95
N ASN A 387 -19.94 -36.34 11.87
CA ASN A 387 -19.18 -36.47 10.64
C ASN A 387 -18.83 -35.06 10.15
N PRO A 388 -17.71 -34.91 9.43
CA PRO A 388 -17.52 -33.68 8.67
C PRO A 388 -18.67 -33.53 7.70
N THR A 389 -19.05 -32.28 7.45
CA THR A 389 -20.13 -32.00 6.52
C THR A 389 -19.83 -32.58 5.15
N LEU A 390 -18.58 -32.46 4.69
CA LEU A 390 -18.17 -32.95 3.39
C LEU A 390 -17.35 -34.21 3.53
N PRO A 391 -17.45 -35.16 2.59
CA PRO A 391 -18.30 -35.07 1.40
C PRO A 391 -19.75 -35.40 1.71
N LEU A 392 -20.63 -35.19 0.74
CA LEU A 392 -22.07 -35.34 0.92
C LEU A 392 -22.54 -36.74 0.52
N LYS A 393 -23.51 -37.25 1.27
CA LYS A 393 -24.16 -38.50 0.91
C LYS A 393 -24.91 -38.35 -0.41
N LYS A 394 -24.82 -39.38 -1.25
CA LYS A 394 -25.54 -39.45 -2.53
C LYS A 394 -26.94 -39.98 -2.27
N GLU A 395 -27.80 -39.12 -1.73
CA GLU A 395 -29.17 -39.50 -1.39
C GLU A 395 -29.93 -38.24 -1.02
N GLY A 396 -31.24 -38.40 -0.78
CA GLY A 396 -31.99 -37.30 -0.22
C GLY A 396 -32.14 -36.11 -1.17
N THR A 397 -32.38 -34.95 -0.58
CA THR A 397 -32.63 -33.74 -1.33
C THR A 397 -31.62 -32.67 -0.96
N VAL A 398 -30.95 -32.12 -1.97
CA VAL A 398 -29.91 -31.13 -1.78
C VAL A 398 -30.30 -29.87 -2.55
N ALA A 399 -30.52 -28.77 -1.84
CA ALA A 399 -30.92 -27.53 -2.49
C ALA A 399 -29.68 -26.68 -2.76
N VAL A 400 -29.66 -26.06 -3.93
CA VAL A 400 -28.56 -25.19 -4.35
C VAL A 400 -29.14 -23.79 -4.41
N ILE A 401 -28.72 -22.93 -3.48
CA ILE A 401 -29.36 -21.65 -3.22
C ILE A 401 -28.32 -20.55 -3.33
N GLY A 402 -28.65 -19.48 -4.08
CA GLY A 402 -27.76 -18.35 -4.20
C GLY A 402 -27.76 -17.74 -5.59
N PRO A 403 -27.23 -16.53 -5.75
CA PRO A 403 -27.19 -15.91 -7.08
C PRO A 403 -26.31 -16.66 -8.07
N LEU A 404 -25.38 -17.48 -7.60
CA LEU A 404 -24.46 -18.20 -8.49
C LEU A 404 -24.90 -19.63 -8.76
N ALA A 405 -26.11 -20.02 -8.31
CA ALA A 405 -26.51 -21.42 -8.36
C ALA A 405 -27.00 -21.85 -9.73
N ASN A 406 -27.59 -20.91 -10.47
CA ASN A 406 -28.21 -21.21 -11.76
C ASN A 406 -27.89 -20.07 -12.74
N THR A 407 -26.59 -19.85 -12.98
CA THR A 407 -26.12 -18.95 -14.03
C THR A 407 -25.05 -19.67 -14.84
N ARG A 408 -25.31 -19.83 -16.14
CA ARG A 408 -24.33 -20.43 -17.06
C ARG A 408 -23.16 -19.48 -17.32
N SER A 409 -23.47 -18.24 -17.71
CA SER A 409 -22.43 -17.33 -18.18
C SER A 409 -21.36 -17.03 -17.11
N ASN A 410 -21.67 -17.20 -15.82
CA ASN A 410 -20.68 -16.88 -14.81
C ASN A 410 -19.82 -18.09 -14.45
N MSE A 411 -19.96 -19.19 -15.16
CA MSE A 411 -19.15 -20.37 -14.87
C MSE A 411 -17.69 -20.31 -15.40
O MSE A 411 -16.77 -20.68 -14.68
CB MSE A 411 -19.85 -21.64 -15.40
CG MSE A 411 -21.16 -21.97 -14.66
SE MSE A 411 -20.98 -22.09 -12.69
CE MSE A 411 -21.56 -20.29 -12.24
N PRO A 412 -17.46 -19.82 -16.63
CA PRO A 412 -16.09 -19.86 -17.16
C PRO A 412 -15.10 -18.97 -16.43
N GLY A 413 -15.55 -17.91 -15.76
CA GLY A 413 -14.69 -16.89 -15.23
C GLY A 413 -14.44 -15.78 -16.22
N THR A 414 -13.77 -14.72 -15.74
CA THR A 414 -13.42 -13.64 -16.63
C THR A 414 -12.29 -14.08 -17.57
N TRP A 415 -12.05 -13.27 -18.60
CA TRP A 415 -11.12 -13.56 -19.68
C TRP A 415 -11.34 -14.96 -20.27
N SER A 416 -12.49 -15.10 -20.94
CA SER A 416 -12.80 -16.27 -21.75
C SER A 416 -13.51 -15.79 -23.01
N VAL A 417 -12.81 -15.00 -23.83
CA VAL A 417 -13.48 -14.22 -24.86
C VAL A 417 -13.97 -15.07 -26.02
N ALA A 418 -13.55 -16.33 -26.11
CA ALA A 418 -14.00 -17.25 -27.15
C ALA A 418 -14.99 -18.28 -26.62
N ALA A 419 -15.32 -18.21 -25.34
CA ALA A 419 -16.20 -19.19 -24.74
C ALA A 419 -17.63 -19.06 -25.30
N ARG A 420 -18.44 -20.08 -25.06
CA ARG A 420 -19.85 -20.09 -25.46
C ARG A 420 -20.68 -19.94 -24.19
N LEU A 421 -20.78 -18.69 -23.70
CA LEU A 421 -21.26 -18.42 -22.35
C LEU A 421 -22.60 -19.09 -22.04
N ASN A 422 -23.51 -19.09 -23.01
CA ASN A 422 -24.87 -19.55 -22.74
C ASN A 422 -25.02 -21.05 -22.84
N ASP A 423 -23.97 -21.78 -23.17
CA ASP A 423 -24.06 -23.22 -23.45
C ASP A 423 -23.65 -24.11 -22.29
N TYR A 424 -22.73 -23.66 -21.42
CA TYR A 424 -22.17 -24.51 -20.37
C TYR A 424 -23.16 -24.62 -19.20
N PRO A 425 -23.12 -25.73 -18.46
CA PRO A 425 -24.13 -25.94 -17.41
C PRO A 425 -23.86 -25.11 -16.16
N SER A 426 -24.92 -24.55 -15.58
CA SER A 426 -24.83 -23.95 -14.27
C SER A 426 -24.75 -25.02 -13.18
N VAL A 427 -24.46 -24.58 -11.95
CA VAL A 427 -24.33 -25.51 -10.82
C VAL A 427 -25.60 -26.32 -10.64
N TYR A 428 -26.76 -25.65 -10.61
CA TYR A 428 -28.01 -26.36 -10.48
C TYR A 428 -28.19 -27.38 -11.59
N GLU A 429 -27.96 -26.96 -12.84
CA GLU A 429 -28.16 -27.84 -13.98
C GLU A 429 -27.22 -29.04 -13.93
N GLY A 430 -25.92 -28.78 -13.78
CA GLY A 430 -24.94 -29.86 -13.90
C GLY A 430 -25.07 -30.90 -12.81
N LEU A 431 -25.34 -30.45 -11.57
CA LEU A 431 -25.58 -31.40 -10.48
C LEU A 431 -26.87 -32.18 -10.70
N LYS A 432 -27.93 -31.51 -11.15
CA LYS A 432 -29.19 -32.23 -11.36
C LYS A 432 -29.00 -33.33 -12.39
N GLU A 433 -28.25 -33.04 -13.45
CA GLU A 433 -27.97 -34.05 -14.47
C GLU A 433 -27.13 -35.19 -13.92
N MSE A 434 -25.98 -34.89 -13.30
CA MSE A 434 -25.05 -35.96 -12.94
C MSE A 434 -25.58 -36.78 -11.78
O MSE A 434 -25.24 -37.93 -11.64
CB MSE A 434 -23.66 -35.41 -12.61
CG MSE A 434 -23.59 -34.62 -11.31
SE MSE A 434 -21.89 -33.67 -11.06
CE MSE A 434 -20.71 -35.21 -11.03
N MSE A 435 -26.44 -36.18 -10.96
CA MSE A 435 -27.01 -36.91 -9.84
C MSE A 435 -28.42 -37.41 -10.17
O MSE A 435 -29.19 -37.73 -9.25
CB MSE A 435 -27.05 -36.06 -8.57
CG MSE A 435 -25.71 -35.42 -8.21
SE MSE A 435 -24.29 -36.75 -8.01
CE MSE A 435 -25.16 -37.93 -6.74
N LYS A 436 -28.78 -37.46 -11.44
CA LYS A 436 -30.05 -38.06 -11.85
C LYS A 436 -30.13 -39.49 -11.30
N GLY A 437 -31.28 -39.80 -10.68
CA GLY A 437 -31.51 -41.11 -10.09
C GLY A 437 -30.90 -41.33 -8.72
N LYS A 438 -30.12 -40.36 -8.21
CA LYS A 438 -29.42 -40.48 -6.93
C LYS A 438 -29.77 -39.38 -5.93
N VAL A 439 -29.85 -38.12 -6.37
CA VAL A 439 -30.12 -37.00 -5.47
C VAL A 439 -31.18 -36.10 -6.09
N ASN A 440 -32.11 -35.64 -5.25
CA ASN A 440 -33.12 -34.67 -5.68
C ASN A 440 -32.53 -33.26 -5.52
N ILE A 441 -32.21 -32.62 -6.65
CA ILE A 441 -31.53 -31.33 -6.70
C ILE A 441 -32.56 -30.24 -6.96
N THR A 442 -32.75 -29.34 -5.99
CA THR A 442 -33.69 -28.23 -6.11
C THR A 442 -32.91 -26.92 -6.18
N TYR A 443 -33.64 -25.80 -6.30
CA TYR A 443 -33.01 -24.50 -6.55
C TYR A 443 -33.82 -23.36 -5.97
N ALA A 444 -33.11 -22.32 -5.53
CA ALA A 444 -33.71 -21.05 -5.17
C ALA A 444 -32.68 -19.96 -5.41
N LYS A 445 -33.09 -18.86 -6.05
CA LYS A 445 -32.12 -17.81 -6.31
C LYS A 445 -31.61 -17.21 -5.00
N GLY A 446 -32.47 -17.08 -4.00
CA GLY A 446 -32.07 -16.55 -2.71
C GLY A 446 -31.91 -15.03 -2.64
N SER A 447 -31.02 -14.46 -3.43
CA SER A 447 -30.72 -13.05 -3.34
C SER A 447 -30.20 -12.56 -4.68
N ASN A 448 -30.17 -11.25 -4.84
CA ASN A 448 -29.46 -10.70 -5.99
C ASN A 448 -27.97 -10.86 -5.77
N LEU A 449 -27.18 -10.32 -6.70
CA LEU A 449 -25.73 -10.33 -6.51
C LEU A 449 -25.34 -9.35 -5.42
N ILE A 450 -25.77 -8.10 -5.54
CA ILE A 450 -25.57 -7.07 -4.53
C ILE A 450 -26.80 -6.17 -4.56
N SER A 451 -27.15 -5.59 -3.40
CA SER A 451 -28.37 -4.80 -3.31
C SER A 451 -28.33 -3.62 -4.27
N ASP A 452 -27.17 -3.04 -4.49
CA ASP A 452 -27.02 -1.96 -5.46
C ASP A 452 -27.23 -2.49 -6.88
N ALA A 453 -28.37 -2.15 -7.49
CA ALA A 453 -28.66 -2.66 -8.83
C ALA A 453 -27.62 -2.18 -9.84
N ALA A 454 -27.30 -0.88 -9.83
CA ALA A 454 -26.33 -0.33 -10.76
C ALA A 454 -24.95 -0.99 -10.62
N TYR A 455 -24.59 -1.40 -9.40
CA TYR A 455 -23.35 -2.15 -9.22
C TYR A 455 -23.48 -3.55 -9.82
N GLU A 456 -24.61 -4.22 -9.57
CA GLU A 456 -24.80 -5.56 -10.12
C GLU A 456 -24.69 -5.56 -11.64
N GLU A 457 -25.19 -4.50 -12.28
CA GLU A 457 -25.16 -4.38 -13.74
C GLU A 457 -23.73 -4.27 -14.27
N ARG A 458 -22.92 -3.38 -13.69
CA ARG A 458 -21.55 -3.29 -14.20
C ARG A 458 -20.72 -4.48 -13.77
N ALA A 459 -21.14 -5.18 -12.72
CA ALA A 459 -20.49 -6.41 -12.32
C ALA A 459 -20.84 -7.59 -13.20
N THR A 460 -21.87 -7.48 -14.04
CA THR A 460 -22.33 -8.59 -14.87
C THR A 460 -22.27 -8.26 -16.37
N MSE A 461 -21.36 -7.38 -16.78
CA MSE A 461 -21.30 -7.02 -18.19
C MSE A 461 -20.61 -8.16 -18.96
O MSE A 461 -20.26 -9.19 -18.37
CB MSE A 461 -20.62 -5.65 -18.42
CG MSE A 461 -19.26 -5.38 -17.78
SE MSE A 461 -18.78 -3.43 -17.74
CE MSE A 461 -18.43 -3.14 -19.64
N PHE A 462 -20.44 -7.96 -20.27
CA PHE A 462 -19.87 -8.98 -21.17
C PHE A 462 -20.68 -10.27 -21.13
N GLY A 463 -22.00 -10.14 -21.08
CA GLY A 463 -22.87 -11.29 -21.24
C GLY A 463 -23.16 -12.07 -19.98
N ARG A 464 -22.89 -11.52 -18.80
CA ARG A 464 -22.95 -12.26 -17.55
C ARG A 464 -24.18 -11.91 -16.71
N SER A 465 -25.17 -11.26 -17.31
CA SER A 465 -26.36 -10.86 -16.58
C SER A 465 -26.97 -12.03 -15.84
N LEU A 466 -27.47 -11.77 -14.64
CA LEU A 466 -28.28 -12.71 -13.88
C LEU A 466 -29.78 -12.52 -14.08
N ASN A 467 -30.19 -11.65 -15.00
CA ASN A 467 -31.59 -11.27 -15.23
C ASN A 467 -32.26 -10.85 -13.92
N ARG A 468 -31.74 -9.75 -13.36
CA ARG A 468 -32.20 -9.28 -12.05
C ARG A 468 -33.68 -8.89 -12.11
N ASP A 469 -34.43 -9.32 -11.09
CA ASP A 469 -35.86 -9.07 -10.95
C ASP A 469 -36.14 -7.78 -10.20
N ASN A 470 -37.44 -7.56 -9.96
CA ASN A 470 -37.92 -6.54 -9.03
C ASN A 470 -38.45 -7.17 -7.75
N ARG A 471 -38.16 -8.44 -7.50
CA ARG A 471 -38.60 -9.06 -6.26
C ARG A 471 -37.88 -8.41 -5.09
N THR A 472 -38.63 -8.17 -4.01
CA THR A 472 -37.99 -7.68 -2.79
C THR A 472 -36.96 -8.71 -2.33
N ASP A 473 -36.01 -8.25 -1.52
CA ASP A 473 -35.08 -9.20 -0.92
C ASP A 473 -35.84 -10.21 -0.06
N LYS A 474 -36.96 -9.80 0.53
CA LYS A 474 -37.74 -10.72 1.36
C LYS A 474 -38.46 -11.78 0.52
N GLU A 475 -38.92 -11.43 -0.68
CA GLU A 475 -39.58 -12.41 -1.53
C GLU A 475 -38.65 -13.57 -1.88
N MSE A 476 -37.44 -13.26 -2.33
CA MSE A 476 -36.48 -14.29 -2.67
C MSE A 476 -35.96 -14.98 -1.41
O MSE A 476 -35.59 -16.17 -1.44
CB MSE A 476 -35.31 -13.72 -3.46
CG MSE A 476 -35.69 -13.16 -4.83
SE MSE A 476 -34.21 -12.09 -5.48
CE MSE A 476 -33.84 -12.83 -7.23
N LEU A 477 -35.87 -14.24 -0.32
CA LEU A 477 -35.45 -14.84 0.94
C LEU A 477 -36.46 -15.89 1.39
N ASP A 478 -37.76 -15.54 1.35
CA ASP A 478 -38.80 -16.46 1.77
C ASP A 478 -38.85 -17.68 0.86
N GLU A 479 -38.75 -17.46 -0.45
CA GLU A 479 -38.77 -18.58 -1.38
C GLU A 479 -37.62 -19.54 -1.11
N ALA A 480 -36.43 -19.01 -0.78
CA ALA A 480 -35.29 -19.87 -0.53
C ALA A 480 -35.45 -20.67 0.76
N LEU A 481 -36.10 -20.09 1.76
CA LEU A 481 -36.34 -20.82 3.00
C LEU A 481 -37.45 -21.86 2.83
N LYS A 482 -38.44 -21.59 1.99
CA LYS A 482 -39.41 -22.63 1.64
C LYS A 482 -38.73 -23.83 0.99
N VAL A 483 -37.82 -23.58 0.05
CA VAL A 483 -37.11 -24.66 -0.64
C VAL A 483 -36.15 -25.38 0.30
N ALA A 484 -35.46 -24.62 1.16
CA ALA A 484 -34.49 -25.23 2.07
C ALA A 484 -35.16 -26.15 3.07
N ALA A 485 -36.39 -25.85 3.49
CA ALA A 485 -37.11 -26.72 4.39
C ALA A 485 -37.47 -28.06 3.74
N ASN A 486 -37.49 -28.12 2.41
CA ASN A 486 -37.71 -29.37 1.68
C ASN A 486 -36.44 -30.20 1.48
N ALA A 487 -35.29 -29.70 1.94
CA ALA A 487 -33.98 -30.27 1.63
C ALA A 487 -33.33 -30.82 2.89
N ASP A 488 -32.28 -31.62 2.69
CA ASP A 488 -31.47 -32.12 3.78
C ASP A 488 -30.16 -31.37 3.93
N VAL A 489 -29.62 -30.80 2.85
CA VAL A 489 -28.37 -30.09 2.83
C VAL A 489 -28.52 -28.88 1.90
N ILE A 490 -27.97 -27.74 2.30
CA ILE A 490 -27.96 -26.56 1.45
C ILE A 490 -26.55 -26.36 0.89
N ILE A 491 -26.46 -26.23 -0.42
CA ILE A 491 -25.27 -25.77 -1.12
C ILE A 491 -25.48 -24.28 -1.37
N ALA A 492 -24.91 -23.44 -0.52
CA ALA A 492 -24.95 -22.00 -0.76
C ALA A 492 -23.95 -21.67 -1.86
N ALA A 493 -24.46 -21.39 -3.05
CA ALA A 493 -23.65 -20.93 -4.19
C ALA A 493 -23.60 -19.41 -4.14
N LEU A 494 -22.57 -18.87 -3.50
CA LEU A 494 -22.47 -17.44 -3.26
C LEU A 494 -21.09 -16.93 -3.64
N GLY A 495 -20.98 -15.60 -3.72
CA GLY A 495 -19.71 -14.93 -3.97
C GLY A 495 -19.77 -13.86 -5.05
N GLU A 496 -18.80 -13.86 -5.94
CA GLU A 496 -18.65 -12.84 -6.97
C GLU A 496 -19.27 -13.30 -8.27
N SER A 497 -19.70 -12.34 -9.07
CA SER A 497 -19.81 -12.57 -10.51
C SER A 497 -18.41 -12.62 -11.13
N SER A 498 -18.30 -13.25 -12.29
CA SER A 498 -16.98 -13.44 -12.89
C SER A 498 -16.35 -12.11 -13.25
N GLU A 499 -17.17 -11.14 -13.65
CA GLU A 499 -16.67 -9.83 -14.02
C GLU A 499 -16.54 -8.89 -12.82
N MSE A 500 -16.67 -9.40 -11.60
CA MSE A 500 -16.20 -8.63 -10.44
C MSE A 500 -14.69 -8.72 -10.31
O MSE A 500 -14.09 -8.04 -9.47
CB MSE A 500 -16.87 -9.09 -9.16
CG MSE A 500 -18.12 -8.30 -8.85
SE MSE A 500 -19.26 -9.00 -7.44
CE MSE A 500 -18.13 -8.61 -5.91
N SER A 501 -14.07 -9.56 -11.14
CA SER A 501 -12.62 -9.59 -11.28
C SER A 501 -12.24 -9.42 -12.75
N GLY A 502 -10.97 -9.58 -13.07
CA GLY A 502 -10.47 -9.27 -14.41
C GLY A 502 -9.98 -7.84 -14.56
N GLU A 503 -9.95 -7.38 -15.81
CA GLU A 503 -9.41 -6.08 -16.13
C GLU A 503 -10.40 -4.98 -15.74
N SER A 504 -9.88 -3.93 -15.10
CA SER A 504 -10.71 -2.79 -14.76
C SER A 504 -11.85 -3.22 -13.85
N SER A 505 -11.52 -4.11 -12.89
CA SER A 505 -12.47 -4.59 -11.87
C SER A 505 -11.76 -4.54 -10.51
N SER A 506 -11.54 -3.33 -9.99
CA SER A 506 -10.97 -3.15 -8.67
C SER A 506 -12.08 -3.02 -7.63
N ARG A 507 -11.84 -3.60 -6.45
CA ARG A 507 -12.72 -3.43 -5.30
C ARG A 507 -11.95 -2.82 -4.13
N THR A 508 -12.58 -1.87 -3.44
CA THR A 508 -12.12 -1.38 -2.15
C THR A 508 -12.63 -2.22 -0.99
N ASN A 509 -13.66 -3.04 -1.22
CA ASN A 509 -14.29 -3.90 -0.24
C ASN A 509 -14.18 -5.34 -0.73
N LEU A 510 -13.73 -6.26 0.13
CA LEU A 510 -13.55 -7.65 -0.29
C LEU A 510 -14.50 -8.61 0.42
N ALA A 511 -15.58 -8.10 1.00
CA ALA A 511 -16.56 -8.93 1.66
C ALA A 511 -17.48 -9.64 0.65
N LEU A 512 -18.06 -10.74 1.11
CA LEU A 512 -19.27 -11.28 0.51
C LEU A 512 -20.33 -10.19 0.40
N PRO A 513 -20.90 -9.94 -0.78
CA PRO A 513 -21.87 -8.85 -0.92
C PRO A 513 -23.01 -8.93 0.08
N ASP A 514 -23.60 -7.76 0.36
CA ASP A 514 -24.49 -7.59 1.51
C ASP A 514 -25.67 -8.57 1.45
N VAL A 515 -26.46 -8.54 0.37
CA VAL A 515 -27.66 -9.38 0.32
C VAL A 515 -27.30 -10.87 0.37
N GLN A 516 -26.12 -11.25 -0.13
CA GLN A 516 -25.72 -12.65 -0.07
C GLN A 516 -25.42 -13.09 1.36
N ARG A 517 -24.64 -12.30 2.11
CA ARG A 517 -24.36 -12.65 3.50
C ARG A 517 -25.65 -12.76 4.31
N THR A 518 -26.60 -11.84 4.08
CA THR A 518 -27.89 -11.91 4.74
C THR A 518 -28.63 -13.20 4.38
N LEU A 519 -28.63 -13.55 3.10
CA LEU A 519 -29.19 -14.84 2.68
C LEU A 519 -28.46 -15.99 3.37
N LEU A 520 -27.14 -15.88 3.49
CA LEU A 520 -26.34 -16.96 4.06
C LEU A 520 -26.73 -17.23 5.51
N GLU A 521 -26.84 -16.18 6.33
CA GLU A 521 -27.21 -16.36 7.73
C GLU A 521 -28.57 -16.99 7.86
N ALA A 522 -29.54 -16.53 7.06
CA ALA A 522 -30.87 -17.15 7.07
C ALA A 522 -30.79 -18.64 6.78
N LEU A 523 -29.92 -19.04 5.87
CA LEU A 523 -29.76 -20.46 5.57
C LEU A 523 -29.10 -21.19 6.73
N LEU A 524 -28.14 -20.54 7.39
CA LEU A 524 -27.55 -21.13 8.59
C LEU A 524 -28.57 -21.20 9.73
N LYS A 525 -29.59 -20.33 9.73
CA LYS A 525 -30.59 -20.37 10.79
C LYS A 525 -31.57 -21.54 10.63
N THR A 526 -31.50 -22.29 9.54
CA THR A 526 -32.38 -23.44 9.36
C THR A 526 -31.91 -24.66 10.12
N GLY A 527 -30.71 -24.62 10.71
CA GLY A 527 -30.17 -25.79 11.37
C GLY A 527 -29.81 -26.92 10.45
N LYS A 528 -29.93 -26.74 9.12
CA LYS A 528 -29.53 -27.75 8.17
C LYS A 528 -28.08 -27.55 7.73
N PRO A 529 -27.39 -28.63 7.36
CA PRO A 529 -26.00 -28.50 6.93
C PRO A 529 -25.90 -27.56 5.72
N VAL A 530 -24.91 -26.68 5.76
CA VAL A 530 -24.70 -25.70 4.70
C VAL A 530 -23.28 -25.84 4.17
N VAL A 531 -23.14 -25.92 2.85
CA VAL A 531 -21.85 -25.92 2.19
C VAL A 531 -21.78 -24.64 1.37
N LEU A 532 -20.92 -23.70 1.80
CA LEU A 532 -20.62 -22.51 1.01
C LEU A 532 -19.71 -22.90 -0.14
N THR A 533 -20.24 -22.80 -1.36
CA THR A 533 -19.48 -23.03 -2.59
C THR A 533 -19.14 -21.64 -3.12
N LEU A 534 -17.90 -21.21 -2.91
CA LEU A 534 -17.51 -19.81 -3.04
C LEU A 534 -16.89 -19.53 -4.40
N PHE A 535 -17.53 -18.66 -5.19
CA PHE A 535 -17.04 -18.21 -6.48
C PHE A 535 -16.32 -16.88 -6.33
N THR A 536 -15.09 -16.78 -6.83
CA THR A 536 -14.36 -15.54 -6.65
C THR A 536 -13.14 -15.54 -7.55
N GLY A 537 -12.71 -14.35 -7.95
CA GLY A 537 -11.46 -14.18 -8.66
C GLY A 537 -10.33 -13.61 -7.82
N ARG A 538 -10.53 -13.40 -6.53
CA ARG A 538 -9.56 -12.74 -5.67
C ARG A 538 -9.70 -13.35 -4.28
N PRO A 539 -8.71 -13.13 -3.42
CA PRO A 539 -8.95 -13.36 -1.98
C PRO A 539 -10.11 -12.47 -1.51
N LEU A 540 -10.94 -13.04 -0.64
CA LEU A 540 -12.04 -12.33 -0.02
C LEU A 540 -11.81 -12.28 1.48
N THR A 541 -12.58 -11.44 2.19
CA THR A 541 -12.46 -11.32 3.63
C THR A 541 -13.60 -12.12 4.27
N LEU A 542 -13.24 -13.22 4.93
CA LEU A 542 -14.20 -14.27 5.27
C LEU A 542 -14.16 -14.66 6.75
N THR A 543 -13.73 -13.76 7.65
CA THR A 543 -13.62 -14.13 9.06
C THR A 543 -14.97 -14.60 9.61
N TRP A 544 -16.06 -13.96 9.18
CA TRP A 544 -17.38 -14.36 9.67
C TRP A 544 -17.78 -15.73 9.11
N GLU A 545 -17.53 -15.95 7.82
CA GLU A 545 -17.86 -17.24 7.22
C GLU A 545 -17.03 -18.36 7.88
N GLN A 546 -15.75 -18.12 8.11
CA GLN A 546 -14.90 -19.13 8.74
C GLN A 546 -15.36 -19.48 10.15
N GLU A 547 -16.00 -18.55 10.84
CA GLU A 547 -16.48 -18.84 12.19
C GLU A 547 -17.82 -19.57 12.20
N HIS A 548 -18.72 -19.22 11.27
CA HIS A 548 -20.13 -19.63 11.37
C HIS A 548 -20.57 -20.69 10.36
N VAL A 549 -19.92 -20.80 9.21
CA VAL A 549 -20.35 -21.72 8.15
C VAL A 549 -19.69 -23.09 8.36
N PRO A 550 -20.45 -24.18 8.44
CA PRO A 550 -19.84 -25.50 8.63
C PRO A 550 -18.75 -25.82 7.61
N ALA A 551 -19.07 -25.82 6.32
CA ALA A 551 -18.13 -26.19 5.27
C ALA A 551 -18.00 -25.08 4.25
N ILE A 552 -16.78 -24.87 3.78
CA ILE A 552 -16.46 -23.81 2.83
C ILE A 552 -15.54 -24.40 1.78
N LEU A 553 -15.98 -24.38 0.52
CA LEU A 553 -15.15 -24.79 -0.61
C LEU A 553 -15.00 -23.61 -1.56
N ASN A 554 -13.76 -23.16 -1.75
CA ASN A 554 -13.45 -22.09 -2.70
C ASN A 554 -13.33 -22.70 -4.08
N VAL A 555 -14.33 -22.45 -4.94
CA VAL A 555 -14.32 -22.99 -6.30
C VAL A 555 -13.82 -21.97 -7.30
N TRP A 556 -13.31 -20.82 -6.83
CA TRP A 556 -12.82 -19.78 -7.73
C TRP A 556 -13.84 -19.52 -8.85
N PHE A 557 -13.40 -19.68 -10.09
CA PHE A 557 -14.31 -19.96 -11.20
C PHE A 557 -13.72 -21.16 -11.92
N GLY A 558 -14.53 -22.20 -12.09
CA GLY A 558 -14.01 -23.50 -12.48
C GLY A 558 -13.82 -23.71 -13.97
N GLY A 559 -14.41 -22.86 -14.80
CA GLY A 559 -14.38 -23.08 -16.23
C GLY A 559 -15.66 -23.71 -16.73
N SER A 560 -15.60 -24.18 -17.98
CA SER A 560 -16.83 -24.64 -18.64
C SER A 560 -17.37 -25.91 -17.99
N GLU A 561 -16.53 -26.72 -17.36
CA GLU A 561 -17.00 -27.93 -16.68
C GLU A 561 -17.25 -27.74 -15.18
N ALA A 562 -17.24 -26.50 -14.68
CA ALA A 562 -17.22 -26.23 -13.24
C ALA A 562 -18.31 -27.00 -12.48
N ALA A 563 -19.54 -27.04 -13.00
CA ALA A 563 -20.63 -27.68 -12.28
C ALA A 563 -20.30 -29.14 -11.93
N TYR A 564 -19.84 -29.92 -12.91
CA TYR A 564 -19.51 -31.33 -12.66
C TYR A 564 -18.37 -31.49 -11.65
N ALA A 565 -17.29 -30.73 -11.83
CA ALA A 565 -16.18 -30.78 -10.88
C ALA A 565 -16.65 -30.47 -9.46
N ILE A 566 -17.51 -29.48 -9.30
CA ILE A 566 -18.05 -29.19 -7.99
C ILE A 566 -18.85 -30.39 -7.49
N GLY A 567 -19.60 -31.04 -8.37
CA GLY A 567 -20.28 -32.26 -7.99
C GLY A 567 -19.32 -33.38 -7.63
N ASP A 568 -18.22 -33.50 -8.37
CA ASP A 568 -17.22 -34.50 -8.02
C ASP A 568 -16.72 -34.30 -6.59
N VAL A 569 -16.42 -33.05 -6.23
CA VAL A 569 -15.76 -32.79 -4.96
C VAL A 569 -16.76 -32.84 -3.79
N LEU A 570 -17.93 -32.18 -3.94
CA LEU A 570 -18.90 -32.18 -2.84
C LEU A 570 -19.42 -33.58 -2.51
N PHE A 571 -19.52 -34.46 -3.50
CA PHE A 571 -20.00 -35.83 -3.28
C PHE A 571 -18.86 -36.85 -3.23
N GLY A 572 -17.64 -36.40 -2.97
CA GLY A 572 -16.52 -37.25 -2.67
C GLY A 572 -15.96 -38.07 -3.81
N ASP A 573 -16.49 -37.93 -5.03
CA ASP A 573 -15.88 -38.65 -6.15
C ASP A 573 -14.44 -38.21 -6.37
N VAL A 574 -14.11 -36.97 -5.99
CA VAL A 574 -12.74 -36.45 -5.96
C VAL A 574 -12.51 -35.79 -4.61
N ASN A 575 -11.38 -36.14 -3.97
CA ASN A 575 -11.01 -35.59 -2.67
C ASN A 575 -10.22 -34.30 -2.87
N PRO A 576 -10.68 -33.15 -2.35
CA PRO A 576 -10.05 -31.86 -2.69
C PRO A 576 -8.59 -31.76 -2.28
N SER A 577 -7.78 -31.18 -3.16
CA SER A 577 -6.35 -31.16 -2.96
C SER A 577 -5.72 -29.80 -3.30
N GLY A 578 -6.52 -28.78 -3.58
CA GLY A 578 -5.95 -27.48 -3.89
C GLY A 578 -5.49 -26.74 -2.65
N LYS A 579 -4.59 -25.77 -2.85
CA LYS A 579 -4.04 -24.98 -1.76
C LYS A 579 -3.83 -23.55 -2.21
N LEU A 580 -4.10 -22.58 -1.33
CA LEU A 580 -4.07 -21.18 -1.72
C LEU A 580 -2.70 -20.78 -2.24
N THR A 581 -2.68 -19.97 -3.30
CA THR A 581 -1.44 -19.38 -3.78
C THR A 581 -1.42 -17.88 -3.55
N MSE A 582 -2.45 -17.35 -2.91
CA MSE A 582 -2.45 -15.97 -2.47
C MSE A 582 -3.05 -15.93 -1.07
O MSE A 582 -3.99 -16.66 -0.77
CB MSE A 582 -3.22 -15.11 -3.46
CG MSE A 582 -3.03 -13.65 -3.27
SE MSE A 582 -3.76 -12.65 -4.78
CE MSE A 582 -3.27 -10.88 -4.15
N THR A 583 -2.50 -15.06 -0.23
CA THR A 583 -2.92 -14.93 1.16
C THR A 583 -4.33 -14.33 1.25
N PHE A 584 -5.12 -14.82 2.22
CA PHE A 584 -6.48 -14.34 2.49
C PHE A 584 -6.45 -13.49 3.76
N PRO A 585 -6.33 -12.17 3.66
CA PRO A 585 -6.23 -11.33 4.86
C PRO A 585 -7.53 -11.35 5.64
N LYS A 586 -7.47 -10.83 6.88
CA LYS A 586 -8.69 -10.72 7.67
C LYS A 586 -9.53 -9.51 7.27
N ASN A 587 -8.90 -8.37 6.97
CA ASN A 587 -9.64 -7.19 6.52
C ASN A 587 -8.79 -6.43 5.52
N VAL A 588 -9.40 -5.42 4.89
CA VAL A 588 -8.76 -4.70 3.80
C VAL A 588 -7.64 -3.83 4.31
N GLY A 589 -7.72 -3.42 5.58
CA GLY A 589 -6.69 -2.62 6.21
C GLY A 589 -5.36 -3.33 6.39
N GLN A 590 -5.30 -4.65 6.17
CA GLN A 590 -4.04 -5.37 6.31
C GLN A 590 -3.21 -5.42 5.04
N ILE A 591 -3.65 -4.80 3.97
CA ILE A 591 -3.02 -4.97 2.66
C ILE A 591 -1.84 -4.01 2.54
N PRO A 592 -0.66 -4.47 2.09
CA PRO A 592 -0.41 -5.86 1.68
C PRO A 592 -0.04 -6.80 2.82
N LEU A 593 -0.61 -8.00 2.77
CA LEU A 593 -0.34 -9.07 3.73
C LEU A 593 0.12 -10.26 2.91
N PHE A 594 1.31 -10.76 3.18
CA PHE A 594 1.89 -11.81 2.37
C PHE A 594 2.87 -12.62 3.21
N TYR A 595 3.13 -13.86 2.75
CA TYR A 595 3.87 -14.80 3.58
C TYR A 595 5.37 -14.49 3.61
N ASN A 596 5.93 -13.89 2.56
CA ASN A 596 7.38 -13.70 2.49
C ASN A 596 7.77 -12.25 2.80
N HIS A 597 7.55 -11.84 4.06
CA HIS A 597 7.86 -10.50 4.52
C HIS A 597 9.15 -10.42 5.34
N LYS A 598 9.69 -9.21 5.44
CA LYS A 598 10.82 -9.00 6.33
C LYS A 598 10.39 -9.19 7.79
N ASN A 599 11.38 -9.42 8.66
CA ASN A 599 11.06 -9.62 10.06
C ASN A 599 10.74 -8.32 10.79
N THR A 600 11.31 -7.19 10.33
CA THR A 600 11.32 -5.88 11.00
C THR A 600 12.20 -5.94 12.25
N GLY A 601 12.41 -4.79 12.88
CA GLY A 601 13.21 -4.75 14.09
C GLY A 601 12.45 -4.90 15.37
N ARG A 602 11.12 -4.91 15.31
CA ARG A 602 10.26 -5.13 16.48
C ARG A 602 9.16 -6.12 16.15
N PRO A 603 9.50 -7.37 15.80
CA PRO A 603 8.45 -8.35 15.45
C PRO A 603 7.55 -8.67 16.64
N LEU A 604 6.26 -8.75 16.37
CA LEU A 604 5.34 -9.39 17.30
C LEU A 604 5.65 -10.87 17.37
N LEU A 605 6.14 -11.34 18.50
CA LEU A 605 6.43 -12.75 18.69
C LEU A 605 5.15 -13.57 18.81
N GLU A 606 5.31 -14.88 18.62
CA GLU A 606 4.21 -15.84 18.51
C GLU A 606 3.29 -15.81 19.73
N GLY A 607 2.01 -15.57 19.49
CA GLY A 607 1.01 -15.52 20.53
C GLY A 607 0.88 -14.22 21.29
N LYS A 608 1.63 -13.16 20.91
CA LYS A 608 1.76 -12.00 21.77
C LYS A 608 0.80 -10.85 21.45
N TRP A 609 -0.02 -10.96 20.41
CA TRP A 609 -1.00 -9.91 20.15
C TRP A 609 -1.97 -9.81 21.33
N PHE A 610 -2.17 -8.61 21.86
CA PHE A 610 -1.56 -7.36 21.41
C PHE A 610 -0.42 -6.97 22.33
N GLU A 611 0.64 -6.39 21.79
CA GLU A 611 1.75 -5.90 22.61
C GLU A 611 2.15 -4.50 22.16
N LYS A 612 2.11 -3.56 23.09
CA LYS A 612 2.54 -2.20 22.81
C LYS A 612 4.03 -2.17 22.49
N PHE A 613 4.36 -1.37 21.48
CA PHE A 613 5.70 -1.10 21.00
C PHE A 613 6.28 -2.25 20.19
N ARG A 614 5.42 -3.19 19.77
CA ARG A 614 5.71 -4.14 18.71
C ARG A 614 5.09 -3.69 17.39
N SER A 615 5.44 -4.39 16.33
CA SER A 615 4.86 -4.15 15.01
C SER A 615 3.57 -4.95 14.88
N ASN A 616 2.47 -4.35 15.34
CA ASN A 616 1.14 -4.96 15.23
C ASN A 616 0.10 -3.84 15.27
N TYR A 617 -1.15 -4.22 15.00
CA TYR A 617 -2.28 -3.30 14.98
C TYR A 617 -3.04 -3.30 16.29
N LEU A 618 -3.81 -2.22 16.50
CA LEU A 618 -4.68 -2.07 17.66
C LEU A 618 -5.90 -2.98 17.61
N ASP A 619 -6.44 -3.24 16.41
CA ASP A 619 -7.80 -3.76 16.31
C ASP A 619 -7.88 -5.12 15.61
N VAL A 620 -6.74 -5.74 15.30
CA VAL A 620 -6.68 -7.06 14.67
C VAL A 620 -5.26 -7.55 14.79
N ASP A 621 -5.05 -8.87 14.88
CA ASP A 621 -3.69 -9.39 14.97
C ASP A 621 -3.02 -9.34 13.60
N ASN A 622 -1.75 -9.73 13.54
CA ASN A 622 -1.01 -9.67 12.30
C ASN A 622 -1.33 -10.82 11.34
N ASP A 623 -2.06 -11.83 11.77
CA ASP A 623 -2.14 -13.06 11.00
C ASP A 623 -3.15 -12.93 9.86
N PRO A 624 -2.89 -13.58 8.73
CA PRO A 624 -3.94 -13.73 7.73
C PRO A 624 -5.05 -14.61 8.28
N LEU A 625 -6.20 -14.57 7.62
CA LEU A 625 -7.20 -15.60 7.89
C LEU A 625 -6.71 -16.95 7.39
N TYR A 626 -6.23 -17.01 6.14
CA TYR A 626 -5.66 -18.23 5.59
C TYR A 626 -4.29 -17.90 5.00
N PRO A 627 -3.24 -18.63 5.38
CA PRO A 627 -1.91 -18.34 4.85
C PRO A 627 -1.71 -18.88 3.43
N PHE A 628 -0.66 -18.38 2.79
CA PHE A 628 -0.14 -18.98 1.58
C PHE A 628 0.04 -20.49 1.75
N GLY A 629 -0.41 -21.24 0.76
CA GLY A 629 -0.25 -22.69 0.80
C GLY A 629 -1.31 -23.44 1.56
N TYR A 630 -2.31 -22.76 2.09
CA TYR A 630 -3.34 -23.39 2.90
C TYR A 630 -4.35 -24.17 2.07
N GLY A 631 -4.65 -25.40 2.50
CA GLY A 631 -5.67 -26.21 1.84
C GLY A 631 -6.00 -27.48 2.59
N LEU A 632 -7.27 -27.70 2.89
CA LEU A 632 -7.67 -28.89 3.64
C LEU A 632 -7.91 -30.09 2.71
N SER A 633 -8.12 -31.25 3.35
CA SER A 633 -8.43 -32.47 2.63
C SER A 633 -9.51 -33.23 3.39
N TYR A 634 -10.19 -34.14 2.69
CA TYR A 634 -11.10 -35.06 3.37
C TYR A 634 -10.34 -36.00 4.31
N THR A 635 -9.06 -36.19 4.07
CA THR A 635 -8.15 -37.00 4.85
C THR A 635 -7.10 -36.10 5.48
N ASN A 636 -6.41 -36.61 6.49
CA ASN A 636 -5.36 -35.86 7.15
C ASN A 636 -4.00 -36.43 6.75
N PHE A 637 -2.99 -35.57 6.78
CA PHE A 637 -1.63 -36.00 6.46
C PHE A 637 -0.73 -35.77 7.66
N GLN A 638 0.21 -36.70 7.86
CA GLN A 638 1.11 -36.67 8.99
C GLN A 638 2.54 -36.60 8.49
N TYR A 639 3.33 -35.69 9.06
CA TYR A 639 4.71 -35.49 8.67
C TYR A 639 5.67 -36.02 9.71
N SER A 640 6.73 -36.66 9.25
CA SER A 640 7.89 -36.93 10.09
C SER A 640 8.70 -35.65 10.24
N ASP A 641 9.71 -35.69 11.12
CA ASP A 641 10.72 -34.64 11.13
C ASP A 641 11.59 -34.74 9.88
N ILE A 642 12.41 -33.73 9.64
CA ILE A 642 13.19 -33.64 8.41
C ILE A 642 14.51 -34.38 8.57
N THR A 643 14.87 -35.14 7.53
CA THR A 643 16.17 -35.79 7.44
C THR A 643 17.01 -35.02 6.41
N LEU A 644 18.06 -34.35 6.90
CA LEU A 644 19.07 -33.73 6.04
C LEU A 644 20.21 -34.71 5.80
N SER A 645 20.71 -34.74 4.57
CA SER A 645 21.82 -35.62 4.25
C SER A 645 23.18 -35.08 4.71
N ALA A 646 23.20 -33.87 5.25
CA ALA A 646 24.36 -33.26 5.89
C ALA A 646 23.89 -31.97 6.56
N PRO A 647 24.68 -31.40 7.47
CA PRO A 647 24.25 -30.13 8.09
C PRO A 647 24.91 -28.92 7.45
N THR A 648 25.84 -29.14 6.54
CA THR A 648 26.56 -28.08 5.85
C THR A 648 26.59 -28.39 4.37
N MSE A 649 26.92 -27.38 3.57
CA MSE A 649 26.82 -27.51 2.12
C MSE A 649 28.15 -27.89 1.49
O MSE A 649 28.19 -28.61 0.49
CB MSE A 649 26.28 -26.22 1.53
CG MSE A 649 24.81 -26.03 1.76
SE MSE A 649 23.77 -27.18 0.59
CE MSE A 649 23.32 -25.87 -0.76
N GLY A 650 29.24 -27.42 2.10
CA GLY A 650 30.57 -27.74 1.58
C GLY A 650 30.82 -29.22 1.42
N GLN A 651 30.13 -30.07 2.20
CA GLN A 651 30.41 -31.50 2.22
C GLN A 651 30.27 -32.14 0.85
N ASP A 652 29.23 -31.78 0.10
CA ASP A 652 29.03 -32.32 -1.24
C ASP A 652 28.66 -31.26 -2.26
N GLY A 653 28.64 -29.99 -1.92
CA GLY A 653 28.10 -28.98 -2.80
C GLY A 653 26.58 -28.95 -2.89
N SER A 654 25.89 -29.91 -2.27
CA SER A 654 24.44 -29.86 -2.14
C SER A 654 24.06 -30.74 -0.95
N VAL A 655 22.77 -30.71 -0.61
CA VAL A 655 22.23 -31.49 0.49
C VAL A 655 20.80 -31.86 0.14
N THR A 656 20.28 -32.87 0.82
CA THR A 656 18.93 -33.39 0.57
C THR A 656 18.11 -33.30 1.85
N ALA A 657 16.89 -32.80 1.72
CA ALA A 657 15.97 -32.66 2.84
C ALA A 657 14.73 -33.51 2.55
N MSE A 658 14.53 -34.56 3.34
N MSE A 658 14.54 -34.55 3.35
CA MSE A 658 13.43 -35.47 3.09
CA MSE A 658 13.41 -35.44 3.13
C MSE A 658 12.54 -35.67 4.33
C MSE A 658 12.51 -35.54 4.35
O MSE A 658 13.02 -35.62 5.47
O MSE A 658 12.94 -35.31 5.48
CB MSE A 658 13.95 -36.83 2.57
CB MSE A 658 13.88 -36.83 2.70
CG MSE A 658 14.15 -37.93 3.62
CG MSE A 658 14.26 -37.76 3.86
SE MSE A 658 14.94 -39.60 2.94
SE MSE A 658 12.79 -38.88 4.52
CE MSE A 658 16.75 -38.95 2.63
CE MSE A 658 13.85 -40.41 5.13
N VAL A 659 11.24 -35.87 4.10
CA VAL A 659 10.29 -36.22 5.14
C VAL A 659 9.46 -37.39 4.59
N THR A 660 8.78 -38.08 5.49
CA THR A 660 7.80 -39.08 5.15
C THR A 660 6.43 -38.54 5.51
N VAL A 661 5.50 -38.56 4.56
CA VAL A 661 4.14 -38.09 4.78
C VAL A 661 3.24 -39.31 4.83
N THR A 662 2.38 -39.39 5.85
CA THR A 662 1.49 -40.53 6.02
C THR A 662 0.05 -40.05 5.94
N ASN A 663 -0.76 -40.73 5.15
CA ASN A 663 -2.19 -40.50 5.08
C ASN A 663 -2.84 -41.27 6.23
N THR A 664 -3.25 -40.56 7.28
CA THR A 664 -3.75 -41.19 8.49
C THR A 664 -5.27 -41.22 8.58
N GLY A 665 -5.97 -40.58 7.64
CA GLY A 665 -7.41 -40.56 7.62
C GLY A 665 -8.00 -41.68 6.77
N LYS A 666 -9.26 -41.51 6.43
CA LYS A 666 -10.06 -42.56 5.82
C LYS A 666 -10.19 -42.44 4.30
N TYR A 667 -9.45 -41.55 3.66
CA TYR A 667 -9.68 -41.26 2.25
C TYR A 667 -8.35 -41.21 1.50
N ASP A 668 -8.32 -41.88 0.34
CA ASP A 668 -7.26 -41.62 -0.62
C ASP A 668 -7.24 -40.13 -0.96
N GLY A 669 -6.05 -39.54 -0.97
CA GLY A 669 -5.96 -38.11 -1.16
C GLY A 669 -4.59 -37.65 -1.57
N ALA A 670 -4.54 -36.45 -2.16
CA ALA A 670 -3.32 -35.78 -2.55
C ALA A 670 -2.96 -34.68 -1.58
N GLU A 671 -1.66 -34.44 -1.45
CA GLU A 671 -1.12 -33.44 -0.54
C GLU A 671 -0.01 -32.68 -1.26
N VAL A 672 -0.08 -31.36 -1.20
CA VAL A 672 0.97 -30.49 -1.71
C VAL A 672 1.98 -30.30 -0.59
N VAL A 673 3.13 -30.94 -0.71
CA VAL A 673 4.23 -30.78 0.21
C VAL A 673 5.03 -29.56 -0.23
N GLN A 674 5.27 -28.64 0.69
CA GLN A 674 5.89 -27.38 0.35
C GLN A 674 7.23 -27.26 1.06
N LEU A 675 8.21 -26.70 0.34
CA LEU A 675 9.56 -26.48 0.85
C LEU A 675 9.78 -25.00 1.08
N TYR A 676 10.07 -24.61 2.32
CA TYR A 676 10.35 -23.22 2.64
C TYR A 676 11.76 -23.11 3.20
N ILE A 677 12.39 -21.97 2.97
CA ILE A 677 13.77 -21.73 3.40
C ILE A 677 13.85 -20.35 4.04
N ARG A 678 14.62 -20.23 5.12
CA ARG A 678 14.86 -18.95 5.78
C ARG A 678 16.35 -18.66 5.83
N ASP A 679 16.78 -17.58 5.16
CA ASP A 679 18.14 -17.05 5.30
C ASP A 679 18.17 -16.17 6.55
N LEU A 680 18.79 -16.67 7.61
CA LEU A 680 18.64 -16.08 8.94
C LEU A 680 19.32 -14.72 9.04
N VAL A 681 20.56 -14.62 8.55
CA VAL A 681 21.32 -13.36 8.61
C VAL A 681 21.70 -12.97 7.19
N GLY A 682 21.36 -11.75 6.80
CA GLY A 682 21.78 -11.24 5.50
C GLY A 682 22.56 -9.96 5.61
N SER A 683 23.29 -9.61 4.53
CA SER A 683 23.82 -8.26 4.41
C SER A 683 22.72 -7.24 4.23
N ILE A 684 21.50 -7.70 3.98
CA ILE A 684 20.27 -6.93 3.96
C ILE A 684 19.22 -7.85 4.59
N THR A 685 18.10 -7.28 5.01
CA THR A 685 17.07 -8.09 5.65
C THR A 685 16.50 -9.09 4.65
N ARG A 686 16.38 -10.33 5.08
CA ARG A 686 15.85 -11.41 4.26
C ARG A 686 14.46 -11.81 4.76
N PRO A 687 13.63 -12.39 3.89
CA PRO A 687 12.28 -12.79 4.34
C PRO A 687 12.31 -13.88 5.39
N VAL A 688 11.20 -14.02 6.11
CA VAL A 688 11.12 -15.06 7.14
C VAL A 688 10.84 -16.44 6.56
N LYS A 689 10.41 -16.52 5.30
CA LYS A 689 10.50 -17.76 4.54
C LYS A 689 10.25 -17.45 3.07
N GLU A 690 10.83 -18.30 2.23
CA GLU A 690 10.62 -18.27 0.79
C GLU A 690 10.26 -19.65 0.32
N LEU A 691 9.16 -19.76 -0.43
CA LEU A 691 8.91 -20.99 -1.16
C LEU A 691 10.10 -21.29 -2.06
N LYS A 692 10.73 -22.45 -1.86
CA LYS A 692 11.81 -22.87 -2.75
C LYS A 692 11.60 -24.26 -3.35
N GLY A 693 10.45 -24.89 -3.14
CA GLY A 693 10.18 -26.19 -3.74
C GLY A 693 8.81 -26.68 -3.35
N PHE A 694 8.32 -27.64 -4.12
CA PHE A 694 7.03 -28.23 -3.80
C PHE A 694 6.90 -29.52 -4.57
N ASP A 695 5.94 -30.35 -4.13
CA ASP A 695 5.76 -31.70 -4.65
C ASP A 695 4.35 -32.13 -4.27
N LYS A 696 3.50 -32.37 -5.25
CA LYS A 696 2.14 -32.83 -5.01
C LYS A 696 2.09 -34.35 -5.19
N ILE A 697 1.80 -35.06 -4.11
CA ILE A 697 1.82 -36.52 -4.10
C ILE A 697 0.42 -37.03 -3.78
N PHE A 698 0.12 -38.20 -4.31
CA PHE A 698 -1.13 -38.90 -3.99
C PHE A 698 -0.83 -40.03 -3.01
N LEU A 699 -1.70 -40.19 -2.02
CA LEU A 699 -1.55 -41.22 -0.99
C LEU A 699 -2.89 -41.92 -0.78
N LYS A 700 -2.88 -43.24 -0.95
CA LYS A 700 -3.99 -44.05 -0.51
C LYS A 700 -4.14 -43.91 1.00
N ALA A 701 -5.37 -44.03 1.48
CA ALA A 701 -5.63 -43.91 2.91
C ALA A 701 -4.88 -45.01 3.64
N GLY A 702 -3.91 -44.62 4.48
CA GLY A 702 -3.08 -45.54 5.22
C GLY A 702 -1.63 -45.54 4.76
N GLU A 703 -1.36 -45.22 3.50
CA GLU A 703 -0.02 -45.36 2.98
C GLU A 703 0.80 -44.09 3.22
N SER A 704 2.11 -44.25 3.20
CA SER A 704 3.09 -43.19 3.41
C SER A 704 4.05 -43.14 2.23
N LYS A 705 4.79 -42.04 2.14
CA LYS A 705 5.78 -41.85 1.08
C LYS A 705 6.84 -40.87 1.55
N THR A 706 8.05 -41.02 1.03
CA THR A 706 9.09 -40.03 1.26
C THR A 706 9.06 -38.99 0.16
N VAL A 707 9.27 -37.74 0.56
CA VAL A 707 9.37 -36.60 -0.34
C VAL A 707 10.71 -35.95 -0.05
N SER A 708 11.59 -35.94 -1.04
CA SER A 708 12.92 -35.38 -0.90
C SER A 708 13.03 -34.10 -1.73
N PHE A 709 13.82 -33.15 -1.25
CA PHE A 709 14.14 -31.93 -1.98
C PHE A 709 15.66 -31.75 -1.98
N LYS A 710 16.23 -31.51 -3.16
CA LYS A 710 17.67 -31.28 -3.27
C LYS A 710 17.92 -29.79 -3.07
N ILE A 711 18.71 -29.47 -2.04
CA ILE A 711 19.06 -28.08 -1.76
C ILE A 711 20.40 -27.79 -2.44
N THR A 712 20.41 -26.82 -3.34
CA THR A 712 21.61 -26.45 -4.04
C THR A 712 21.99 -25.02 -3.70
N PRO A 713 23.26 -24.66 -3.85
CA PRO A 713 23.67 -23.25 -3.63
C PRO A 713 22.88 -22.27 -4.50
N GLU A 714 22.48 -22.69 -5.71
CA GLU A 714 21.61 -21.84 -6.51
C GLU A 714 20.31 -21.54 -5.79
N LEU A 715 19.73 -22.54 -5.13
CA LEU A 715 18.46 -22.33 -4.46
C LEU A 715 18.54 -21.28 -3.35
N LEU A 716 19.75 -20.92 -2.89
CA LEU A 716 19.90 -20.00 -1.78
C LEU A 716 20.24 -18.58 -2.22
N ARG A 717 20.39 -18.34 -3.51
CA ARG A 717 20.79 -17.03 -4.01
C ARG A 717 19.67 -15.99 -3.85
N PHE A 718 20.06 -14.72 -3.96
CA PHE A 718 19.19 -13.56 -3.82
C PHE A 718 19.99 -12.35 -4.28
N TYR A 719 19.28 -11.33 -4.74
CA TYR A 719 19.93 -10.09 -5.17
C TYR A 719 20.24 -9.25 -3.93
N ASP A 720 21.53 -9.07 -3.64
CA ASP A 720 21.95 -8.29 -2.49
C ASP A 720 21.74 -6.80 -2.81
N TYR A 721 22.32 -5.93 -1.97
CA TYR A 721 22.06 -4.49 -2.10
C TYR A 721 22.59 -3.92 -3.41
N GLU A 722 23.80 -4.33 -3.84
CA GLU A 722 24.31 -3.92 -5.15
C GLU A 722 23.71 -4.71 -6.32
N LEU A 723 22.71 -5.55 -6.07
CA LEU A 723 22.02 -6.36 -7.07
C LEU A 723 22.89 -7.47 -7.65
N ASN A 724 23.94 -7.86 -6.93
CA ASN A 724 24.65 -9.10 -7.24
C ASN A 724 23.82 -10.28 -6.74
N TYR A 725 23.63 -11.28 -7.61
CA TYR A 725 22.90 -12.49 -7.28
C TYR A 725 23.86 -13.46 -6.57
N VAL A 726 23.73 -13.59 -5.25
CA VAL A 726 24.75 -14.25 -4.44
C VAL A 726 24.11 -15.11 -3.36
N ALA A 727 24.87 -16.11 -2.92
CA ALA A 727 24.55 -16.83 -1.71
C ALA A 727 25.60 -16.47 -0.67
N GLU A 728 25.15 -16.08 0.50
CA GLU A 728 26.09 -15.69 1.55
C GLU A 728 26.25 -16.82 2.55
N PRO A 729 27.47 -17.09 3.01
CA PRO A 729 27.65 -18.11 4.05
C PRO A 729 26.91 -17.71 5.32
N GLY A 730 26.57 -18.70 6.12
CA GLY A 730 25.78 -18.53 7.31
C GLY A 730 24.65 -19.55 7.35
N ASP A 731 23.75 -19.36 8.30
CA ASP A 731 22.75 -20.36 8.63
C ASP A 731 21.45 -20.16 7.86
N PHE A 732 20.79 -21.26 7.58
CA PHE A 732 19.46 -21.29 7.00
C PHE A 732 18.59 -22.21 7.86
N ASP A 733 17.28 -21.98 7.83
CA ASP A 733 16.30 -22.94 8.32
C ASP A 733 15.64 -23.58 7.12
N ILE A 734 15.65 -24.91 7.07
CA ILE A 734 14.98 -25.65 6.01
C ILE A 734 13.65 -26.13 6.58
N MSE A 735 12.56 -25.76 5.92
CA MSE A 735 11.25 -26.17 6.41
C MSE A 735 10.46 -26.95 5.39
O MSE A 735 10.61 -26.74 4.21
CB MSE A 735 10.47 -24.94 6.88
CG MSE A 735 11.01 -24.36 8.17
SE MSE A 735 10.67 -22.43 8.34
CE MSE A 735 11.97 -21.81 7.01
N ILE A 736 9.65 -27.92 5.84
CA ILE A 736 8.78 -28.66 4.94
C ILE A 736 7.43 -28.84 5.63
N GLY A 737 6.35 -28.65 4.87
CA GLY A 737 5.02 -28.80 5.44
C GLY A 737 3.92 -28.59 4.41
N GLY A 738 2.68 -28.64 4.91
CA GLY A 738 1.45 -28.56 4.14
C GLY A 738 0.88 -27.16 3.95
N ASN A 739 1.59 -26.13 4.42
CA ASN A 739 1.36 -24.71 4.18
C ASN A 739 2.45 -23.93 4.92
N SER A 740 2.57 -22.64 4.60
CA SER A 740 3.62 -21.77 5.08
C SER A 740 3.55 -21.51 6.58
N GLN A 741 2.55 -22.05 7.28
CA GLN A 741 2.45 -21.93 8.73
C GLN A 741 2.65 -23.25 9.46
N SER A 742 2.45 -24.39 8.80
CA SER A 742 2.65 -25.72 9.39
C SER A 742 3.88 -26.33 8.73
N VAL A 743 5.02 -26.29 9.43
CA VAL A 743 6.28 -26.79 8.90
C VAL A 743 7.08 -27.49 9.98
N LYS A 744 7.79 -28.55 9.57
CA LYS A 744 8.92 -29.07 10.34
C LYS A 744 10.16 -28.28 9.97
N THR A 745 11.10 -28.16 10.90
CA THR A 745 12.26 -27.32 10.70
C THR A 745 13.54 -28.11 10.95
N THR A 746 14.53 -27.85 10.12
CA THR A 746 15.90 -28.27 10.35
C THR A 746 16.82 -27.14 9.92
N HIS A 747 18.12 -27.36 10.02
CA HIS A 747 19.08 -26.26 10.07
C HIS A 747 20.30 -26.61 9.25
N LEU A 748 20.62 -25.74 8.30
CA LEU A 748 21.74 -25.92 7.37
C LEU A 748 22.59 -24.67 7.38
N SER A 749 23.86 -24.82 7.02
CA SER A 749 24.73 -23.66 6.84
C SER A 749 25.56 -23.85 5.57
N LEU A 750 25.98 -22.75 4.97
CA LEU A 750 26.67 -22.81 3.69
C LEU A 750 28.15 -22.43 3.82
N PRO B 6 35.34 31.32 13.93
CA PRO B 6 34.71 30.00 13.89
C PRO B 6 35.65 28.89 14.34
N GLN B 7 36.86 29.27 14.74
CA GLN B 7 37.91 28.33 15.11
C GLN B 7 38.09 28.17 16.61
N ASP B 8 37.38 28.96 17.43
CA ASP B 8 37.52 28.85 18.87
C ASP B 8 37.02 27.49 19.37
N MSE B 9 35.94 27.01 18.78
CA MSE B 9 35.35 25.72 19.12
C MSE B 9 36.28 24.56 18.85
O MSE B 9 36.44 23.65 19.67
CB MSE B 9 34.04 25.52 18.34
CG MSE B 9 33.33 24.22 18.68
SE MSE B 9 31.68 23.96 17.67
CE MSE B 9 32.47 23.89 15.89
N ASP B 10 36.89 24.59 17.66
CA ASP B 10 37.76 23.50 17.25
C ASP B 10 38.98 23.38 18.16
N ARG B 11 39.70 24.49 18.36
CA ARG B 11 40.84 24.50 19.27
C ARG B 11 40.45 23.94 20.63
N PHE B 12 39.27 24.31 21.12
CA PHE B 12 38.83 23.83 22.43
C PHE B 12 38.60 22.33 22.42
N ILE B 13 37.86 21.83 21.41
CA ILE B 13 37.53 20.41 21.38
C ILE B 13 38.74 19.56 21.04
N ASP B 14 39.67 20.07 20.22
CA ASP B 14 40.94 19.36 20.05
C ASP B 14 41.66 19.18 21.38
N ALA B 15 41.68 20.24 22.20
CA ALA B 15 42.36 20.16 23.49
C ALA B 15 41.70 19.14 24.41
N LEU B 16 40.37 19.08 24.41
CA LEU B 16 39.67 18.11 25.28
C LEU B 16 39.85 16.70 24.76
N MSE B 17 39.78 16.50 23.45
CA MSE B 17 39.80 15.18 22.87
C MSE B 17 41.17 14.55 22.99
O MSE B 17 41.29 13.35 23.19
CB MSE B 17 39.35 15.21 21.41
CG MSE B 17 37.86 15.48 21.27
SE MSE B 17 37.14 15.07 19.50
CE MSE B 17 37.61 13.17 19.52
N LYS B 18 42.22 15.38 22.91
CA LYS B 18 43.56 14.84 23.11
C LYS B 18 43.83 14.42 24.55
N LYS B 19 42.92 14.67 25.48
CA LYS B 19 43.02 14.13 26.83
C LYS B 19 42.19 12.85 27.04
N MSE B 20 41.45 12.41 26.03
CA MSE B 20 40.48 11.34 26.24
C MSE B 20 41.00 9.95 25.88
O MSE B 20 41.55 9.73 24.79
CB MSE B 20 39.21 11.63 25.43
CG MSE B 20 38.53 12.92 25.87
SE MSE B 20 36.90 13.40 24.93
CE MSE B 20 35.63 12.19 25.78
N THR B 21 40.84 9.01 26.83
CA THR B 21 41.02 7.61 26.51
C THR B 21 39.97 7.16 25.49
N VAL B 22 40.26 6.05 24.82
CA VAL B 22 39.31 5.50 23.85
C VAL B 22 37.95 5.28 24.50
N GLU B 23 37.94 4.68 25.69
CA GLU B 23 36.68 4.37 26.38
C GLU B 23 35.82 5.61 26.59
N GLU B 24 36.44 6.71 27.04
CA GLU B 24 35.70 7.95 27.27
C GLU B 24 35.17 8.55 25.97
N LYS B 25 35.88 8.38 24.85
CA LYS B 25 35.34 8.79 23.55
C LYS B 25 34.08 8.00 23.21
N ILE B 26 34.13 6.69 23.44
CA ILE B 26 32.95 5.83 23.27
C ILE B 26 31.87 6.16 24.29
N GLY B 27 32.26 6.58 25.49
CA GLY B 27 31.28 7.01 26.46
C GLY B 27 30.41 8.14 25.94
N GLN B 28 31.02 9.15 25.33
CA GLN B 28 30.28 10.29 24.82
C GLN B 28 29.16 9.86 23.87
N LEU B 29 29.33 8.71 23.22
CA LEU B 29 28.38 8.17 22.27
C LEU B 29 27.22 7.42 22.92
N ASN B 30 27.05 7.51 24.22
CA ASN B 30 26.14 6.62 24.93
C ASN B 30 24.97 7.43 25.47
N LEU B 31 23.74 7.00 25.12
CA LEU B 31 22.52 7.70 25.50
C LEU B 31 21.56 6.76 26.21
N PRO B 32 21.74 6.55 27.52
CA PRO B 32 20.80 5.72 28.28
C PRO B 32 19.62 6.54 28.80
N VAL B 33 18.56 5.81 29.16
CA VAL B 33 17.44 6.38 29.92
C VAL B 33 17.85 6.51 31.40
N SER B 34 17.07 7.30 32.14
CA SER B 34 17.55 7.72 33.46
C SER B 34 17.38 6.65 34.53
N GLY B 35 16.28 5.90 34.50
CA GLY B 35 16.08 4.85 35.50
C GLY B 35 14.74 4.92 36.21
N SER B 45 21.91 5.44 42.75
CA SER B 45 22.73 5.80 41.59
C SER B 45 22.07 5.30 40.30
N ASP B 46 21.13 6.11 39.78
CA ASP B 46 20.25 5.66 38.70
C ASP B 46 20.99 5.50 37.38
N VAL B 47 22.04 6.29 37.15
CA VAL B 47 23.00 6.08 36.06
C VAL B 47 24.31 6.62 36.60
N ALA B 48 24.30 6.98 37.88
CA ALA B 48 25.45 7.60 38.54
C ALA B 48 26.67 6.68 38.59
N LYS B 49 26.50 5.36 38.50
CA LYS B 49 27.67 4.52 38.31
C LYS B 49 28.25 4.73 36.93
N LYS B 50 27.41 4.72 35.90
CA LYS B 50 27.88 4.88 34.53
C LYS B 50 28.54 6.24 34.33
N ILE B 51 27.89 7.31 34.82
CA ILE B 51 28.42 8.67 34.62
C ILE B 51 29.79 8.80 35.27
N GLU B 52 29.96 8.20 36.45
CA GLU B 52 31.23 8.35 37.16
C GLU B 52 32.39 7.74 36.38
N GLN B 53 32.15 6.67 35.65
CA GLN B 53 33.18 6.02 34.85
C GLN B 53 33.33 6.65 33.46
N GLY B 54 32.72 7.82 33.24
CA GLY B 54 32.79 8.54 31.98
C GLY B 54 32.09 7.87 30.82
N LEU B 55 31.03 7.11 31.08
CA LEU B 55 30.40 6.28 30.06
C LEU B 55 29.02 6.76 29.66
N VAL B 56 28.70 8.04 29.85
CA VAL B 56 27.39 8.57 29.49
C VAL B 56 27.55 9.92 28.78
N GLY B 57 27.04 10.02 27.55
CA GLY B 57 27.08 11.29 26.84
C GLY B 57 25.86 12.16 27.08
N GLY B 58 24.75 11.55 27.48
CA GLY B 58 23.56 12.30 27.83
C GLY B 58 22.53 11.36 28.41
N LEU B 59 21.40 11.95 28.81
CA LEU B 59 20.29 11.19 29.37
C LEU B 59 18.99 11.65 28.71
N LEU B 60 18.02 10.75 28.63
CA LEU B 60 16.68 11.11 28.16
C LEU B 60 15.64 10.71 29.19
N ASN B 61 14.52 11.44 29.18
CA ASN B 61 13.37 11.18 30.05
C ASN B 61 13.68 11.37 31.53
N LEU B 62 14.66 12.20 31.88
CA LEU B 62 14.81 12.67 33.25
C LEU B 62 14.03 13.98 33.39
N LYS B 63 13.07 14.01 34.31
CA LYS B 63 12.15 15.14 34.44
C LYS B 63 12.34 15.81 35.78
N GLY B 64 12.56 17.12 35.75
CA GLY B 64 12.86 17.86 36.97
C GLY B 64 14.16 18.62 36.89
N VAL B 65 14.10 19.95 36.96
CA VAL B 65 15.30 20.77 36.81
C VAL B 65 16.29 20.47 37.93
N GLU B 66 15.79 20.27 39.15
CA GLU B 66 16.64 19.97 40.29
C GLU B 66 17.29 18.60 40.15
N LYS B 67 16.49 17.60 39.77
CA LYS B 67 17.02 16.27 39.47
C LYS B 67 18.04 16.31 38.34
N ILE B 68 17.75 17.06 37.28
CA ILE B 68 18.70 17.23 36.18
C ILE B 68 19.94 17.97 36.66
N ARG B 69 19.76 18.96 37.54
CA ARG B 69 20.92 19.70 38.06
C ARG B 69 21.80 18.80 38.93
N ASP B 70 21.19 17.93 39.76
CA ASP B 70 21.96 17.03 40.60
C ASP B 70 22.76 16.05 39.76
N VAL B 71 22.08 15.37 38.82
CA VAL B 71 22.73 14.45 37.89
C VAL B 71 23.88 15.16 37.15
N GLN B 72 23.63 16.38 36.69
CA GLN B 72 24.64 17.12 35.93
C GLN B 72 25.83 17.50 36.81
N LYS B 73 25.56 17.89 38.06
CA LYS B 73 26.65 18.09 39.02
C LYS B 73 27.47 16.82 39.22
N LEU B 74 26.89 15.64 38.96
CA LEU B 74 27.66 14.40 39.03
C LEU B 74 28.63 14.29 37.87
N ALA B 75 28.20 14.70 36.68
CA ALA B 75 29.05 14.63 35.50
C ALA B 75 30.14 15.67 35.53
N ILE B 76 29.89 16.82 36.17
CA ILE B 76 30.92 17.84 36.31
C ILE B 76 31.95 17.42 37.35
N GLU B 77 31.49 17.00 38.54
CA GLU B 77 32.35 16.89 39.72
C GLU B 77 32.86 15.47 39.99
N LYS B 78 32.15 14.43 39.54
CA LYS B 78 32.49 13.05 39.85
C LYS B 78 33.04 12.26 38.66
N SER B 79 33.05 12.82 37.46
CA SER B 79 33.70 12.14 36.35
C SER B 79 35.07 12.78 36.11
N ARG B 80 36.02 11.95 35.67
CA ARG B 80 37.41 12.39 35.54
C ARG B 80 37.52 13.70 34.74
N LEU B 81 36.72 13.87 33.69
CA LEU B 81 36.91 15.01 32.81
C LEU B 81 35.85 16.10 32.97
N GLY B 82 34.74 15.81 33.63
CA GLY B 82 33.77 16.86 33.87
C GLY B 82 33.01 17.29 32.63
N ILE B 83 32.91 16.45 31.62
CA ILE B 83 32.13 16.74 30.44
C ILE B 83 30.66 16.76 30.81
N PRO B 84 29.94 17.86 30.56
CA PRO B 84 28.54 17.96 30.98
C PRO B 84 27.65 17.15 30.05
N LEU B 85 26.42 16.91 30.52
CA LEU B 85 25.43 16.10 29.85
C LEU B 85 24.43 16.96 29.06
N ILE B 86 23.85 16.36 28.02
CA ILE B 86 22.62 16.86 27.41
C ILE B 86 21.45 16.04 27.92
N PHE B 87 20.33 16.72 28.18
CA PHE B 87 19.14 16.08 28.72
C PHE B 87 18.02 16.21 27.71
N GLY B 88 17.55 15.07 27.20
CA GLY B 88 16.61 15.01 26.10
C GLY B 88 15.23 14.63 26.59
N MSE B 89 14.22 15.05 25.84
CA MSE B 89 12.86 14.56 26.07
C MSE B 89 12.01 14.77 24.81
O MSE B 89 12.30 15.64 23.97
CB MSE B 89 12.25 15.27 27.29
CG MSE B 89 10.94 14.66 27.73
SE MSE B 89 10.15 15.55 29.25
CE MSE B 89 11.43 15.05 30.63
N ASP B 90 10.97 13.94 24.63
CA ASP B 90 10.04 14.09 23.50
C ASP B 90 9.09 15.24 23.81
N VAL B 91 9.55 16.47 23.57
CA VAL B 91 8.69 17.64 23.67
C VAL B 91 8.21 17.95 22.27
N VAL B 92 7.02 17.44 21.94
CA VAL B 92 6.55 17.35 20.55
C VAL B 92 5.63 18.50 20.18
N HIS B 93 4.65 18.77 21.03
CA HIS B 93 3.71 19.84 20.86
C HIS B 93 3.37 20.41 22.23
N GLY B 94 4.39 20.54 23.07
CA GLY B 94 4.22 21.20 24.35
C GLY B 94 4.86 20.45 25.49
N TYR B 95 5.21 21.19 26.54
CA TYR B 95 5.74 20.64 27.77
C TYR B 95 4.61 20.44 28.78
N GLU B 96 4.12 21.53 29.39
CA GLU B 96 2.92 21.44 30.22
C GLU B 96 1.78 22.28 29.69
N THR B 97 2.07 23.44 29.10
CA THR B 97 1.15 24.05 28.14
C THR B 97 1.21 23.21 26.88
N ILE B 98 0.10 22.53 26.57
CA ILE B 98 0.05 21.57 25.47
C ILE B 98 -0.67 22.22 24.29
N PHE B 99 0.04 22.34 23.18
CA PHE B 99 -0.56 22.81 21.96
C PHE B 99 -1.22 21.63 21.27
N PRO B 100 -2.10 21.87 20.30
CA PRO B 100 -2.71 20.75 19.57
C PRO B 100 -1.64 19.80 19.05
N ILE B 101 -2.02 18.54 18.86
CA ILE B 101 -1.10 17.56 18.29
C ILE B 101 -0.63 18.06 16.93
N PRO B 102 0.63 17.78 16.54
CA PRO B 102 1.18 18.32 15.29
C PRO B 102 0.26 18.24 14.07
N LEU B 103 -0.39 17.09 13.86
CA LEU B 103 -1.26 16.95 12.69
C LEU B 103 -2.38 17.99 12.71
N GLY B 104 -3.08 18.12 13.84
CA GLY B 104 -4.01 19.22 13.97
C GLY B 104 -3.33 20.58 13.92
N LEU B 105 -2.09 20.66 14.42
CA LEU B 105 -1.38 21.94 14.38
C LEU B 105 -1.04 22.34 12.95
N SER B 106 -0.72 21.35 12.10
CA SER B 106 -0.36 21.67 10.73
C SER B 106 -1.55 22.25 9.98
N CYS B 107 -2.78 21.94 10.43
CA CYS B 107 -3.98 22.42 9.76
C CYS B 107 -4.21 23.92 9.95
N SER B 108 -3.45 24.57 10.84
CA SER B 108 -3.59 26.02 10.96
C SER B 108 -2.98 26.73 9.77
N TRP B 109 -2.00 26.11 9.10
CA TRP B 109 -1.28 26.70 7.97
C TRP B 109 -0.62 28.03 8.35
N ASP B 110 -0.36 28.23 9.64
CA ASP B 110 0.10 29.51 10.19
C ASP B 110 1.52 29.30 10.72
N MSE B 111 2.53 29.55 9.88
CA MSE B 111 3.91 29.22 10.25
C MSE B 111 4.37 30.07 11.43
O MSE B 111 5.12 29.61 12.28
CB MSE B 111 4.84 29.41 9.05
CG MSE B 111 4.51 28.55 7.84
SE MSE B 111 4.59 26.65 8.27
CE MSE B 111 2.66 26.33 8.38
N GLU B 112 3.90 31.31 11.47
CA GLU B 112 4.28 32.19 12.57
C GLU B 112 3.73 31.69 13.90
N ALA B 113 2.46 31.25 13.91
CA ALA B 113 1.91 30.68 15.13
C ALA B 113 2.56 29.34 15.46
N ILE B 114 3.05 28.62 14.45
CA ILE B 114 3.67 27.34 14.71
C ILE B 114 5.05 27.53 15.34
N ARG B 115 5.85 28.42 14.77
CA ARG B 115 7.12 28.77 15.39
C ARG B 115 6.95 29.30 16.81
N LYS B 116 5.85 29.99 17.10
CA LYS B 116 5.65 30.43 18.47
C LYS B 116 5.26 29.27 19.40
N SER B 117 4.68 28.20 18.87
CA SER B 117 4.34 27.06 19.72
C SER B 117 5.59 26.31 20.17
N ALA B 118 6.57 26.16 19.27
CA ALA B 118 7.87 25.61 19.67
C ALA B 118 8.63 26.58 20.56
N ARG B 119 8.47 27.88 20.36
CA ARG B 119 9.15 28.82 21.24
C ARG B 119 8.65 28.64 22.67
N VAL B 120 7.34 28.51 22.84
CA VAL B 120 6.78 28.34 24.18
C VAL B 120 7.22 27.00 24.78
N ALA B 121 7.11 25.91 24.01
CA ALA B 121 7.54 24.61 24.51
C ALA B 121 9.00 24.65 24.94
N ALA B 122 9.86 25.25 24.11
CA ALA B 122 11.27 25.41 24.45
C ALA B 122 11.47 26.21 25.74
N ILE B 123 10.74 27.31 25.89
CA ILE B 123 10.86 28.15 27.08
C ILE B 123 10.49 27.33 28.32
N GLU B 124 9.43 26.52 28.24
CA GLU B 124 9.04 25.71 29.38
C GLU B 124 10.01 24.56 29.60
N ALA B 125 10.49 23.94 28.53
CA ALA B 125 11.36 22.77 28.66
C ALA B 125 12.74 23.16 29.19
N SER B 126 13.34 24.22 28.66
CA SER B 126 14.61 24.70 29.22
C SER B 126 14.45 25.10 30.69
N ALA B 127 13.38 25.84 31.01
CA ALA B 127 13.15 26.28 32.39
C ALA B 127 13.22 25.13 33.39
N ASP B 128 12.87 23.92 32.94
CA ASP B 128 12.89 22.72 33.74
C ASP B 128 14.09 21.83 33.40
N GLY B 129 15.13 22.39 32.77
CA GLY B 129 16.41 21.73 32.66
C GLY B 129 16.67 20.97 31.38
N ILE B 130 15.69 20.87 30.49
CA ILE B 130 15.88 20.11 29.26
C ILE B 130 16.62 20.97 28.24
N SER B 131 17.66 20.40 27.63
CA SER B 131 18.45 21.10 26.63
C SER B 131 18.20 20.61 25.20
N TRP B 132 17.36 19.58 25.01
CA TRP B 132 17.34 18.83 23.76
C TRP B 132 15.98 18.14 23.61
N THR B 133 15.26 18.45 22.54
CA THR B 133 13.95 17.86 22.29
C THR B 133 13.98 16.98 21.05
N PHE B 134 13.19 15.92 21.05
CA PHE B 134 13.10 15.02 19.90
C PHE B 134 11.89 15.45 19.06
N SER B 135 12.13 16.36 18.12
CA SER B 135 11.11 17.15 17.42
C SER B 135 11.82 18.14 16.51
N PRO B 136 11.23 18.53 15.37
CA PRO B 136 9.90 18.18 14.89
C PRO B 136 9.91 16.80 14.22
N MSE B 137 8.75 16.13 14.27
CA MSE B 137 8.55 14.91 13.51
C MSE B 137 7.99 15.32 12.16
O MSE B 137 6.92 15.94 12.07
CB MSE B 137 7.63 13.96 14.27
CG MSE B 137 7.43 12.60 13.62
SE MSE B 137 6.14 12.59 12.15
CE MSE B 137 5.62 10.71 12.28
N VAL B 138 8.72 15.02 11.09
CA VAL B 138 8.40 15.50 9.76
C VAL B 138 8.22 14.35 8.76
N ASP B 139 8.06 13.12 9.24
CA ASP B 139 7.76 11.99 8.36
C ASP B 139 6.55 12.30 7.48
N ILE B 140 6.74 12.29 6.15
CA ILE B 140 5.59 12.36 5.24
C ILE B 140 4.80 11.07 5.34
N SER B 141 3.46 11.17 5.42
CA SER B 141 2.64 9.96 5.32
C SER B 141 1.40 10.15 4.46
N ARG B 142 1.11 9.12 3.69
CA ARG B 142 -0.13 9.00 2.93
C ARG B 142 -0.98 7.82 3.40
N ASP B 143 -0.65 7.24 4.56
CA ASP B 143 -1.38 6.09 5.10
C ASP B 143 -1.97 6.43 6.46
N PRO B 144 -3.26 6.78 6.54
CA PRO B 144 -3.85 7.17 7.83
C PRO B 144 -4.09 6.01 8.78
N ARG B 145 -3.80 4.76 8.36
CA ARG B 145 -3.75 3.62 9.30
C ARG B 145 -2.68 3.82 10.39
N TRP B 146 -1.60 4.49 10.06
CA TRP B 146 -0.46 4.66 10.95
C TRP B 146 -0.78 5.64 12.06
N GLY B 147 -0.73 5.17 13.31
CA GLY B 147 -0.98 6.07 14.43
C GLY B 147 -0.10 7.31 14.49
N ARG B 148 1.06 7.29 13.85
CA ARG B 148 2.01 8.37 14.06
C ARG B 148 1.81 9.55 13.12
N VAL B 149 0.82 9.49 12.21
CA VAL B 149 0.44 10.68 11.47
C VAL B 149 0.02 11.80 12.42
N SER B 150 -0.40 11.45 13.63
CA SER B 150 -0.72 12.47 14.62
C SER B 150 0.47 13.38 14.91
N GLU B 151 1.69 12.83 14.86
CA GLU B 151 2.90 13.55 15.22
C GLU B 151 3.51 14.36 14.07
N GLY B 152 2.90 14.33 12.89
CA GLY B 152 3.50 14.88 11.70
C GLY B 152 2.78 16.09 11.14
N ASN B 153 3.03 16.36 9.86
CA ASN B 153 2.54 17.58 9.23
C ASN B 153 1.64 17.34 8.04
N GLY B 154 1.25 16.10 7.75
CA GLY B 154 0.39 15.80 6.61
C GLY B 154 1.16 15.13 5.47
N GLU B 155 0.51 15.08 4.30
CA GLU B 155 1.05 14.32 3.17
C GLU B 155 1.92 15.16 2.22
N ASP B 156 2.07 16.46 2.47
CA ASP B 156 2.72 17.23 1.41
C ASP B 156 4.10 17.74 1.82
N PRO B 157 5.09 17.62 0.95
CA PRO B 157 6.46 17.95 1.37
C PRO B 157 6.78 19.44 1.40
N PHE B 158 6.06 20.28 0.63
CA PHE B 158 6.29 21.71 0.74
C PHE B 158 5.70 22.26 2.03
N LEU B 159 4.52 21.78 2.40
CA LEU B 159 3.97 22.20 3.68
C LEU B 159 4.81 21.64 4.82
N GLY B 160 5.17 20.36 4.73
CA GLY B 160 5.94 19.73 5.80
C GLY B 160 7.29 20.40 6.00
N GLY B 161 7.91 20.84 4.92
CA GLY B 161 9.20 21.49 5.03
C GLY B 161 9.10 22.86 5.70
N ALA B 162 8.07 23.63 5.37
CA ALA B 162 7.91 24.93 6.01
C ALA B 162 7.72 24.78 7.52
N ILE B 163 6.94 23.79 7.95
CA ILE B 163 6.71 23.59 9.37
C ILE B 163 7.96 23.07 10.05
N ALA B 164 8.70 22.18 9.38
CA ALA B 164 10.02 21.80 9.86
C ALA B 164 10.83 23.02 10.26
N LYS B 165 10.89 24.01 9.34
CA LYS B 165 11.65 25.24 9.58
C LYS B 165 11.03 26.07 10.70
N ALA B 166 9.71 26.26 10.65
CA ALA B 166 9.00 26.92 11.73
C ALA B 166 9.35 26.32 13.10
N MSE B 167 9.35 25.00 13.19
CA MSE B 167 9.58 24.31 14.46
C MSE B 167 11.04 24.41 14.93
O MSE B 167 11.31 24.61 16.09
CB MSE B 167 9.18 22.83 14.34
CG MSE B 167 7.69 22.59 14.15
SE MSE B 167 6.69 23.00 15.77
CE MSE B 167 6.79 21.20 16.59
N VAL B 168 11.98 24.21 14.01
CA VAL B 168 13.38 24.23 14.39
C VAL B 168 13.81 25.66 14.72
N SER B 169 13.28 26.63 13.97
CA SER B 169 13.48 28.03 14.32
C SER B 169 12.86 28.34 15.68
N GLY B 170 11.67 27.78 15.93
CA GLY B 170 11.05 27.97 17.23
C GLY B 170 11.90 27.46 18.37
N TYR B 171 12.49 26.27 18.19
CA TYR B 171 13.24 25.66 19.29
C TYR B 171 14.56 26.37 19.55
N GLN B 172 15.30 26.71 18.47
CA GLN B 172 16.73 27.03 18.54
C GLN B 172 17.06 28.50 18.34
N GLY B 173 16.16 29.27 17.72
CA GLY B 173 16.46 30.64 17.33
C GLY B 173 16.25 30.88 15.85
N ILE B 174 15.92 32.12 15.50
CA ILE B 174 15.55 32.43 14.12
C ILE B 174 16.76 32.66 13.22
N ASP B 175 17.86 33.18 13.77
CA ASP B 175 19.06 33.42 12.97
C ASP B 175 19.93 32.17 13.02
N LEU B 176 19.94 31.42 11.92
CA LEU B 176 20.69 30.17 11.85
C LEU B 176 22.17 30.37 12.15
N ASN B 177 22.65 31.60 12.07
CA ASN B 177 24.01 31.94 12.43
C ASN B 177 24.14 32.40 13.87
N ASN B 178 23.05 32.35 14.63
CA ASN B 178 23.01 32.85 16.00
C ASN B 178 21.95 32.06 16.77
N GLN B 179 22.23 30.78 17.03
CA GLN B 179 21.27 29.87 17.63
C GLN B 179 21.79 29.34 18.96
N LEU B 180 20.85 28.91 19.81
CA LEU B 180 21.10 28.23 21.07
C LEU B 180 21.91 29.08 22.06
N LYS B 181 22.02 30.39 21.83
CA LYS B 181 22.80 31.25 22.72
C LYS B 181 22.03 31.62 23.98
N ARG B 182 20.71 31.64 23.91
CA ARG B 182 19.85 31.94 25.04
C ARG B 182 19.58 30.70 25.87
N ASN B 183 19.29 30.91 27.15
CA ASN B 183 18.92 29.80 28.02
C ASN B 183 17.45 29.39 27.87
N ASP B 184 16.72 29.92 26.89
CA ASP B 184 15.41 29.39 26.56
C ASP B 184 15.36 28.82 25.14
N GLU B 185 16.50 28.68 24.49
CA GLU B 185 16.61 27.99 23.22
C GLU B 185 17.25 26.65 23.47
N ILE B 186 16.71 25.60 22.84
CA ILE B 186 17.13 24.23 23.03
C ILE B 186 17.39 23.61 21.66
N MSE B 187 18.20 22.55 21.64
CA MSE B 187 18.54 21.87 20.42
C MSE B 187 17.39 20.95 20.01
O MSE B 187 16.93 20.15 20.80
CB MSE B 187 19.83 21.06 20.57
CG MSE B 187 20.18 20.20 19.37
SE MSE B 187 21.99 19.42 19.45
CE MSE B 187 23.09 21.00 19.13
N ALA B 188 16.94 21.09 18.76
CA ALA B 188 15.90 20.25 18.21
C ALA B 188 16.53 19.00 17.59
N CYS B 189 15.67 18.04 17.25
CA CYS B 189 16.09 16.80 16.61
C CYS B 189 15.04 16.39 15.59
N VAL B 190 15.39 16.41 14.30
CA VAL B 190 14.42 16.07 13.27
C VAL B 190 14.33 14.55 13.13
N LYS B 191 13.10 14.04 13.07
CA LYS B 191 12.85 12.61 13.05
C LYS B 191 11.67 12.35 12.11
N HIS B 192 11.57 11.12 11.60
CA HIS B 192 12.57 10.06 11.76
C HIS B 192 13.16 9.74 10.39
N PHE B 193 14.45 10.01 10.25
CA PHE B 193 15.19 9.93 8.99
C PHE B 193 15.52 8.47 8.72
N ALA B 194 14.89 7.88 7.71
CA ALA B 194 13.94 8.57 6.83
C ALA B 194 12.84 7.60 6.42
N LEU B 195 11.72 8.14 5.94
CA LEU B 195 10.63 7.42 5.26
C LEU B 195 9.76 6.63 6.21
N TYR B 196 9.87 6.88 7.51
CA TYR B 196 9.15 6.07 8.50
C TYR B 196 7.63 6.10 8.31
N GLY B 197 7.10 7.09 7.59
CA GLY B 197 5.67 7.18 7.30
C GLY B 197 5.16 6.32 6.17
N ALA B 198 6.01 5.55 5.52
CA ALA B 198 5.57 4.68 4.45
C ALA B 198 5.58 3.22 4.87
N GLY B 199 5.59 2.97 6.18
CA GLY B 199 5.54 1.63 6.73
C GLY B 199 4.46 0.83 6.03
N GLU B 200 4.80 -0.39 5.61
CA GLU B 200 3.89 -1.15 4.76
C GLU B 200 2.61 -1.54 5.53
N ALA B 201 1.48 -1.49 4.82
CA ALA B 201 0.16 -1.82 5.37
C ALA B 201 -0.21 -0.94 6.57
N GLY B 202 0.43 0.23 6.67
CA GLY B 202 0.19 1.18 7.74
C GLY B 202 0.51 0.68 9.12
N ARG B 203 1.33 -0.36 9.25
CA ARG B 203 1.65 -0.98 10.53
C ARG B 203 3.00 -0.46 11.00
N ASP B 204 3.04 0.11 12.21
CA ASP B 204 4.23 0.75 12.72
C ASP B 204 5.42 -0.22 12.72
N TYR B 205 6.61 0.32 12.45
CA TYR B 205 7.90 -0.38 12.34
C TYR B 205 7.99 -1.30 11.13
N ASN B 206 6.93 -1.45 10.33
CA ASN B 206 6.95 -2.41 9.23
C ASN B 206 7.81 -1.90 8.07
N THR B 207 8.03 -2.80 7.12
CA THR B 207 8.90 -2.58 5.98
C THR B 207 8.52 -1.34 5.19
N VAL B 208 9.53 -0.63 4.70
CA VAL B 208 9.36 0.48 3.79
C VAL B 208 10.18 0.19 2.54
N ASP B 209 9.54 0.31 1.39
CA ASP B 209 10.25 0.15 0.12
C ASP B 209 9.70 1.15 -0.90
N MSE B 210 10.61 1.81 -1.60
CA MSE B 210 10.24 2.74 -2.65
C MSE B 210 11.47 3.08 -3.50
O MSE B 210 12.59 2.74 -3.16
CB MSE B 210 9.62 4.03 -2.05
CG MSE B 210 10.59 4.89 -1.26
SE MSE B 210 9.79 6.60 -0.65
CE MSE B 210 8.47 5.88 0.60
N SER B 211 11.24 3.72 -4.64
CA SER B 211 12.33 4.11 -5.52
C SER B 211 13.12 5.28 -4.95
N ARG B 212 14.33 5.48 -5.45
CA ARG B 212 15.08 6.69 -5.09
C ARG B 212 14.38 7.93 -5.60
N ASN B 213 13.71 7.81 -6.75
CA ASN B 213 13.01 8.96 -7.32
C ASN B 213 11.83 9.38 -6.45
N ARG B 214 11.05 8.43 -5.96
CA ARG B 214 9.92 8.79 -5.11
C ARG B 214 10.39 9.40 -3.80
N MSE B 215 11.43 8.82 -3.21
CA MSE B 215 12.02 9.38 -2.00
C MSE B 215 12.20 10.87 -2.10
O MSE B 215 11.68 11.62 -1.27
CB MSE B 215 13.38 8.74 -1.72
CG MSE B 215 13.30 7.36 -1.13
SE MSE B 215 15.07 6.68 -0.85
CE MSE B 215 14.61 4.78 -0.70
N PHE B 216 12.91 11.32 -3.14
CA PHE B 216 13.31 12.72 -3.23
C PHE B 216 12.22 13.64 -3.80
N ASN B 217 11.35 13.16 -4.68
CA ASN B 217 10.25 14.01 -5.12
C ASN B 217 9.10 14.05 -4.12
N GLU B 218 8.98 13.04 -3.24
CA GLU B 218 7.73 12.93 -2.50
C GLU B 218 7.87 12.86 -0.98
N TYR B 219 9.02 12.41 -0.47
CA TYR B 219 9.15 12.04 0.94
C TYR B 219 10.29 12.72 1.67
N MSE B 220 11.31 13.19 0.97
CA MSE B 220 12.57 13.51 1.61
C MSE B 220 12.77 14.98 2.05
O MSE B 220 13.52 15.25 2.97
CB MSE B 220 13.70 13.12 0.66
CG MSE B 220 14.95 12.72 1.34
SE MSE B 220 14.89 10.97 2.21
CE MSE B 220 16.80 10.76 2.19
N TYR B 221 12.11 15.91 1.38
CA TYR B 221 12.45 17.31 1.59
C TYR B 221 12.23 17.82 3.03
N PRO B 222 11.26 17.32 3.81
CA PRO B 222 11.11 17.89 5.16
C PRO B 222 12.33 17.71 6.04
N TYR B 223 13.06 16.60 5.90
CA TYR B 223 14.30 16.41 6.66
C TYR B 223 15.34 17.43 6.24
N GLN B 224 15.51 17.61 4.93
CA GLN B 224 16.49 18.58 4.44
C GLN B 224 16.11 19.99 4.89
N ALA B 225 14.83 20.36 4.76
CA ALA B 225 14.40 21.68 5.23
C ALA B 225 14.81 21.90 6.68
N ALA B 226 14.69 20.86 7.52
CA ALA B 226 15.09 20.98 8.92
C ALA B 226 16.60 21.17 9.02
N VAL B 227 17.38 20.42 8.26
CA VAL B 227 18.83 20.60 8.24
C VAL B 227 19.17 22.02 7.81
N ASP B 228 18.50 22.53 6.78
CA ASP B 228 18.74 23.90 6.31
C ASP B 228 18.31 24.92 7.35
N ALA B 229 17.32 24.57 8.17
CA ALA B 229 16.87 25.44 9.25
C ALA B 229 17.86 25.47 10.42
N GLY B 230 18.96 24.72 10.34
CA GLY B 230 19.95 24.69 11.40
C GLY B 230 19.76 23.60 12.44
N VAL B 231 18.91 22.60 12.18
CA VAL B 231 18.61 21.60 13.20
C VAL B 231 19.91 20.94 13.69
N GLY B 232 20.07 20.86 15.01
CA GLY B 232 21.34 20.43 15.55
C GLY B 232 21.57 18.94 15.45
N SER B 233 20.49 18.13 15.51
CA SER B 233 20.61 16.68 15.53
C SER B 233 19.53 16.05 14.66
N VAL B 234 19.70 14.77 14.36
CA VAL B 234 18.87 13.99 13.43
C VAL B 234 18.69 12.58 13.99
N MSE B 235 17.46 12.06 13.94
CA MSE B 235 17.22 10.75 14.53
C MSE B 235 16.92 9.65 13.51
O MSE B 235 15.95 9.74 12.75
CB MSE B 235 16.08 10.80 15.57
CG MSE B 235 15.64 9.40 16.06
SE MSE B 235 14.17 9.38 17.35
CE MSE B 235 15.07 10.36 18.82
N ALA B 236 17.78 8.65 13.47
CA ALA B 236 17.59 7.50 12.57
C ALA B 236 16.28 6.79 12.86
N SER B 237 15.60 6.35 11.82
CA SER B 237 14.30 5.74 12.03
C SER B 237 14.40 4.22 12.26
N PHE B 238 13.27 3.63 12.69
CA PHE B 238 13.18 2.19 12.94
C PHE B 238 13.09 1.34 11.67
N ASN B 239 12.72 1.92 10.54
CA ASN B 239 12.34 1.16 9.35
C ASN B 239 13.53 0.78 8.50
N GLU B 240 13.41 -0.33 7.76
CA GLU B 240 14.42 -0.60 6.76
C GLU B 240 14.16 0.23 5.51
N ILE B 241 15.22 0.44 4.74
CA ILE B 241 15.24 1.24 3.53
C ILE B 241 16.18 0.55 2.58
N ASP B 242 15.69 0.22 1.38
CA ASP B 242 16.44 -0.61 0.44
C ASP B 242 16.99 -1.84 1.13
N GLY B 243 16.20 -2.38 2.07
CA GLY B 243 16.55 -3.59 2.77
C GLY B 243 17.62 -3.45 3.83
N ILE B 244 18.08 -2.23 4.08
CA ILE B 244 19.05 -1.94 5.13
C ILE B 244 18.34 -1.07 6.18
N PRO B 245 18.25 -1.50 7.43
CA PRO B 245 17.66 -0.66 8.47
C PRO B 245 18.34 0.71 8.49
N ALA B 246 17.53 1.75 8.64
CA ALA B 246 18.05 3.11 8.47
C ALA B 246 19.27 3.37 9.33
N THR B 247 19.35 2.71 10.49
CA THR B 247 20.46 2.91 11.40
C THR B 247 21.77 2.35 10.85
N ALA B 248 21.71 1.44 9.88
CA ALA B 248 22.90 0.91 9.24
C ALA B 248 23.13 1.48 7.85
N ASN B 249 22.29 2.41 7.42
CA ASN B 249 22.24 2.85 6.03
C ASN B 249 23.23 3.98 5.81
N LYS B 250 24.37 3.66 5.20
CA LYS B 250 25.43 4.62 5.00
C LYS B 250 25.15 5.53 3.80
N TRP B 251 24.49 4.99 2.76
CA TRP B 251 24.00 5.85 1.70
C TRP B 251 23.17 6.98 2.29
N LEU B 252 22.24 6.65 3.19
CA LEU B 252 21.38 7.63 3.83
C LEU B 252 22.16 8.60 4.71
N MSE B 253 22.87 8.08 5.70
CA MSE B 253 23.40 8.91 6.79
C MSE B 253 24.64 9.73 6.42
O MSE B 253 24.94 10.73 7.06
CB MSE B 253 23.73 8.04 8.01
CG MSE B 253 22.54 7.29 8.59
SE MSE B 253 21.21 8.48 9.31
CE MSE B 253 19.72 7.25 9.50
N THR B 254 25.36 9.28 5.39
CA THR B 254 26.59 9.92 4.96
C THR B 254 26.49 10.51 3.55
N ASP B 255 26.10 9.70 2.56
CA ASP B 255 25.99 10.21 1.19
C ASP B 255 24.92 11.28 1.09
N VAL B 256 23.70 10.97 1.53
CA VAL B 256 22.60 11.92 1.44
C VAL B 256 22.73 13.00 2.51
N LEU B 257 22.80 12.58 3.78
CA LEU B 257 22.61 13.51 4.89
C LEU B 257 23.76 14.51 4.99
N ARG B 258 25.01 14.07 4.82
CA ARG B 258 26.15 14.96 4.94
C ARG B 258 26.71 15.42 3.61
N LYS B 259 27.05 14.49 2.72
CA LYS B 259 27.72 14.87 1.47
C LYS B 259 26.82 15.70 0.57
N GLN B 260 25.55 15.36 0.49
CA GLN B 260 24.63 16.05 -0.40
C GLN B 260 23.97 17.25 0.29
N TRP B 261 23.45 17.04 1.50
CA TRP B 261 22.70 18.05 2.21
C TRP B 261 23.54 18.96 3.10
N GLY B 262 24.77 18.57 3.42
CA GLY B 262 25.63 19.41 4.23
C GLY B 262 25.33 19.46 5.71
N PHE B 263 24.68 18.43 6.26
CA PHE B 263 24.40 18.38 7.70
C PHE B 263 25.67 18.34 8.53
N ASP B 264 25.72 19.19 9.58
CA ASP B 264 26.90 19.40 10.42
C ASP B 264 26.74 18.87 11.84
N GLY B 265 25.53 18.56 12.27
CA GLY B 265 25.28 18.08 13.61
C GLY B 265 25.54 16.60 13.72
N PHE B 266 24.78 15.94 14.59
CA PHE B 266 25.02 14.54 14.90
C PHE B 266 23.72 13.76 14.78
N VAL B 267 23.87 12.44 14.53
CA VAL B 267 22.75 11.52 14.33
C VAL B 267 22.61 10.63 15.57
N VAL B 268 21.41 10.62 16.15
CA VAL B 268 21.09 9.74 17.27
C VAL B 268 20.09 8.69 16.80
N THR B 269 20.14 7.51 17.41
CA THR B 269 19.19 6.45 17.10
C THR B 269 17.86 6.70 17.79
N ASP B 270 16.81 6.01 17.31
CA ASP B 270 15.58 5.89 18.07
C ASP B 270 15.78 4.84 19.15
N PHE B 271 14.76 4.62 19.97
CA PHE B 271 14.92 3.80 21.19
C PHE B 271 15.35 2.37 20.88
N THR B 272 16.53 2.00 21.40
CA THR B 272 17.20 0.72 21.12
C THR B 272 17.24 0.40 19.62
N GLY B 273 17.52 1.41 18.80
CA GLY B 273 17.53 1.20 17.37
C GLY B 273 18.60 0.22 16.91
N ILE B 274 19.79 0.29 17.52
CA ILE B 274 20.90 -0.54 17.07
C ILE B 274 20.65 -2.02 17.38
N SER B 275 20.22 -2.31 18.62
N SER B 275 20.22 -2.31 18.62
CA SER B 275 20.01 -3.72 18.96
CA SER B 275 19.98 -3.70 18.98
C SER B 275 18.83 -4.32 18.19
C SER B 275 18.85 -4.31 18.17
N GLU B 276 17.82 -3.52 17.87
CA GLU B 276 16.70 -4.04 17.11
C GLU B 276 17.09 -4.43 15.68
N MSE B 277 18.30 -4.05 15.23
CA MSE B 277 18.85 -4.52 13.96
C MSE B 277 19.23 -6.01 14.00
O MSE B 277 19.41 -6.64 12.94
CB MSE B 277 20.08 -3.67 13.57
CG MSE B 277 19.70 -2.21 13.27
SE MSE B 277 21.05 -1.25 12.27
CE MSE B 277 22.40 -0.93 13.63
N ILE B 278 19.35 -6.57 15.20
CA ILE B 278 19.49 -8.03 15.30
C ILE B 278 18.19 -8.68 14.83
N ALA B 279 17.06 -8.19 15.34
CA ALA B 279 15.78 -8.73 14.88
C ALA B 279 15.54 -8.42 13.41
N HIS B 280 16.10 -7.31 12.91
CA HIS B 280 16.01 -7.02 11.48
C HIS B 280 16.57 -8.17 10.67
N GLY B 281 17.66 -8.77 11.14
CA GLY B 281 18.24 -9.94 10.50
C GLY B 281 19.55 -9.63 9.79
N ILE B 282 20.32 -8.67 10.32
CA ILE B 282 21.56 -8.30 9.66
C ILE B 282 22.79 -8.52 10.52
N GLY B 283 22.63 -9.15 11.70
CA GLY B 283 23.79 -9.69 12.38
C GLY B 283 23.72 -9.51 13.88
N ASP B 284 24.85 -9.80 14.55
CA ASP B 284 24.92 -9.76 16.00
C ASP B 284 25.20 -8.33 16.47
N LEU B 285 25.30 -8.16 17.79
CA LEU B 285 25.35 -6.81 18.35
C LEU B 285 26.62 -6.08 17.91
N GLN B 286 27.77 -6.74 17.97
CA GLN B 286 29.00 -6.09 17.52
C GLN B 286 28.93 -5.70 16.04
N THR B 287 28.39 -6.59 15.19
CA THR B 287 28.40 -6.37 13.73
C THR B 287 27.50 -5.20 13.34
N VAL B 288 26.28 -5.14 13.89
CA VAL B 288 25.39 -4.03 13.55
C VAL B 288 25.84 -2.75 14.23
N SER B 289 26.45 -2.86 15.41
CA SER B 289 26.98 -1.66 16.05
C SER B 289 28.09 -1.02 15.20
N ALA B 290 28.96 -1.85 14.63
CA ALA B 290 30.01 -1.32 13.77
C ALA B 290 29.43 -0.70 12.51
N ARG B 291 28.45 -1.37 11.90
CA ARG B 291 27.88 -0.87 10.65
C ARG B 291 27.26 0.50 10.84
N ALA B 292 26.54 0.70 11.94
CA ALA B 292 25.87 1.98 12.19
C ALA B 292 26.87 3.11 12.38
N LEU B 293 27.92 2.90 13.20
CA LEU B 293 28.92 3.94 13.38
C LEU B 293 29.69 4.20 12.09
N ASN B 294 30.03 3.14 11.35
CA ASN B 294 30.55 3.32 10.00
C ASN B 294 29.57 4.04 9.08
N ALA B 295 28.26 3.97 9.36
CA ALA B 295 27.30 4.61 8.46
C ALA B 295 27.12 6.09 8.74
N GLY B 296 27.47 6.57 9.93
CA GLY B 296 27.22 7.96 10.25
C GLY B 296 26.32 8.15 11.45
N VAL B 297 26.07 7.09 12.22
CA VAL B 297 25.35 7.23 13.47
C VAL B 297 26.35 7.56 14.56
N ASP B 298 26.04 8.59 15.35
CA ASP B 298 26.95 9.12 16.36
C ASP B 298 26.57 8.78 17.78
N MSE B 299 25.27 8.70 18.09
CA MSE B 299 24.84 8.47 19.46
C MSE B 299 23.82 7.36 19.59
O MSE B 299 22.88 7.28 18.84
CB MSE B 299 24.26 9.76 20.06
CG MSE B 299 24.28 9.75 21.56
SE MSE B 299 23.64 11.44 22.32
CE MSE B 299 25.02 11.70 23.68
N ASP B 300 24.05 6.52 20.60
CA ASP B 300 23.39 5.22 20.74
C ASP B 300 22.38 5.31 21.88
N MSE B 301 21.09 5.30 21.54
CA MSE B 301 20.04 5.43 22.53
C MSE B 301 19.70 4.07 23.15
O MSE B 301 19.06 3.22 22.50
CB MSE B 301 18.78 6.06 21.91
CG MSE B 301 17.68 6.34 22.93
SE MSE B 301 16.14 7.25 22.15
CE MSE B 301 16.98 8.96 21.72
N VAL B 302 20.18 3.88 24.37
CA VAL B 302 19.84 2.78 25.27
C VAL B 302 20.39 1.43 24.80
N SER B 303 20.58 1.25 23.50
CA SER B 303 20.98 -0.07 22.98
C SER B 303 22.24 -0.60 23.65
N GLU B 304 23.17 0.29 24.03
CA GLU B 304 24.46 -0.07 24.60
C GLU B 304 25.33 -0.81 23.61
N GLY B 305 25.05 -0.62 22.31
CA GLY B 305 25.83 -1.29 21.29
C GLY B 305 27.20 -0.67 21.07
N PHE B 306 27.31 0.66 21.24
CA PHE B 306 28.60 1.33 21.09
C PHE B 306 29.52 1.08 22.29
N THR B 307 28.99 1.20 23.50
CA THR B 307 29.82 0.87 24.66
C THR B 307 30.11 -0.62 24.72
N GLY B 308 29.22 -1.45 24.18
CA GLY B 308 29.44 -2.87 24.28
C GLY B 308 30.43 -3.44 23.30
N THR B 309 30.68 -2.78 22.17
CA THR B 309 31.43 -3.44 21.10
C THR B 309 32.41 -2.56 20.34
N ILE B 310 32.30 -1.23 20.38
CA ILE B 310 33.07 -0.37 19.45
C ILE B 310 34.57 -0.58 19.64
N LYS B 311 35.05 -0.59 20.89
CA LYS B 311 36.49 -0.73 21.11
C LYS B 311 36.98 -2.09 20.62
N LYS B 312 36.21 -3.14 20.88
CA LYS B 312 36.51 -4.48 20.35
C LYS B 312 36.65 -4.45 18.83
N SER B 313 35.75 -3.73 18.14
CA SER B 313 35.78 -3.65 16.68
C SER B 313 36.95 -2.80 16.18
N ILE B 314 37.36 -1.79 16.96
CA ILE B 314 38.57 -1.06 16.62
C ILE B 314 39.79 -1.97 16.77
N ASP B 315 39.85 -2.71 17.88
CA ASP B 315 40.97 -3.62 18.09
C ASP B 315 41.06 -4.65 16.96
N GLU B 316 39.90 -5.12 16.47
CA GLU B 316 39.85 -6.08 15.38
C GLU B 316 40.00 -5.46 14.00
N GLY B 317 40.06 -4.13 13.89
CA GLY B 317 40.26 -3.49 12.61
C GLY B 317 39.01 -3.24 11.80
N LYS B 318 37.81 -3.36 12.40
CA LYS B 318 36.56 -3.09 11.70
C LYS B 318 36.08 -1.65 11.83
N ILE B 319 36.69 -0.85 12.71
CA ILE B 319 36.38 0.57 12.85
C ILE B 319 37.69 1.31 13.06
N SER B 320 37.88 2.40 12.33
CA SER B 320 39.06 3.22 12.54
C SER B 320 38.83 4.18 13.70
N MSE B 321 39.94 4.64 14.30
CA MSE B 321 39.92 5.63 15.35
C MSE B 321 39.33 6.91 14.78
O MSE B 321 38.46 7.54 15.40
CB MSE B 321 41.32 5.89 15.91
CG MSE B 321 41.37 6.74 17.16
SE MSE B 321 40.29 5.96 18.59
CE MSE B 321 41.11 4.20 18.55
N GLU B 322 39.80 7.27 13.58
CA GLU B 322 39.28 8.44 12.90
C GLU B 322 37.75 8.42 12.84
N THR B 323 37.17 7.24 12.59
CA THR B 323 35.71 7.14 12.59
C THR B 323 35.15 7.37 13.98
N LEU B 324 35.80 6.82 15.02
CA LEU B 324 35.36 7.09 16.38
C LEU B 324 35.52 8.56 16.73
N ASP B 325 36.63 9.18 16.32
CA ASP B 325 36.85 10.58 16.64
C ASP B 325 35.83 11.48 15.95
N LYS B 326 35.43 11.13 14.72
CA LYS B 326 34.37 11.87 14.04
C LYS B 326 33.09 11.88 14.86
N ALA B 327 32.62 10.70 15.26
CA ALA B 327 31.38 10.63 16.04
C ALA B 327 31.52 11.36 17.38
N CYS B 328 32.68 11.23 18.04
CA CYS B 328 32.86 11.89 19.32
C CYS B 328 32.88 13.41 19.16
N ARG B 329 33.50 13.89 18.08
CA ARG B 329 33.65 15.32 17.90
C ARG B 329 32.29 16.00 17.74
N ARG B 330 31.35 15.34 17.07
CA ARG B 330 30.05 15.95 16.84
C ARG B 330 29.21 15.99 18.10
N ILE B 331 29.35 15.01 18.99
CA ILE B 331 28.72 15.11 20.29
C ILE B 331 29.27 16.33 21.04
N LEU B 332 30.59 16.47 21.04
CA LEU B 332 31.22 17.56 21.78
C LEU B 332 30.87 18.92 21.19
N GLU B 333 30.76 19.01 19.86
CA GLU B 333 30.34 20.25 19.21
C GLU B 333 28.91 20.60 19.56
N ALA B 334 28.04 19.59 19.68
CA ALA B 334 26.69 19.83 20.14
C ALA B 334 26.68 20.52 21.50
N LYS B 335 27.44 19.96 22.45
CA LYS B 335 27.50 20.54 23.79
C LYS B 335 28.09 21.95 23.76
N TYR B 336 29.13 22.16 22.95
CA TYR B 336 29.72 23.49 22.83
C TYR B 336 28.70 24.48 22.32
N LYS B 337 28.04 24.14 21.19
CA LYS B 337 27.04 25.03 20.60
C LYS B 337 25.92 25.36 21.58
N LEU B 338 25.57 24.45 22.47
CA LEU B 338 24.61 24.75 23.52
C LEU B 338 25.19 25.64 24.63
N GLY B 339 26.48 25.98 24.59
CA GLY B 339 27.11 26.72 25.67
C GLY B 339 27.39 25.93 26.92
N LEU B 340 27.38 24.59 26.85
CA LEU B 340 27.38 23.75 28.04
C LEU B 340 28.76 23.64 28.68
N PHE B 341 29.84 23.56 27.88
CA PHE B 341 31.18 23.59 28.47
C PHE B 341 31.43 24.89 29.23
N ASP B 342 30.99 26.00 28.66
CA ASP B 342 31.17 27.30 29.28
C ASP B 342 30.29 27.46 30.52
N ASN B 343 29.07 26.94 30.48
CA ASN B 343 28.16 26.97 31.63
C ASN B 343 27.39 25.65 31.66
N PRO B 344 27.86 24.67 32.45
CA PRO B 344 27.17 23.38 32.49
C PRO B 344 25.77 23.46 33.08
N TYR B 345 25.41 24.56 33.74
CA TYR B 345 24.15 24.70 34.45
C TYR B 345 23.25 25.73 33.79
N LYS B 346 23.50 26.02 32.51
CA LYS B 346 22.77 27.05 31.78
C LYS B 346 21.26 26.89 31.93
N TYR B 347 20.80 25.64 32.01
CA TYR B 347 19.38 25.30 32.05
C TYR B 347 18.88 24.90 33.44
N CYS B 348 19.67 25.14 34.48
CA CYS B 348 19.39 24.59 35.81
C CYS B 348 19.11 25.73 36.79
N ASP B 349 17.98 26.40 36.55
CA ASP B 349 17.54 27.55 37.35
C ASP B 349 16.27 27.11 38.09
N LEU B 350 16.43 26.80 39.39
CA LEU B 350 15.34 26.31 40.21
C LEU B 350 14.24 27.33 40.44
N LYS B 351 14.47 28.60 40.09
CA LYS B 351 13.41 29.60 40.12
C LYS B 351 12.67 29.73 38.80
N ARG B 352 13.11 29.06 37.74
CA ARG B 352 12.51 29.29 36.44
C ARG B 352 11.20 28.54 36.24
N PRO B 353 11.03 27.31 36.80
CA PRO B 353 9.72 26.66 36.70
C PRO B 353 8.52 27.55 37.03
N LYS B 354 8.53 28.21 38.19
CA LYS B 354 7.40 29.07 38.56
C LYS B 354 7.26 30.25 37.61
N ARG B 355 8.37 30.70 37.01
CA ARG B 355 8.29 31.86 36.13
C ARG B 355 7.74 31.52 34.75
N ASP B 356 8.14 30.36 34.17
CA ASP B 356 8.01 30.14 32.74
C ASP B 356 7.01 29.05 32.34
N ILE B 357 6.56 28.21 33.26
CA ILE B 357 5.82 27.00 32.95
C ILE B 357 4.35 27.19 33.28
N PHE B 358 3.50 26.99 32.28
CA PHE B 358 2.04 26.98 32.45
C PHE B 358 1.51 28.34 32.93
N THR B 359 2.12 29.42 32.43
CA THR B 359 1.62 30.77 32.71
C THR B 359 0.34 31.07 31.91
N LYS B 360 -0.37 32.11 32.33
CA LYS B 360 -1.51 32.61 31.56
C LYS B 360 -1.13 32.94 30.13
N GLU B 361 0.03 33.59 29.94
CA GLU B 361 0.45 33.97 28.59
C GLU B 361 0.64 32.76 27.69
N HIS B 362 1.32 31.73 28.19
CA HIS B 362 1.49 30.52 27.39
C HIS B 362 0.13 29.90 27.06
N ARG B 363 -0.76 29.78 28.05
CA ARG B 363 -2.02 29.11 27.78
C ARG B 363 -2.87 29.92 26.80
N ASP B 364 -2.82 31.26 26.92
CA ASP B 364 -3.50 32.12 25.95
C ASP B 364 -3.11 31.75 24.51
N ALA B 365 -1.82 31.69 24.24
CA ALA B 365 -1.31 31.35 22.91
C ALA B 365 -1.70 29.94 22.50
N ALA B 366 -1.81 29.01 23.44
CA ALA B 366 -2.24 27.66 23.07
C ALA B 366 -3.70 27.66 22.62
N ARG B 367 -4.55 28.33 23.38
CA ARG B 367 -5.96 28.44 23.04
C ARG B 367 -6.15 29.09 21.68
N LYS B 368 -5.44 30.20 21.44
CA LYS B 368 -5.52 30.89 20.15
C LYS B 368 -5.19 29.96 18.97
N ILE B 369 -4.06 29.25 19.03
CA ILE B 369 -3.67 28.44 17.88
C ILE B 369 -4.60 27.23 17.74
N ALA B 370 -5.01 26.62 18.86
CA ALA B 370 -5.97 25.52 18.83
C ALA B 370 -7.24 25.93 18.11
N GLY B 371 -7.83 27.06 18.50
CA GLY B 371 -8.98 27.57 17.78
C GLY B 371 -8.72 27.76 16.31
N GLU B 372 -7.48 28.12 15.95
CA GLU B 372 -7.15 28.42 14.57
C GLU B 372 -6.65 27.20 13.81
N SER B 373 -6.74 26.00 14.42
CA SER B 373 -6.33 24.74 13.82
C SER B 373 -7.46 23.77 13.57
N PHE B 374 -8.57 23.87 14.32
CA PHE B 374 -9.69 22.97 14.07
C PHE B 374 -10.18 23.19 12.66
N VAL B 375 -10.62 22.11 12.02
CA VAL B 375 -11.16 22.23 10.67
C VAL B 375 -12.67 22.09 10.74
N LEU B 376 -13.37 23.06 10.16
CA LEU B 376 -14.82 22.95 9.98
C LEU B 376 -15.09 22.11 8.73
N LEU B 377 -15.54 20.88 8.93
CA LEU B 377 -15.74 19.96 7.83
C LEU B 377 -17.12 20.10 7.19
N LYS B 378 -18.10 20.60 7.93
CA LYS B 378 -19.47 20.57 7.45
C LYS B 378 -20.34 21.43 8.36
N ASN B 379 -21.18 22.27 7.77
CA ASN B 379 -22.04 23.17 8.53
C ASN B 379 -23.27 23.51 7.69
N ASP B 380 -24.08 22.48 7.40
CA ASP B 380 -25.33 22.63 6.65
C ASP B 380 -26.48 22.98 7.59
N LYS B 381 -27.35 23.86 7.12
CA LYS B 381 -28.59 24.21 7.81
C LYS B 381 -29.62 23.09 7.59
N SER B 382 -30.57 23.00 8.53
N SER B 382 -30.54 22.96 8.54
CA SER B 382 -31.45 21.84 8.61
CA SER B 382 -31.47 21.83 8.57
C SER B 382 -32.88 22.28 8.94
C SER B 382 -32.89 22.30 8.88
N GLY B 383 -33.84 21.47 8.49
CA GLY B 383 -35.24 21.72 8.81
C GLY B 383 -35.76 23.05 8.28
N SER B 384 -36.22 23.89 9.20
CA SER B 384 -36.72 25.21 8.89
C SER B 384 -35.78 26.32 9.38
N SER B 385 -34.57 25.98 9.81
CA SER B 385 -33.63 26.99 10.26
C SER B 385 -33.24 27.93 9.12
N ALA B 386 -33.34 29.23 9.38
CA ALA B 386 -32.76 30.22 8.49
C ALA B 386 -31.23 30.15 8.46
N ASN B 387 -30.60 29.64 9.53
CA ASN B 387 -29.15 29.68 9.72
C ASN B 387 -28.55 28.30 9.95
N PRO B 388 -27.31 28.08 9.51
CA PRO B 388 -26.58 26.88 9.92
C PRO B 388 -26.55 26.70 11.44
N THR B 389 -26.38 25.46 11.89
CA THR B 389 -26.23 25.19 13.30
C THR B 389 -25.04 25.94 13.89
N LEU B 390 -23.84 25.89 13.16
CA LEU B 390 -22.75 26.67 13.75
C LEU B 390 -22.72 28.08 13.14
N PRO B 391 -22.37 29.13 13.92
CA PRO B 391 -22.04 29.07 15.34
C PRO B 391 -23.29 28.92 16.19
N LEU B 392 -23.15 28.26 17.34
CA LEU B 392 -24.27 28.10 18.26
C LEU B 392 -24.61 29.45 18.91
N LYS B 393 -25.88 29.60 19.28
CA LYS B 393 -26.31 30.79 19.99
C LYS B 393 -25.99 30.70 21.48
N LYS B 394 -25.57 31.82 22.06
CA LYS B 394 -25.16 31.86 23.48
C LYS B 394 -26.40 31.94 24.37
N GLU B 395 -27.16 30.85 24.39
CA GLU B 395 -28.43 30.84 25.11
C GLU B 395 -28.91 29.41 25.29
N GLY B 396 -29.96 29.26 26.11
CA GLY B 396 -30.61 27.97 26.29
C GLY B 396 -29.71 26.96 26.96
N THR B 397 -29.84 25.70 26.52
CA THR B 397 -29.17 24.55 27.10
C THR B 397 -28.46 23.76 26.01
N VAL B 398 -27.18 23.46 26.21
CA VAL B 398 -26.39 22.71 25.26
C VAL B 398 -25.82 21.48 25.98
N ALA B 399 -26.17 20.29 25.48
CA ALA B 399 -25.75 19.03 26.10
C ALA B 399 -24.47 18.52 25.44
N VAL B 400 -23.47 18.21 26.27
CA VAL B 400 -22.20 17.65 25.80
C VAL B 400 -22.24 16.16 26.09
N ILE B 401 -22.17 15.35 25.04
CA ILE B 401 -22.53 13.93 25.13
C ILE B 401 -21.51 13.12 24.35
N GLY B 402 -21.01 12.04 24.97
CA GLY B 402 -20.04 11.18 24.33
C GLY B 402 -18.86 10.88 25.22
N PRO B 403 -18.14 9.80 24.91
CA PRO B 403 -17.00 9.41 25.75
C PRO B 403 -15.84 10.41 25.75
N LEU B 404 -15.82 11.39 24.85
CA LEU B 404 -14.81 12.43 24.86
C LEU B 404 -15.31 13.73 25.51
N ALA B 405 -16.52 13.70 26.09
CA ALA B 405 -17.15 14.89 26.65
C ALA B 405 -16.61 15.26 28.01
N ASN B 406 -16.22 14.27 28.82
CA ASN B 406 -15.81 14.53 30.19
C ASN B 406 -14.60 13.69 30.56
N THR B 407 -13.54 13.78 29.76
CA THR B 407 -12.25 13.21 30.13
C THR B 407 -11.17 14.28 30.03
N ARG B 408 -10.56 14.61 31.15
CA ARG B 408 -9.46 15.56 31.12
C ARG B 408 -8.23 14.96 30.44
N SER B 409 -7.92 13.70 30.77
CA SER B 409 -6.66 13.11 30.39
C SER B 409 -6.52 12.89 28.88
N ASN B 410 -7.63 12.85 28.15
CA ASN B 410 -7.56 12.65 26.71
C ASN B 410 -7.50 13.96 25.93
N MSE B 411 -7.63 15.11 26.59
CA MSE B 411 -7.50 16.41 25.92
C MSE B 411 -6.11 16.75 25.33
O MSE B 411 -6.05 17.27 24.22
CB MSE B 411 -7.91 17.55 26.89
CG MSE B 411 -9.40 17.56 27.33
SE MSE B 411 -10.77 17.44 25.90
CE MSE B 411 -10.89 15.50 25.71
N PRO B 412 -5.01 16.48 26.05
CA PRO B 412 -3.69 16.83 25.48
C PRO B 412 -3.46 16.23 24.10
N GLY B 413 -3.87 14.98 23.91
CA GLY B 413 -3.45 14.19 22.77
C GLY B 413 -2.25 13.32 23.11
N THR B 414 -1.90 12.46 22.17
CA THR B 414 -0.73 11.62 22.35
C THR B 414 0.56 12.47 22.33
N TRP B 415 1.63 11.89 22.89
CA TRP B 415 2.93 12.54 22.98
C TRP B 415 2.80 13.88 23.72
N SER B 416 2.39 13.76 24.99
CA SER B 416 2.39 14.84 25.96
C SER B 416 3.04 14.33 27.25
N VAL B 417 4.29 13.88 27.16
CA VAL B 417 4.86 13.09 28.25
C VAL B 417 5.03 13.92 29.51
N ALA B 418 5.19 15.23 29.39
CA ALA B 418 5.34 16.07 30.58
C ALA B 418 4.02 16.62 31.07
N ALA B 419 2.93 16.43 30.34
CA ALA B 419 1.68 17.09 30.67
C ALA B 419 1.12 16.58 31.99
N ARG B 420 0.22 17.39 32.56
CA ARG B 420 -0.44 17.12 33.84
C ARG B 420 -1.84 16.64 33.50
N LEU B 421 -2.02 15.33 33.42
CA LEU B 421 -3.25 14.78 32.84
C LEU B 421 -4.51 15.16 33.62
N ASN B 422 -4.40 15.42 34.91
CA ASN B 422 -5.59 15.72 35.71
C ASN B 422 -5.94 17.21 35.73
N ASP B 423 -5.05 18.09 35.30
CA ASP B 423 -5.21 19.52 35.52
C ASP B 423 -5.89 20.26 34.37
N TYR B 424 -6.18 19.59 33.27
CA TYR B 424 -6.71 20.33 32.13
C TYR B 424 -8.21 20.10 32.01
N PRO B 425 -9.03 21.13 31.82
CA PRO B 425 -10.48 20.91 31.84
C PRO B 425 -10.97 20.05 30.68
N SER B 426 -11.90 19.14 30.99
CA SER B 426 -12.56 18.38 29.95
C SER B 426 -13.51 19.29 29.16
N VAL B 427 -14.03 18.76 28.04
CA VAL B 427 -14.88 19.57 27.17
C VAL B 427 -16.07 20.11 27.94
N TYR B 428 -16.71 19.27 28.76
CA TYR B 428 -17.89 19.70 29.48
C TYR B 428 -17.55 20.68 30.61
N GLU B 429 -16.36 20.57 31.22
CA GLU B 429 -15.99 21.50 32.27
C GLU B 429 -15.62 22.87 31.70
N GLY B 430 -14.71 22.89 30.72
CA GLY B 430 -14.33 24.15 30.10
C GLY B 430 -15.52 24.94 29.58
N LEU B 431 -16.39 24.29 28.79
CA LEU B 431 -17.60 24.96 28.31
C LEU B 431 -18.45 25.44 29.47
N LYS B 432 -18.59 24.61 30.51
CA LYS B 432 -19.39 24.97 31.66
C LYS B 432 -18.90 26.26 32.29
N GLU B 433 -17.60 26.36 32.57
CA GLU B 433 -17.15 27.56 33.26
C GLU B 433 -17.04 28.76 32.32
N MSE B 434 -16.65 28.56 31.07
CA MSE B 434 -16.50 29.72 30.17
C MSE B 434 -17.87 30.29 29.76
O MSE B 434 -17.98 31.50 29.55
CB MSE B 434 -15.67 29.37 28.93
CG MSE B 434 -16.42 28.67 27.81
SE MSE B 434 -15.24 28.24 26.31
CE MSE B 434 -15.06 29.99 25.46
N MSE B 435 -18.88 29.44 29.71
CA MSE B 435 -20.23 29.86 29.34
C MSE B 435 -21.19 30.08 30.53
O MSE B 435 -22.40 30.09 30.34
CB MSE B 435 -20.87 28.84 28.37
CG MSE B 435 -20.09 28.55 27.07
SE MSE B 435 -19.79 30.09 25.87
CE MSE B 435 -21.55 30.90 25.87
N LYS B 436 -20.66 30.24 31.75
CA LYS B 436 -21.51 30.58 32.89
C LYS B 436 -22.40 31.78 32.60
N GLY B 437 -23.67 31.67 32.95
CA GLY B 437 -24.59 32.79 32.86
C GLY B 437 -25.14 33.08 31.47
N LYS B 438 -24.70 32.35 30.44
CA LYS B 438 -25.24 32.45 29.10
C LYS B 438 -25.81 31.14 28.58
N VAL B 439 -25.19 30.00 28.87
CA VAL B 439 -25.64 28.72 28.36
C VAL B 439 -25.67 27.73 29.51
N ASN B 440 -26.77 26.97 29.61
CA ASN B 440 -26.86 25.86 30.57
C ASN B 440 -26.22 24.62 29.96
N ILE B 441 -25.06 24.24 30.49
CA ILE B 441 -24.23 23.20 29.91
C ILE B 441 -24.42 21.93 30.73
N THR B 442 -24.90 20.87 30.10
CA THR B 442 -25.10 19.58 30.76
C THR B 442 -24.29 18.50 30.06
N TYR B 443 -24.39 17.28 30.57
CA TYR B 443 -23.48 16.22 30.17
C TYR B 443 -24.18 14.87 30.23
N ALA B 444 -23.78 13.97 29.33
CA ALA B 444 -24.04 12.54 29.47
C ALA B 444 -22.93 11.78 28.76
N LYS B 445 -22.49 10.67 29.38
CA LYS B 445 -21.44 9.84 28.79
C LYS B 445 -21.92 9.19 27.50
N GLY B 446 -23.17 8.78 27.43
CA GLY B 446 -23.71 8.21 26.18
C GLY B 446 -23.26 6.80 25.75
N SER B 447 -21.95 6.53 25.77
CA SER B 447 -21.45 5.22 25.36
C SER B 447 -20.02 5.07 25.85
N ASN B 448 -19.54 3.83 25.82
CA ASN B 448 -18.12 3.59 26.03
C ASN B 448 -17.35 4.10 24.82
N LEU B 449 -16.02 3.97 24.86
CA LEU B 449 -15.24 4.33 23.69
C LEU B 449 -15.46 3.35 22.55
N ILE B 450 -15.61 2.06 22.88
CA ILE B 450 -15.79 1.01 21.87
C ILE B 450 -16.34 -0.22 22.56
N SER B 451 -16.90 -1.14 21.79
CA SER B 451 -17.59 -2.30 22.35
C SER B 451 -16.64 -3.21 23.12
N ASP B 452 -15.52 -3.58 22.51
CA ASP B 452 -14.55 -4.52 23.09
C ASP B 452 -13.80 -3.82 24.22
N ALA B 453 -14.05 -4.25 25.46
CA ALA B 453 -13.44 -3.59 26.61
C ALA B 453 -11.91 -3.71 26.59
N ALA B 454 -11.40 -4.91 26.26
CA ALA B 454 -9.96 -5.09 26.11
C ALA B 454 -9.38 -4.12 25.08
N TYR B 455 -10.13 -3.79 24.05
CA TYR B 455 -9.65 -2.79 23.10
C TYR B 455 -9.66 -1.39 23.73
N GLU B 456 -10.66 -1.09 24.58
CA GLU B 456 -10.66 0.24 25.19
C GLU B 456 -9.46 0.42 26.12
N GLU B 457 -9.10 -0.61 26.90
CA GLU B 457 -8.00 -0.46 27.85
C GLU B 457 -6.66 -0.31 27.15
N ARG B 458 -6.49 -0.94 25.98
CA ARG B 458 -5.29 -0.66 25.18
C ARG B 458 -5.38 0.74 24.56
N ALA B 459 -6.61 1.23 24.30
CA ALA B 459 -6.79 2.53 23.69
C ALA B 459 -6.67 3.69 24.68
N THR B 460 -6.66 3.41 25.98
CA THR B 460 -6.65 4.45 27.00
C THR B 460 -5.52 4.25 28.00
N MSE B 461 -4.45 3.55 27.63
CA MSE B 461 -3.34 3.33 28.56
C MSE B 461 -2.56 4.66 28.67
O MSE B 461 -2.95 5.66 28.07
CB MSE B 461 -2.44 2.16 28.12
CG MSE B 461 -1.86 2.26 26.69
SE MSE B 461 -1.20 0.57 25.88
CE MSE B 461 0.51 0.34 26.78
N PHE B 462 -1.49 4.64 29.46
CA PHE B 462 -0.69 5.83 29.78
C PHE B 462 -1.53 6.89 30.50
N GLY B 463 -2.43 6.44 31.38
CA GLY B 463 -3.21 7.35 32.20
C GLY B 463 -4.43 7.94 31.53
N ARG B 464 -4.97 7.29 30.50
CA ARG B 464 -6.06 7.88 29.73
C ARG B 464 -7.40 7.20 29.99
N SER B 465 -7.53 6.44 31.07
CA SER B 465 -8.75 5.68 31.34
C SER B 465 -9.99 6.57 31.37
N LEU B 466 -11.06 6.11 30.72
CA LEU B 466 -12.37 6.74 30.84
C LEU B 466 -13.24 6.13 31.95
N ASN B 467 -12.72 5.21 32.76
CA ASN B 467 -13.44 4.65 33.91
C ASN B 467 -14.63 3.80 33.47
N ARG B 468 -14.42 2.94 32.46
CA ARG B 468 -15.51 2.14 31.95
C ARG B 468 -16.23 1.42 33.08
N ASP B 469 -17.56 1.52 33.06
CA ASP B 469 -18.46 1.06 34.11
C ASP B 469 -18.78 -0.41 33.93
N ASN B 470 -19.77 -0.89 34.69
CA ASN B 470 -20.42 -2.19 34.46
C ASN B 470 -21.72 -2.04 33.68
N ARG B 471 -22.03 -0.84 33.19
CA ARG B 471 -23.33 -0.53 32.63
C ARG B 471 -23.50 -1.06 31.21
N THR B 472 -24.76 -1.37 30.88
CA THR B 472 -25.09 -1.82 29.55
C THR B 472 -25.15 -0.63 28.60
N ASP B 473 -24.98 -0.92 27.30
CA ASP B 473 -25.08 0.14 26.30
C ASP B 473 -26.42 0.85 26.37
N LYS B 474 -27.50 0.10 26.59
CA LYS B 474 -28.83 0.69 26.60
C LYS B 474 -28.97 1.71 27.72
N GLU B 475 -28.62 1.31 28.96
CA GLU B 475 -28.67 2.22 30.11
C GLU B 475 -28.02 3.56 29.80
N MSE B 476 -26.79 3.52 29.29
CA MSE B 476 -26.08 4.74 28.95
C MSE B 476 -26.79 5.52 27.85
O MSE B 476 -26.84 6.75 27.90
CB MSE B 476 -24.65 4.41 28.56
CG MSE B 476 -23.76 4.02 29.74
SE MSE B 476 -21.92 3.74 29.18
CE MSE B 476 -22.09 1.92 28.54
N LEU B 477 -27.35 4.81 26.86
CA LEU B 477 -28.11 5.48 25.81
C LEU B 477 -29.36 6.16 26.39
N ASP B 478 -30.12 5.44 27.21
CA ASP B 478 -31.31 6.01 27.83
C ASP B 478 -30.95 7.24 28.64
N GLU B 479 -29.81 7.22 29.31
CA GLU B 479 -29.39 8.35 30.13
C GLU B 479 -29.07 9.55 29.26
N ALA B 480 -28.32 9.32 28.18
CA ALA B 480 -27.96 10.42 27.28
C ALA B 480 -29.21 11.03 26.65
N LEU B 481 -30.08 10.17 26.10
CA LEU B 481 -31.31 10.66 25.48
C LEU B 481 -32.21 11.38 26.48
N LYS B 482 -32.10 11.09 27.77
CA LYS B 482 -32.89 11.83 28.76
C LYS B 482 -32.32 13.22 29.02
N VAL B 483 -30.99 13.36 29.02
CA VAL B 483 -30.41 14.71 29.02
C VAL B 483 -30.80 15.43 27.74
N ALA B 484 -30.56 14.78 26.58
CA ALA B 484 -30.76 15.39 25.27
C ALA B 484 -32.14 16.02 25.12
N ALA B 485 -33.19 15.33 25.59
CA ALA B 485 -34.54 15.85 25.44
C ALA B 485 -34.78 17.14 26.22
N ASN B 486 -33.89 17.49 27.14
CA ASN B 486 -33.97 18.75 27.85
C ASN B 486 -33.05 19.81 27.27
N ALA B 487 -32.22 19.48 26.30
CA ALA B 487 -31.30 20.45 25.72
C ALA B 487 -31.87 20.99 24.41
N ASP B 488 -31.36 22.15 24.02
CA ASP B 488 -31.73 22.74 22.74
C ASP B 488 -30.82 22.26 21.61
N VAL B 489 -29.52 22.12 21.89
CA VAL B 489 -28.52 21.64 20.94
C VAL B 489 -27.70 20.55 21.64
N ILE B 490 -27.11 19.66 20.86
CA ILE B 490 -26.29 18.59 21.38
C ILE B 490 -24.91 18.70 20.78
N ILE B 491 -23.88 18.70 21.63
CA ILE B 491 -22.50 18.58 21.20
C ILE B 491 -22.12 17.10 21.37
N ALA B 492 -22.07 16.38 20.25
CA ALA B 492 -21.63 14.99 20.25
C ALA B 492 -20.11 14.98 20.25
N ALA B 493 -19.51 14.77 21.43
CA ALA B 493 -18.06 14.74 21.60
C ALA B 493 -17.62 13.30 21.39
N LEU B 494 -17.34 12.95 20.13
CA LEU B 494 -17.06 11.59 19.71
C LEU B 494 -15.69 11.49 19.05
N GLY B 495 -15.27 10.24 18.84
CA GLY B 495 -14.07 9.98 18.06
C GLY B 495 -13.09 9.07 18.77
N GLU B 496 -11.80 9.38 18.67
CA GLU B 496 -10.74 8.55 19.21
C GLU B 496 -10.35 9.00 20.61
N SER B 497 -9.89 8.05 21.42
CA SER B 497 -9.06 8.44 22.54
C SER B 497 -7.70 8.91 22.01
N SER B 498 -6.92 9.55 22.88
CA SER B 498 -5.62 10.01 22.42
C SER B 498 -4.69 8.84 22.07
N GLU B 499 -4.73 7.77 22.86
CA GLU B 499 -3.77 6.69 22.63
C GLU B 499 -4.23 5.71 21.55
N MSE B 500 -5.28 6.02 20.79
CA MSE B 500 -5.61 5.24 19.58
C MSE B 500 -4.77 5.70 18.40
O MSE B 500 -4.71 5.04 17.37
CB MSE B 500 -7.08 5.37 19.23
CG MSE B 500 -7.95 4.31 19.88
SE MSE B 500 -9.83 4.72 19.69
CE MSE B 500 -10.06 4.31 17.79
N SER B 501 -4.13 6.87 18.56
CA SER B 501 -3.05 7.33 17.69
C SER B 501 -1.74 7.34 18.49
N GLY B 502 -0.68 7.84 17.86
CA GLY B 502 0.63 7.83 18.46
C GLY B 502 1.45 6.66 17.98
N GLU B 503 2.49 6.35 18.75
CA GLU B 503 3.43 5.28 18.41
C GLU B 503 2.83 3.93 18.74
N SER B 504 2.93 2.98 17.80
CA SER B 504 2.37 1.64 17.98
C SER B 504 0.86 1.72 18.19
N SER B 505 0.19 2.56 17.41
CA SER B 505 -1.27 2.70 17.48
C SER B 505 -1.86 2.71 16.07
N SER B 506 -1.57 1.67 15.29
CA SER B 506 -2.16 1.55 13.97
C SER B 506 -3.58 0.98 14.05
N ARG B 507 -4.46 1.45 13.17
CA ARG B 507 -5.79 0.90 13.02
C ARG B 507 -5.98 0.39 11.59
N THR B 508 -6.56 -0.80 11.45
CA THR B 508 -6.99 -1.28 10.15
C THR B 508 -8.43 -0.90 9.83
N ASN B 509 -9.07 -0.18 10.74
CA ASN B 509 -10.43 0.31 10.58
C ASN B 509 -10.43 1.77 10.99
N LEU B 510 -10.80 2.66 10.06
CA LEU B 510 -10.68 4.09 10.30
C LEU B 510 -12.02 4.76 10.58
N ALA B 511 -12.99 4.02 11.10
CA ALA B 511 -14.33 4.57 11.27
C ALA B 511 -14.55 5.04 12.70
N LEU B 512 -15.69 5.67 12.89
CA LEU B 512 -16.17 5.94 14.23
C LEU B 512 -16.46 4.62 14.93
N PRO B 513 -15.96 4.41 16.16
CA PRO B 513 -16.22 3.13 16.85
C PRO B 513 -17.70 2.77 16.92
N ASP B 514 -17.97 1.46 16.89
CA ASP B 514 -19.32 0.91 16.82
C ASP B 514 -20.32 1.58 17.74
N VAL B 515 -20.06 1.57 19.05
CA VAL B 515 -21.06 2.07 20.01
C VAL B 515 -21.21 3.59 19.91
N GLN B 516 -20.15 4.31 19.56
CA GLN B 516 -20.27 5.76 19.36
C GLN B 516 -21.13 6.07 18.16
N ARG B 517 -20.92 5.35 17.06
CA ARG B 517 -21.82 5.44 15.92
C ARG B 517 -23.27 5.25 16.36
N THR B 518 -23.53 4.18 17.11
CA THR B 518 -24.89 3.95 17.61
C THR B 518 -25.39 5.13 18.44
N LEU B 519 -24.55 5.66 19.33
CA LEU B 519 -24.97 6.78 20.16
C LEU B 519 -25.28 8.00 19.30
N LEU B 520 -24.47 8.23 18.25
CA LEU B 520 -24.71 9.35 17.36
C LEU B 520 -26.05 9.21 16.64
N GLU B 521 -26.39 8.00 16.21
CA GLU B 521 -27.63 7.79 15.46
C GLU B 521 -28.84 8.09 16.33
N ALA B 522 -28.84 7.58 17.58
CA ALA B 522 -29.89 7.95 18.53
C ALA B 522 -29.96 9.46 18.75
N LEU B 523 -28.80 10.13 18.84
CA LEU B 523 -28.82 11.58 19.03
C LEU B 523 -29.38 12.29 17.81
N LEU B 524 -28.96 11.86 16.61
CA LEU B 524 -29.55 12.41 15.39
C LEU B 524 -31.07 12.26 15.40
N LYS B 525 -31.56 11.14 15.94
CA LYS B 525 -33.00 10.85 15.95
C LYS B 525 -33.76 11.71 16.95
N THR B 526 -33.10 12.44 17.83
CA THR B 526 -33.86 13.30 18.73
C THR B 526 -34.58 14.42 17.99
N GLY B 527 -34.11 14.77 16.79
CA GLY B 527 -34.58 15.93 16.08
C GLY B 527 -33.91 17.22 16.49
N LYS B 528 -33.25 17.25 17.63
CA LYS B 528 -32.53 18.44 18.04
C LYS B 528 -31.23 18.58 17.24
N PRO B 529 -30.77 19.82 17.03
CA PRO B 529 -29.55 20.02 16.25
C PRO B 529 -28.35 19.36 16.93
N VAL B 530 -27.44 18.82 16.11
CA VAL B 530 -26.35 17.97 16.58
C VAL B 530 -25.06 18.44 15.92
N VAL B 531 -24.06 18.76 16.74
CA VAL B 531 -22.74 19.14 16.27
C VAL B 531 -21.78 18.00 16.65
N LEU B 532 -21.34 17.24 15.64
CA LEU B 532 -20.28 16.27 15.87
C LEU B 532 -18.97 16.99 16.11
N THR B 533 -18.45 16.90 17.33
CA THR B 533 -17.16 17.47 17.70
C THR B 533 -16.18 16.30 17.73
N LEU B 534 -15.47 16.11 16.62
CA LEU B 534 -14.72 14.89 16.36
C LEU B 534 -13.30 15.06 16.89
N PHE B 535 -12.96 14.28 17.91
CA PHE B 535 -11.59 14.13 18.36
C PHE B 535 -10.93 13.00 17.59
N THR B 536 -9.68 13.21 17.19
CA THR B 536 -8.96 12.19 16.43
C THR B 536 -7.52 12.58 16.15
N GLY B 537 -6.65 11.59 16.01
CA GLY B 537 -5.28 11.89 15.61
C GLY B 537 -4.93 11.50 14.19
N ARG B 538 -5.93 11.27 13.35
CA ARG B 538 -5.72 10.72 12.02
C ARG B 538 -6.95 10.99 11.18
N PRO B 539 -6.81 10.94 9.85
CA PRO B 539 -7.99 10.91 8.99
C PRO B 539 -8.87 9.71 9.32
N LEU B 540 -10.17 9.96 9.39
CA LEU B 540 -11.18 8.95 9.59
C LEU B 540 -12.04 8.85 8.34
N THR B 541 -12.77 7.74 8.21
CA THR B 541 -13.68 7.51 7.10
C THR B 541 -15.09 7.89 7.56
N LEU B 542 -15.62 8.96 6.99
CA LEU B 542 -16.77 9.64 7.57
C LEU B 542 -17.89 9.89 6.57
N THR B 543 -18.09 8.99 5.58
CA THR B 543 -19.11 9.26 4.58
C THR B 543 -20.49 9.29 5.21
N TRP B 544 -20.78 8.35 6.10
CA TRP B 544 -22.08 8.35 6.76
C TRP B 544 -22.29 9.62 7.56
N GLU B 545 -21.25 10.08 8.26
CA GLU B 545 -21.40 11.30 9.05
C GLU B 545 -21.57 12.51 8.14
N GLN B 546 -20.78 12.57 7.06
CA GLN B 546 -20.90 13.67 6.12
C GLN B 546 -22.30 13.75 5.51
N GLU B 547 -23.01 12.62 5.43
CA GLU B 547 -24.36 12.72 4.91
C GLU B 547 -25.39 13.05 5.98
N HIS B 548 -25.24 12.53 7.21
CA HIS B 548 -26.32 12.59 8.18
C HIS B 548 -26.15 13.61 9.31
N VAL B 549 -24.96 14.16 9.55
CA VAL B 549 -24.76 15.12 10.62
C VAL B 549 -24.73 16.54 10.02
N PRO B 550 -25.62 17.44 10.42
CA PRO B 550 -25.62 18.80 9.83
C PRO B 550 -24.31 19.55 10.03
N ALA B 551 -23.67 19.39 11.19
CA ALA B 551 -22.47 20.17 11.51
C ALA B 551 -21.38 19.24 12.00
N ILE B 552 -20.17 19.37 11.44
CA ILE B 552 -19.03 18.58 11.89
C ILE B 552 -17.82 19.49 11.99
N LEU B 553 -17.20 19.50 13.16
CA LEU B 553 -15.94 20.22 13.37
C LEU B 553 -14.88 19.21 13.81
N ASN B 554 -13.77 19.15 13.06
CA ASN B 554 -12.65 18.31 13.45
C ASN B 554 -11.80 19.07 14.45
N VAL B 555 -11.85 18.66 15.72
CA VAL B 555 -11.06 19.30 16.76
C VAL B 555 -9.76 18.55 17.05
N TRP B 556 -9.44 17.54 16.23
CA TRP B 556 -8.21 16.76 16.42
C TRP B 556 -8.03 16.42 17.89
N PHE B 557 -6.90 16.85 18.45
CA PHE B 557 -6.74 17.02 19.89
C PHE B 557 -6.12 18.40 20.09
N GLY B 558 -6.80 19.26 20.84
CA GLY B 558 -6.40 20.65 20.92
C GLY B 558 -5.36 21.01 21.99
N GLY B 559 -5.04 20.08 22.88
CA GLY B 559 -4.10 20.34 23.94
C GLY B 559 -4.78 20.78 25.22
N SER B 560 -3.97 21.41 26.09
CA SER B 560 -4.45 21.74 27.43
C SER B 560 -5.63 22.71 27.40
N GLU B 561 -5.75 23.54 26.37
CA GLU B 561 -6.84 24.51 26.29
C GLU B 561 -7.92 24.11 25.29
N ALA B 562 -8.04 22.82 24.96
CA ALA B 562 -8.94 22.42 23.87
C ALA B 562 -10.40 22.77 24.18
N ALA B 563 -10.85 22.51 25.42
CA ALA B 563 -12.23 22.82 25.78
C ALA B 563 -12.54 24.30 25.57
N TYR B 564 -11.63 25.18 25.97
CA TYR B 564 -11.87 26.61 25.84
C TYR B 564 -11.91 27.03 24.39
N ALA B 565 -10.99 26.50 23.58
CA ALA B 565 -10.98 26.80 22.14
C ALA B 565 -12.16 26.15 21.42
N ILE B 566 -12.62 24.99 21.89
CA ILE B 566 -13.82 24.40 21.31
C ILE B 566 -15.03 25.31 21.54
N GLY B 567 -15.11 25.96 22.69
CA GLY B 567 -16.16 26.95 22.89
C GLY B 567 -16.00 28.20 22.03
N ASP B 568 -14.79 28.73 21.97
CA ASP B 568 -14.48 29.87 21.10
C ASP B 568 -15.07 29.68 19.70
N VAL B 569 -14.89 28.50 19.12
CA VAL B 569 -15.32 28.25 17.75
C VAL B 569 -16.80 27.92 17.69
N LEU B 570 -17.25 26.94 18.49
CA LEU B 570 -18.64 26.53 18.46
C LEU B 570 -19.60 27.69 18.71
N PHE B 571 -19.27 28.59 19.65
CA PHE B 571 -20.19 29.66 19.97
C PHE B 571 -19.86 31.00 19.29
N GLY B 572 -18.88 31.03 18.39
CA GLY B 572 -18.75 32.10 17.41
C GLY B 572 -17.61 33.09 17.61
N ASP B 573 -17.09 33.28 18.82
CA ASP B 573 -16.01 34.24 19.00
C ASP B 573 -14.79 33.97 18.14
N VAL B 574 -14.58 32.72 17.68
CA VAL B 574 -13.51 32.42 16.73
C VAL B 574 -14.11 31.74 15.51
N ASN B 575 -13.78 32.27 14.33
CA ASN B 575 -14.28 31.73 13.06
C ASN B 575 -13.29 30.69 12.55
N PRO B 576 -13.67 29.40 12.50
CA PRO B 576 -12.73 28.33 12.11
C PRO B 576 -11.97 28.64 10.84
N SER B 577 -10.68 28.39 10.84
CA SER B 577 -9.83 28.68 9.69
C SER B 577 -8.92 27.51 9.34
N GLY B 578 -9.09 26.36 10.00
CA GLY B 578 -8.21 25.24 9.74
C GLY B 578 -8.52 24.57 8.42
N LYS B 579 -7.49 24.07 7.78
CA LYS B 579 -7.65 23.37 6.52
C LYS B 579 -6.82 22.11 6.54
N LEU B 580 -7.41 21.03 6.04
CA LEU B 580 -6.79 19.70 6.06
C LEU B 580 -5.40 19.70 5.46
N THR B 581 -4.50 18.97 6.11
CA THR B 581 -3.17 18.71 5.58
C THR B 581 -3.02 17.26 5.13
N MSE B 582 -4.03 16.43 5.36
CA MSE B 582 -3.99 15.05 4.93
C MSE B 582 -5.35 14.61 4.42
O MSE B 582 -6.37 14.84 5.08
CB MSE B 582 -3.51 14.16 6.07
CG MSE B 582 -3.08 12.78 5.65
SE MSE B 582 -2.39 11.72 7.15
CE MSE B 582 -1.85 10.14 6.16
N THR B 583 -5.37 14.01 3.23
CA THR B 583 -6.59 13.52 2.60
C THR B 583 -7.38 12.58 3.52
N PHE B 584 -8.70 12.75 3.55
CA PHE B 584 -9.63 11.83 4.21
C PHE B 584 -10.25 10.94 3.13
N PRO B 585 -9.90 9.67 3.04
CA PRO B 585 -10.54 8.83 2.03
C PRO B 585 -11.94 8.43 2.47
N LYS B 586 -12.73 8.02 1.48
CA LYS B 586 -14.03 7.47 1.77
C LYS B 586 -13.95 6.08 2.41
N ASN B 587 -12.93 5.27 2.07
CA ASN B 587 -12.78 4.00 2.79
C ASN B 587 -11.31 3.58 2.81
N VAL B 588 -11.03 2.55 3.62
CA VAL B 588 -9.67 2.06 3.79
C VAL B 588 -9.15 1.46 2.49
N GLY B 589 -10.03 0.84 1.70
CA GLY B 589 -9.69 0.27 0.40
C GLY B 589 -9.10 1.26 -0.59
N GLN B 590 -9.30 2.56 -0.40
CA GLN B 590 -8.66 3.56 -1.24
C GLN B 590 -7.22 3.91 -0.83
N ILE B 591 -6.72 3.41 0.29
CA ILE B 591 -5.38 3.83 0.76
C ILE B 591 -4.32 3.19 -0.12
N PRO B 592 -3.27 3.93 -0.56
CA PRO B 592 -3.04 5.36 -0.31
C PRO B 592 -3.77 6.28 -1.28
N LEU B 593 -4.45 7.30 -0.75
CA LEU B 593 -5.10 8.33 -1.53
C LEU B 593 -4.56 9.68 -1.07
N PHE B 594 -4.17 10.52 -2.04
CA PHE B 594 -3.43 11.74 -1.74
C PHE B 594 -3.49 12.65 -2.96
N TYR B 595 -3.34 13.95 -2.70
CA TYR B 595 -3.65 14.95 -3.71
C TYR B 595 -2.61 15.00 -4.82
N ASN B 596 -1.36 14.60 -4.55
CA ASN B 596 -0.32 14.83 -5.55
C ASN B 596 0.10 13.54 -6.25
N HIS B 597 -0.85 12.87 -6.87
CA HIS B 597 -0.62 11.61 -7.56
C HIS B 597 -0.33 11.87 -9.03
N LYS B 598 0.14 10.81 -9.72
CA LYS B 598 0.35 10.86 -11.17
C LYS B 598 -0.99 10.69 -11.91
N ASN B 599 -0.99 11.06 -13.20
CA ASN B 599 -2.23 11.04 -13.97
C ASN B 599 -2.64 9.62 -14.40
N THR B 600 -1.66 8.72 -14.56
CA THR B 600 -1.78 7.41 -15.20
C THR B 600 -2.08 7.59 -16.68
N GLY B 601 -2.12 6.46 -17.41
CA GLY B 601 -2.43 6.44 -18.84
C GLY B 601 -3.90 6.23 -19.18
N ARG B 602 -4.72 5.90 -18.19
CA ARG B 602 -6.16 5.74 -18.37
C ARG B 602 -6.89 6.46 -17.24
N PRO B 603 -6.68 7.77 -17.06
CA PRO B 603 -7.34 8.46 -15.95
C PRO B 603 -8.84 8.58 -16.18
N LEU B 604 -9.60 8.41 -15.12
CA LEU B 604 -11.03 8.64 -15.17
C LEU B 604 -11.28 10.13 -15.12
N LEU B 605 -11.96 10.67 -16.14
CA LEU B 605 -12.18 12.11 -16.23
C LEU B 605 -13.24 12.53 -15.22
N GLU B 606 -13.52 13.82 -15.21
CA GLU B 606 -14.46 14.37 -14.24
C GLU B 606 -15.89 13.97 -14.57
N GLY B 607 -16.59 13.43 -13.57
CA GLY B 607 -17.97 13.01 -13.71
C GLY B 607 -18.18 11.65 -14.33
N LYS B 608 -17.13 10.88 -14.60
CA LYS B 608 -17.26 9.69 -15.42
C LYS B 608 -17.48 8.39 -14.64
N TRP B 609 -17.36 8.39 -13.31
CA TRP B 609 -17.53 7.13 -12.58
C TRP B 609 -18.94 6.58 -12.77
N PHE B 610 -19.07 5.30 -13.13
CA PHE B 610 -18.00 4.33 -13.39
C PHE B 610 -17.82 4.07 -14.88
N GLU B 611 -16.57 4.00 -15.34
CA GLU B 611 -16.28 3.78 -16.75
C GLU B 611 -15.30 2.62 -16.86
N LYS B 612 -15.73 1.57 -17.55
CA LYS B 612 -14.89 0.39 -17.71
C LYS B 612 -13.65 0.75 -18.51
N PHE B 613 -12.52 0.18 -18.09
CA PHE B 613 -11.22 0.36 -18.73
C PHE B 613 -10.62 1.73 -18.47
N ARG B 614 -11.13 2.46 -17.48
CA ARG B 614 -10.43 3.56 -16.82
C ARG B 614 -9.81 3.07 -15.51
N SER B 615 -8.88 3.88 -15.00
CA SER B 615 -8.30 3.65 -13.67
C SER B 615 -9.28 4.11 -12.59
N ASN B 616 -10.28 3.26 -12.30
CA ASN B 616 -11.22 3.51 -11.21
C ASN B 616 -11.68 2.18 -10.60
N TYR B 617 -12.45 2.29 -9.52
CA TYR B 617 -12.95 1.15 -8.76
C TYR B 617 -14.38 0.81 -9.17
N LEU B 618 -14.79 -0.44 -8.89
CA LEU B 618 -16.17 -0.86 -9.12
C LEU B 618 -17.13 -0.32 -8.06
N ASP B 619 -16.69 -0.15 -6.82
CA ASP B 619 -17.64 0.06 -5.72
C ASP B 619 -17.52 1.41 -5.04
N VAL B 620 -16.74 2.35 -5.61
CA VAL B 620 -16.56 3.71 -5.09
C VAL B 620 -15.82 4.53 -6.15
N ASP B 621 -16.05 5.84 -6.19
CA ASP B 621 -15.33 6.65 -7.18
C ASP B 621 -13.91 6.89 -6.68
N ASN B 622 -13.12 7.63 -7.45
CA ASN B 622 -11.73 7.82 -7.05
C ASN B 622 -11.53 8.94 -6.02
N ASP B 623 -12.56 9.67 -5.68
CA ASP B 623 -12.34 10.92 -4.97
C ASP B 623 -12.25 10.72 -3.47
N PRO B 624 -11.46 11.53 -2.78
CA PRO B 624 -11.49 11.50 -1.32
C PRO B 624 -12.84 11.99 -0.82
N LEU B 625 -13.12 11.70 0.44
CA LEU B 625 -14.28 12.35 1.04
C LEU B 625 -14.03 13.84 1.24
N TYR B 626 -12.81 14.21 1.67
CA TYR B 626 -12.44 15.61 1.87
C TYR B 626 -11.03 15.74 1.33
N PRO B 627 -10.78 16.67 0.40
CA PRO B 627 -9.46 16.76 -0.22
C PRO B 627 -8.44 17.48 0.65
N PHE B 628 -7.18 17.30 0.30
CA PHE B 628 -6.10 18.09 0.87
C PHE B 628 -6.38 19.59 0.72
N GLY B 629 -6.08 20.35 1.78
CA GLY B 629 -6.35 21.78 1.81
C GLY B 629 -7.78 22.17 2.06
N TYR B 630 -8.66 21.21 2.35
CA TYR B 630 -10.06 21.49 2.56
C TYR B 630 -10.32 21.97 3.99
N GLY B 631 -11.26 22.91 4.12
CA GLY B 631 -11.69 23.43 5.40
C GLY B 631 -12.66 24.57 5.19
N LEU B 632 -13.72 24.65 5.98
CA LEU B 632 -14.75 25.64 5.74
C LEU B 632 -14.62 26.81 6.72
N SER B 633 -15.51 27.78 6.58
CA SER B 633 -15.59 28.91 7.49
C SER B 633 -17.05 29.22 7.77
N TYR B 634 -17.28 30.09 8.76
CA TYR B 634 -18.61 30.68 8.95
C TYR B 634 -18.91 31.71 7.89
N THR B 635 -17.90 32.17 7.16
CA THR B 635 -18.07 33.12 6.08
C THR B 635 -17.61 32.50 4.77
N ASN B 636 -17.81 33.25 3.67
CA ASN B 636 -17.43 32.82 2.33
C ASN B 636 -16.28 33.66 1.82
N PHE B 637 -15.36 33.03 1.10
CA PHE B 637 -14.26 33.73 0.47
C PHE B 637 -14.34 33.52 -1.03
N GLN B 638 -14.28 34.62 -1.78
CA GLN B 638 -14.33 34.57 -3.24
C GLN B 638 -13.00 35.03 -3.81
N TYR B 639 -12.56 34.35 -4.85
CA TYR B 639 -11.28 34.60 -5.50
C TYR B 639 -11.50 35.22 -6.88
N SER B 640 -10.74 36.26 -7.18
CA SER B 640 -10.67 36.78 -8.53
C SER B 640 -9.84 35.83 -9.40
N ASP B 641 -9.92 36.04 -10.71
CA ASP B 641 -8.99 35.33 -11.58
C ASP B 641 -7.54 35.70 -11.26
N ILE B 642 -6.62 34.86 -11.72
CA ILE B 642 -5.20 35.07 -11.46
C ILE B 642 -4.63 36.05 -12.47
N THR B 643 -3.97 37.09 -11.97
CA THR B 643 -3.12 37.95 -12.77
C THR B 643 -1.69 37.44 -12.67
N LEU B 644 -1.09 37.13 -13.81
CA LEU B 644 0.33 36.81 -13.92
C LEU B 644 1.05 38.01 -14.51
N SER B 645 2.16 38.39 -13.91
CA SER B 645 2.88 39.58 -14.36
C SER B 645 3.45 39.41 -15.76
N ALA B 646 3.62 38.17 -16.22
CA ALA B 646 4.10 37.88 -17.56
C ALA B 646 3.70 36.45 -17.89
N PRO B 647 3.49 36.13 -19.17
CA PRO B 647 3.08 34.77 -19.53
C PRO B 647 4.23 33.77 -19.47
N THR B 648 5.46 34.21 -19.71
CA THR B 648 6.62 33.33 -19.65
C THR B 648 7.60 33.84 -18.62
N MSE B 649 8.45 32.93 -18.14
CA MSE B 649 9.48 33.26 -17.17
C MSE B 649 10.56 34.12 -17.80
O MSE B 649 11.45 33.59 -18.46
CB MSE B 649 10.11 31.99 -16.59
CG MSE B 649 11.01 32.27 -15.40
SE MSE B 649 9.97 32.66 -13.80
CE MSE B 649 9.23 30.88 -13.51
N GLY B 653 14.85 36.54 -14.48
CA GLY B 653 14.16 36.82 -13.23
C GLY B 653 13.02 35.86 -12.90
N SER B 654 11.90 36.43 -12.47
CA SER B 654 10.77 35.65 -12.00
C SER B 654 9.47 36.04 -12.71
N VAL B 655 8.34 35.61 -12.13
CA VAL B 655 7.02 36.06 -12.53
C VAL B 655 6.14 36.05 -11.28
N THR B 656 5.06 36.83 -11.30
CA THR B 656 4.24 37.09 -10.12
C THR B 656 2.81 36.62 -10.36
N ALA B 657 2.28 35.80 -9.45
CA ALA B 657 0.95 35.21 -9.56
C ALA B 657 0.07 35.77 -8.46
N MSE B 658 -0.89 36.62 -8.83
N MSE B 658 -0.93 36.57 -8.83
CA MSE B 658 -1.70 37.35 -7.84
CA MSE B 658 -1.69 37.35 -7.87
C MSE B 658 -3.20 37.13 -8.01
C MSE B 658 -3.21 37.22 -8.01
O MSE B 658 -3.71 37.10 -9.13
O MSE B 658 -3.75 37.31 -9.11
CB MSE B 658 -1.39 38.85 -7.92
CB MSE B 658 -1.24 38.82 -8.00
CG MSE B 658 -2.19 39.69 -6.94
CG MSE B 658 -2.28 39.88 -7.73
SE MSE B 658 -1.96 41.62 -7.18
SE MSE B 658 -1.65 41.57 -8.54
CE MSE B 658 -3.35 41.93 -8.52
CE MSE B 658 0.28 41.29 -8.36
N VAL B 659 -3.90 37.00 -6.88
CA VAL B 659 -5.36 37.00 -6.86
C VAL B 659 -5.84 38.02 -5.85
N THR B 660 -7.11 38.35 -5.96
CA THR B 660 -7.84 39.14 -4.98
C THR B 660 -8.84 38.22 -4.25
N VAL B 661 -8.85 38.32 -2.92
CA VAL B 661 -9.76 37.55 -2.09
C VAL B 661 -10.69 38.51 -1.37
N THR B 662 -11.98 38.26 -1.42
CA THR B 662 -12.97 39.11 -0.79
C THR B 662 -13.81 38.27 0.15
N ASN B 663 -13.98 38.74 1.38
CA ASN B 663 -14.84 38.09 2.35
C ASN B 663 -16.26 38.57 2.06
N THR B 664 -17.05 37.72 1.39
CA THR B 664 -18.37 38.12 0.92
C THR B 664 -19.48 37.82 1.92
N GLY B 665 -19.16 37.27 3.09
CA GLY B 665 -20.14 36.86 4.06
C GLY B 665 -20.23 37.79 5.25
N LYS B 666 -20.79 37.27 6.35
CA LYS B 666 -21.23 38.05 7.50
C LYS B 666 -20.22 38.16 8.63
N TYR B 667 -19.11 37.43 8.58
CA TYR B 667 -18.20 37.38 9.73
C TYR B 667 -16.76 37.60 9.30
N ASP B 668 -16.01 38.33 10.15
CA ASP B 668 -14.56 38.34 10.06
C ASP B 668 -14.04 36.91 10.08
N GLY B 669 -12.90 36.68 9.43
CA GLY B 669 -12.36 35.34 9.42
C GLY B 669 -11.10 35.25 8.60
N ALA B 670 -10.29 34.23 8.92
CA ALA B 670 -9.07 33.90 8.19
C ALA B 670 -9.37 32.91 7.06
N GLU B 671 -8.48 32.91 6.06
CA GLU B 671 -8.58 32.08 4.87
C GLU B 671 -7.19 31.67 4.44
N VAL B 672 -6.96 30.37 4.27
CA VAL B 672 -5.68 29.86 3.76
C VAL B 672 -5.77 29.87 2.25
N VAL B 673 -5.03 30.79 1.63
CA VAL B 673 -4.90 30.77 0.17
C VAL B 673 -3.78 29.80 -0.20
N GLN B 674 -4.05 28.89 -1.12
CA GLN B 674 -3.05 27.90 -1.51
C GLN B 674 -2.70 28.01 -3.00
N LEU B 675 -1.41 27.88 -3.31
CA LEU B 675 -0.86 27.93 -4.67
C LEU B 675 -0.48 26.52 -5.11
N TYR B 676 -1.00 26.10 -6.27
CA TYR B 676 -0.65 24.82 -6.86
C TYR B 676 -0.05 25.01 -8.25
N ILE B 677 0.86 24.12 -8.60
CA ILE B 677 1.51 24.14 -9.90
C ILE B 677 1.44 22.74 -10.48
N ARG B 678 1.19 22.66 -11.79
CA ARG B 678 1.23 21.41 -12.54
C ARG B 678 2.21 21.55 -13.70
N ASP B 679 3.24 20.72 -13.68
CA ASP B 679 4.14 20.53 -14.81
C ASP B 679 3.45 19.58 -15.77
N LEU B 680 3.16 20.05 -16.98
CA LEU B 680 2.26 19.33 -17.88
C LEU B 680 2.94 18.10 -18.50
N VAL B 681 4.06 18.31 -19.17
CA VAL B 681 4.86 17.25 -19.76
C VAL B 681 6.19 17.16 -19.02
N GLY B 682 6.60 15.95 -18.64
CA GLY B 682 7.91 15.73 -18.06
C GLY B 682 8.66 14.65 -18.80
N SER B 683 9.99 14.60 -18.55
CA SER B 683 10.79 13.45 -18.98
C SER B 683 10.46 12.21 -18.14
N ILE B 684 9.85 12.41 -16.98
CA ILE B 684 9.16 11.38 -16.24
C ILE B 684 7.79 11.95 -15.88
N THR B 685 6.88 11.08 -15.47
CA THR B 685 5.55 11.54 -15.14
C THR B 685 5.59 12.42 -13.90
N ARG B 686 4.86 13.52 -13.96
CA ARG B 686 4.78 14.49 -12.88
C ARG B 686 3.39 14.47 -12.26
N PRO B 687 3.27 14.87 -10.99
CA PRO B 687 1.96 14.82 -10.34
C PRO B 687 0.96 15.76 -11.00
N VAL B 688 -0.33 15.49 -10.74
CA VAL B 688 -1.34 16.34 -11.37
C VAL B 688 -1.35 17.73 -10.72
N LYS B 689 -0.90 17.85 -9.49
CA LYS B 689 -0.60 19.15 -8.91
C LYS B 689 0.21 18.96 -7.65
N GLU B 690 0.91 20.02 -7.26
CA GLU B 690 1.75 20.01 -6.08
C GLU B 690 1.68 21.38 -5.42
N LEU B 691 1.49 21.37 -4.12
CA LEU B 691 1.49 22.61 -3.36
C LEU B 691 2.83 23.32 -3.52
N LYS B 692 2.79 24.58 -3.95
CA LYS B 692 4.03 25.34 -4.07
C LYS B 692 4.02 26.64 -3.30
N GLY B 693 2.95 26.95 -2.57
CA GLY B 693 2.91 28.15 -1.74
C GLY B 693 1.59 28.20 -1.01
N PHE B 694 1.54 29.08 0.00
CA PHE B 694 0.31 29.29 0.76
C PHE B 694 0.46 30.58 1.57
N ASP B 695 -0.67 31.08 2.07
CA ASP B 695 -0.67 32.38 2.76
C ASP B 695 -1.98 32.50 3.54
N LYS B 696 -1.89 32.63 4.85
CA LYS B 696 -3.09 32.68 5.69
C LYS B 696 -3.43 34.14 5.99
N ILE B 697 -4.50 34.63 5.37
CA ILE B 697 -4.89 36.03 5.45
C ILE B 697 -6.14 36.13 6.32
N PHE B 698 -6.34 37.33 6.87
CA PHE B 698 -7.49 37.61 7.72
C PHE B 698 -8.27 38.77 7.09
N LEU B 699 -9.57 38.58 6.95
CA LEU B 699 -10.43 39.54 6.28
C LEU B 699 -11.60 39.86 7.18
N LYS B 700 -11.77 41.14 7.51
CA LYS B 700 -13.02 41.57 8.09
C LYS B 700 -14.14 41.32 7.07
N ALA B 701 -15.36 41.14 7.58
CA ALA B 701 -16.51 40.98 6.69
C ALA B 701 -16.58 42.11 5.68
N GLY B 702 -16.73 41.75 4.41
CA GLY B 702 -16.74 42.68 3.30
C GLY B 702 -15.37 43.19 2.84
N GLU B 703 -14.29 42.85 3.54
CA GLU B 703 -12.97 43.33 3.18
C GLU B 703 -12.36 42.47 2.08
N SER B 704 -11.59 43.11 1.21
CA SER B 704 -10.82 42.44 0.17
C SER B 704 -9.34 42.65 0.38
N LYS B 705 -8.55 41.61 0.14
CA LYS B 705 -7.10 41.73 0.12
C LYS B 705 -6.52 41.02 -1.09
N THR B 706 -5.28 41.38 -1.39
CA THR B 706 -4.55 40.85 -2.52
C THR B 706 -3.53 39.83 -2.02
N VAL B 707 -3.42 38.72 -2.73
CA VAL B 707 -2.49 37.64 -2.39
C VAL B 707 -1.62 37.35 -3.59
N SER B 708 -0.31 37.48 -3.40
CA SER B 708 0.64 37.37 -4.50
C SER B 708 1.78 36.40 -4.17
N PHE B 709 2.11 35.55 -5.12
CA PHE B 709 3.17 34.56 -5.00
C PHE B 709 4.21 34.80 -6.08
N LYS B 710 5.46 34.54 -5.76
CA LYS B 710 6.55 34.69 -6.71
C LYS B 710 6.94 33.31 -7.24
N ILE B 711 6.82 33.12 -8.55
CA ILE B 711 7.14 31.86 -9.21
C ILE B 711 8.50 31.98 -9.86
N THR B 712 9.48 31.24 -9.35
CA THR B 712 10.84 31.25 -9.85
C THR B 712 11.15 29.88 -10.44
N PRO B 713 12.21 29.76 -11.26
CA PRO B 713 12.62 28.42 -11.73
C PRO B 713 12.88 27.45 -10.58
N GLU B 714 13.52 27.93 -9.50
CA GLU B 714 13.80 27.08 -8.35
C GLU B 714 12.54 26.46 -7.80
N LEU B 715 11.43 27.18 -7.85
CA LEU B 715 10.17 26.64 -7.36
C LEU B 715 9.62 25.56 -8.28
N LEU B 716 10.13 25.46 -9.52
CA LEU B 716 9.68 24.46 -10.49
C LEU B 716 10.65 23.28 -10.62
N ARG B 717 11.74 23.27 -9.87
CA ARG B 717 12.69 22.17 -9.94
C ARG B 717 12.09 20.88 -9.38
N PHE B 718 12.50 19.75 -9.95
CA PHE B 718 12.21 18.44 -9.38
C PHE B 718 13.37 17.52 -9.70
N TYR B 719 13.34 16.34 -9.06
CA TYR B 719 14.32 15.29 -9.34
C TYR B 719 13.85 14.44 -10.52
N ASP B 720 14.64 14.42 -11.59
CA ASP B 720 14.30 13.64 -12.77
C ASP B 720 14.78 12.20 -12.63
N TYR B 721 14.74 11.44 -13.73
CA TYR B 721 15.12 10.02 -13.66
C TYR B 721 16.54 9.84 -13.13
N GLU B 722 17.47 10.71 -13.53
CA GLU B 722 18.85 10.62 -13.07
C GLU B 722 19.07 11.31 -11.72
N LEU B 723 18.00 11.62 -11.00
CA LEU B 723 18.05 12.34 -9.73
C LEU B 723 18.79 13.67 -9.85
N ASN B 724 18.93 14.18 -11.06
CA ASN B 724 19.28 15.58 -11.22
C ASN B 724 18.09 16.43 -10.82
N TYR B 725 18.39 17.54 -10.14
CA TYR B 725 17.39 18.50 -9.70
C TYR B 725 17.28 19.56 -10.79
N VAL B 726 16.16 19.56 -11.52
CA VAL B 726 16.03 20.32 -12.76
C VAL B 726 14.64 20.92 -12.88
N ALA B 727 14.58 22.09 -13.47
CA ALA B 727 13.35 22.59 -14.06
C ALA B 727 13.45 22.37 -15.56
N GLU B 728 12.42 21.83 -16.13
CA GLU B 728 12.45 21.53 -17.54
C GLU B 728 11.65 22.58 -18.30
N PRO B 729 12.20 23.13 -19.39
CA PRO B 729 11.43 24.12 -20.15
C PRO B 729 10.14 23.48 -20.63
N GLY B 730 9.14 24.32 -20.88
CA GLY B 730 7.83 23.81 -21.23
C GLY B 730 6.75 24.45 -20.38
N ASP B 731 5.56 23.84 -20.43
CA ASP B 731 4.33 24.45 -19.98
C ASP B 731 4.03 24.10 -18.52
N PHE B 732 3.36 25.04 -17.84
CA PHE B 732 2.98 24.89 -16.45
C PHE B 732 1.58 25.47 -16.24
N ASP B 733 0.78 24.80 -15.41
CA ASP B 733 -0.49 25.33 -14.94
C ASP B 733 -0.25 25.87 -13.53
N ILE B 734 -0.51 27.16 -13.35
CA ILE B 734 -0.39 27.82 -12.06
C ILE B 734 -1.79 27.96 -11.50
N MSE B 735 -2.00 27.50 -10.28
CA MSE B 735 -3.34 27.51 -9.72
C MSE B 735 -3.32 28.14 -8.32
O MSE B 735 -2.35 27.99 -7.60
CB MSE B 735 -3.89 26.09 -9.68
CG MSE B 735 -4.14 25.48 -11.05
SE MSE B 735 -4.19 23.51 -10.91
CE MSE B 735 -2.29 23.13 -10.80
N ILE B 736 -4.40 28.84 -7.96
CA ILE B 736 -4.56 29.45 -6.64
C ILE B 736 -6.00 29.22 -6.19
N GLY B 737 -6.18 28.83 -4.93
CA GLY B 737 -7.52 28.54 -4.48
C GLY B 737 -7.61 28.25 -3.00
N GLY B 738 -8.84 27.97 -2.55
CA GLY B 738 -9.12 27.68 -1.16
C GLY B 738 -8.93 26.24 -0.73
N ASN B 739 -8.73 25.33 -1.68
CA ASN B 739 -8.29 23.96 -1.41
C ASN B 739 -7.75 23.36 -2.70
N SER B 740 -7.26 22.12 -2.62
CA SER B 740 -6.59 21.57 -3.79
C SER B 740 -7.55 21.14 -4.89
N GLN B 741 -8.85 21.18 -4.66
CA GLN B 741 -9.78 20.77 -5.71
C GLN B 741 -10.56 21.91 -6.35
N SER B 742 -10.55 23.11 -5.79
CA SER B 742 -11.31 24.22 -6.38
C SER B 742 -10.38 25.43 -6.55
N VAL B 743 -9.87 25.64 -7.77
CA VAL B 743 -8.80 26.59 -8.02
C VAL B 743 -9.05 27.40 -9.30
N LYS B 744 -8.58 28.66 -9.27
CA LYS B 744 -8.37 29.44 -10.48
C LYS B 744 -7.10 28.95 -11.18
N THR B 745 -7.13 28.99 -12.52
CA THR B 745 -6.06 28.46 -13.34
C THR B 745 -5.57 29.49 -14.34
N THR B 746 -4.25 29.57 -14.48
CA THR B 746 -3.58 30.36 -15.52
C THR B 746 -2.29 29.63 -15.86
N HIS B 747 -1.57 30.15 -16.85
CA HIS B 747 -0.60 29.34 -17.58
C HIS B 747 0.75 30.04 -17.68
N LEU B 748 1.81 29.32 -17.27
CA LEU B 748 3.17 29.82 -17.25
C LEU B 748 4.09 28.92 -18.07
N SER B 749 4.96 29.52 -18.86
CA SER B 749 5.84 28.78 -19.76
C SER B 749 7.28 29.11 -19.40
N LEU B 750 8.09 28.08 -19.23
CA LEU B 750 9.49 28.24 -18.82
C LEU B 750 10.43 27.93 -19.98
MG MG C . 22.65 -15.29 5.28
C1 EDO D . 3.58 -7.10 6.40
O1 EDO D . 2.51 -6.39 5.71
C2 EDO D . 3.40 -8.60 6.28
O2 EDO D . 2.74 -8.93 5.05
C1 EDO E . -5.20 -7.11 -25.51
O1 EDO E . -6.30 -8.01 -25.32
C2 EDO E . -3.88 -7.83 -25.30
O2 EDO E . -3.77 -8.24 -23.93
C1 EDO F . -14.51 -21.09 -38.65
O1 EDO F . -14.72 -20.04 -39.57
C2 EDO F . -15.53 -20.98 -37.52
O2 EDO F . -14.95 -21.58 -36.37
MG MG G . 7.45 20.11 -18.15
C1 EDO H . 12.52 9.27 21.09
O1 EDO H . 11.95 8.44 20.07
C2 EDO H . 12.55 8.47 22.40
O2 EDO H . 11.36 8.67 23.15
C1 EDO I . 37.52 15.01 38.36
O1 EDO I . 38.63 15.90 38.18
C2 EDO I . 36.90 15.14 39.74
O2 EDO I . 36.31 13.89 40.15
#